data_4JX9
# 
_entry.id   4JX9 
# 
_audit_conform.dict_name       mmcif_pdbx.dic 
_audit_conform.dict_version    5.381 
_audit_conform.dict_location   http://mmcif.pdb.org/dictionaries/ascii/mmcif_pdbx.dic 
# 
loop_
_database_2.database_id 
_database_2.database_code 
_database_2.pdbx_database_accession 
_database_2.pdbx_DOI 
PDB   4JX9         pdb_00004jx9 10.2210/pdb4jx9/pdb 
RCSB  RCSB078619   ?            ?                   
WWPDB D_1000078619 ?            ?                   
# 
loop_
_pdbx_database_related.db_name 
_pdbx_database_related.db_id 
_pdbx_database_related.details 
_pdbx_database_related.content_type 
PDB 4IKO 'Structure of Peptidyl- tRNA Hydrolase from Acinetobacter baumannii at 1.90 A resolution' unspecified 
PDB 4JWK .                                                                                         unspecified 
PDB 4JY7 .                                                                                         unspecified 
PDB 4HOY .                                                                                         unspecified 
PDB 4FOT .                                                                                         unspecified 
PDB 4FOP .                                                                                         unspecified 
# 
_pdbx_database_status.status_code                     REL 
_pdbx_database_status.entry_id                        4JX9 
_pdbx_database_status.recvd_initial_deposition_date   2013-03-28 
_pdbx_database_status.deposit_site                    RCSB 
_pdbx_database_status.process_site                    PDBJ 
_pdbx_database_status.methods_development_category    ? 
_pdbx_database_status.status_code_sf                  REL 
_pdbx_database_status.status_code_mr                  ? 
_pdbx_database_status.SG_entry                        ? 
_pdbx_database_status.status_code_cs                  ? 
_pdbx_database_status.pdb_format_compatible           Y 
_pdbx_database_status.status_code_nmr_data            ? 
# 
loop_
_audit_author.name 
_audit_author.pdbx_ordinal 
'Kaushik, S.' 1 
'Singh, N.'   2 
'Yamini, S.'  3 
'Singh, A.'   4 
'Sinha, M.'   5 
'Kaur, P.'    6 
'Sharma, S.'  7 
'Singh, T.P.' 8 
# 
_citation.id                        primary 
_citation.title                     
;The Mode of Inhibitor Binding to Peptidyl-tRNA Hydrolase: Binding Studies and Structure Determination of Unbound and Bound Peptidyl-tRNA Hydrolase from Acinetobacter baumannii
;
_citation.journal_abbrev            'Plos One' 
_citation.journal_volume            8 
_citation.page_first                e67547 
_citation.page_last                 e67547 
_citation.year                      2013 
_citation.journal_id_ASTM           ? 
_citation.country                   US 
_citation.journal_id_ISSN           1932-6203 
_citation.journal_id_CSD            ? 
_citation.book_publisher            ? 
_citation.pdbx_database_id_PubMed   23844024 
_citation.pdbx_database_id_DOI      10.1371/journal.pone.0067547 
# 
loop_
_citation_author.citation_id 
_citation_author.name 
_citation_author.ordinal 
_citation_author.identifier_ORCID 
primary 'Kaushik, S.' 1 ? 
primary 'Singh, N.'   2 ? 
primary 'Yamini, S.'  3 ? 
primary 'Singh, A.'   4 ? 
primary 'Sinha, M.'   5 ? 
primary 'Arora, A.'   6 ? 
primary 'Kaur, P.'    7 ? 
primary 'Sharma, S.'  8 ? 
primary 'Singh, T.P.' 9 ? 
# 
_cell.entry_id           4JX9 
_cell.length_a           33.945 
_cell.length_b           65.783 
_cell.length_c           75.752 
_cell.angle_alpha        90.00 
_cell.angle_beta         90.00 
_cell.angle_gamma        90.00 
_cell.Z_PDB              4 
_cell.pdbx_unique_axis   ? 
_cell.length_a_esd       ? 
_cell.length_b_esd       ? 
_cell.length_c_esd       ? 
_cell.angle_alpha_esd    ? 
_cell.angle_beta_esd     ? 
_cell.angle_gamma_esd    ? 
# 
_symmetry.entry_id                         4JX9 
_symmetry.space_group_name_H-M             'P 21 21 21' 
_symmetry.pdbx_full_space_group_name_H-M   ? 
_symmetry.cell_setting                     ? 
_symmetry.Int_Tables_number                19 
_symmetry.space_group_name_Hall            ? 
# 
loop_
_entity.id 
_entity.type 
_entity.src_method 
_entity.pdbx_description 
_entity.formula_weight 
_entity.pdbx_number_of_molecules 
_entity.pdbx_ec 
_entity.pdbx_mutation 
_entity.pdbx_fragment 
_entity.details 
1 polymer     man 'Peptidyl-tRNA hydrolase' 20967.957 1   3.1.1.29 ? 'Peptidyl-tRNA hydrolase' ? 
2 non-polymer syn URIDINE                   244.201   1   ?        ? ?                         ? 
3 water       nat water                     18.015    217 ?        ? ?                         ? 
# 
_entity_name_com.entity_id   1 
_entity_name_com.name        PTH 
# 
_entity_poly.entity_id                      1 
_entity_poly.type                           'polypeptide(L)' 
_entity_poly.nstd_linkage                   no 
_entity_poly.nstd_monomer                   no 
_entity_poly.pdbx_seq_one_letter_code       
;MSNISLIVGLGNPGSEYAQTRHNAGFWFVEQLADKYGITLKNDPKFHGISGRGNIEGHDVRLLLPMTYMNRSGQSVVPFS
KFYQIAPEAILIAHDELDMNPGVIRLKTGGGHGGHNGLRDIVPHIGPNFHRLRIGIGHPGSKERVSGHVLGKAPSNEQSL
MDGAIDHALSKVKLLVQGQVPQAMNQINAYKPA
;
_entity_poly.pdbx_seq_one_letter_code_can   
;MSNISLIVGLGNPGSEYAQTRHNAGFWFVEQLADKYGITLKNDPKFHGISGRGNIEGHDVRLLLPMTYMNRSGQSVVPFS
KFYQIAPEAILIAHDELDMNPGVIRLKTGGGHGGHNGLRDIVPHIGPNFHRLRIGIGHPGSKERVSGHVLGKAPSNEQSL
MDGAIDHALSKVKLLVQGQVPQAMNQINAYKPA
;
_entity_poly.pdbx_strand_id                 A 
_entity_poly.pdbx_target_identifier         ? 
# 
loop_
_entity_poly_seq.entity_id 
_entity_poly_seq.num 
_entity_poly_seq.mon_id 
_entity_poly_seq.hetero 
1 1   MET n 
1 2   SER n 
1 3   ASN n 
1 4   ILE n 
1 5   SER n 
1 6   LEU n 
1 7   ILE n 
1 8   VAL n 
1 9   GLY n 
1 10  LEU n 
1 11  GLY n 
1 12  ASN n 
1 13  PRO n 
1 14  GLY n 
1 15  SER n 
1 16  GLU n 
1 17  TYR n 
1 18  ALA n 
1 19  GLN n 
1 20  THR n 
1 21  ARG n 
1 22  HIS n 
1 23  ASN n 
1 24  ALA n 
1 25  GLY n 
1 26  PHE n 
1 27  TRP n 
1 28  PHE n 
1 29  VAL n 
1 30  GLU n 
1 31  GLN n 
1 32  LEU n 
1 33  ALA n 
1 34  ASP n 
1 35  LYS n 
1 36  TYR n 
1 37  GLY n 
1 38  ILE n 
1 39  THR n 
1 40  LEU n 
1 41  LYS n 
1 42  ASN n 
1 43  ASP n 
1 44  PRO n 
1 45  LYS n 
1 46  PHE n 
1 47  HIS n 
1 48  GLY n 
1 49  ILE n 
1 50  SER n 
1 51  GLY n 
1 52  ARG n 
1 53  GLY n 
1 54  ASN n 
1 55  ILE n 
1 56  GLU n 
1 57  GLY n 
1 58  HIS n 
1 59  ASP n 
1 60  VAL n 
1 61  ARG n 
1 62  LEU n 
1 63  LEU n 
1 64  LEU n 
1 65  PRO n 
1 66  MET n 
1 67  THR n 
1 68  TYR n 
1 69  MET n 
1 70  ASN n 
1 71  ARG n 
1 72  SER n 
1 73  GLY n 
1 74  GLN n 
1 75  SER n 
1 76  VAL n 
1 77  VAL n 
1 78  PRO n 
1 79  PHE n 
1 80  SER n 
1 81  LYS n 
1 82  PHE n 
1 83  TYR n 
1 84  GLN n 
1 85  ILE n 
1 86  ALA n 
1 87  PRO n 
1 88  GLU n 
1 89  ALA n 
1 90  ILE n 
1 91  LEU n 
1 92  ILE n 
1 93  ALA n 
1 94  HIS n 
1 95  ASP n 
1 96  GLU n 
1 97  LEU n 
1 98  ASP n 
1 99  MET n 
1 100 ASN n 
1 101 PRO n 
1 102 GLY n 
1 103 VAL n 
1 104 ILE n 
1 105 ARG n 
1 106 LEU n 
1 107 LYS n 
1 108 THR n 
1 109 GLY n 
1 110 GLY n 
1 111 GLY n 
1 112 HIS n 
1 113 GLY n 
1 114 GLY n 
1 115 HIS n 
1 116 ASN n 
1 117 GLY n 
1 118 LEU n 
1 119 ARG n 
1 120 ASP n 
1 121 ILE n 
1 122 VAL n 
1 123 PRO n 
1 124 HIS n 
1 125 ILE n 
1 126 GLY n 
1 127 PRO n 
1 128 ASN n 
1 129 PHE n 
1 130 HIS n 
1 131 ARG n 
1 132 LEU n 
1 133 ARG n 
1 134 ILE n 
1 135 GLY n 
1 136 ILE n 
1 137 GLY n 
1 138 HIS n 
1 139 PRO n 
1 140 GLY n 
1 141 SER n 
1 142 LYS n 
1 143 GLU n 
1 144 ARG n 
1 145 VAL n 
1 146 SER n 
1 147 GLY n 
1 148 HIS n 
1 149 VAL n 
1 150 LEU n 
1 151 GLY n 
1 152 LYS n 
1 153 ALA n 
1 154 PRO n 
1 155 SER n 
1 156 ASN n 
1 157 GLU n 
1 158 GLN n 
1 159 SER n 
1 160 LEU n 
1 161 MET n 
1 162 ASP n 
1 163 GLY n 
1 164 ALA n 
1 165 ILE n 
1 166 ASP n 
1 167 HIS n 
1 168 ALA n 
1 169 LEU n 
1 170 SER n 
1 171 LYS n 
1 172 VAL n 
1 173 LYS n 
1 174 LEU n 
1 175 LEU n 
1 176 VAL n 
1 177 GLN n 
1 178 GLY n 
1 179 GLN n 
1 180 VAL n 
1 181 PRO n 
1 182 GLN n 
1 183 ALA n 
1 184 MET n 
1 185 ASN n 
1 186 GLN n 
1 187 ILE n 
1 188 ASN n 
1 189 ALA n 
1 190 TYR n 
1 191 LYS n 
1 192 PRO n 
1 193 ALA n 
# 
_entity_src_gen.entity_id                          1 
_entity_src_gen.pdbx_src_id                        1 
_entity_src_gen.pdbx_alt_source_flag               sample 
_entity_src_gen.pdbx_seq_type                      ? 
_entity_src_gen.pdbx_beg_seq_num                   ? 
_entity_src_gen.pdbx_end_seq_num                   ? 
_entity_src_gen.gene_src_common_name               ? 
_entity_src_gen.gene_src_genus                     ? 
_entity_src_gen.pdbx_gene_src_gene                 'pth, HMPREF0010_01329' 
_entity_src_gen.gene_src_species                   ? 
_entity_src_gen.gene_src_strain                    ? 
_entity_src_gen.gene_src_tissue                    ? 
_entity_src_gen.gene_src_tissue_fraction           ? 
_entity_src_gen.gene_src_details                   ? 
_entity_src_gen.pdbx_gene_src_fragment             ? 
_entity_src_gen.pdbx_gene_src_scientific_name      'Acinetobacter baumannii ATCC 19606 = CIP 70.34' 
_entity_src_gen.pdbx_gene_src_ncbi_taxonomy_id     575584 
_entity_src_gen.pdbx_gene_src_variant              ? 
_entity_src_gen.pdbx_gene_src_cell_line            ? 
_entity_src_gen.pdbx_gene_src_atcc                 ? 
_entity_src_gen.pdbx_gene_src_organ                ? 
_entity_src_gen.pdbx_gene_src_organelle            ? 
_entity_src_gen.pdbx_gene_src_cell                 ? 
_entity_src_gen.pdbx_gene_src_cellular_location    ? 
_entity_src_gen.host_org_common_name               ? 
_entity_src_gen.pdbx_host_org_scientific_name      'Escherichia coli' 
_entity_src_gen.pdbx_host_org_ncbi_taxonomy_id     562 
_entity_src_gen.host_org_genus                     ? 
_entity_src_gen.pdbx_host_org_gene                 ? 
_entity_src_gen.pdbx_host_org_organ                ? 
_entity_src_gen.host_org_species                   ? 
_entity_src_gen.pdbx_host_org_tissue               ? 
_entity_src_gen.pdbx_host_org_tissue_fraction      ? 
_entity_src_gen.pdbx_host_org_strain               ? 
_entity_src_gen.pdbx_host_org_variant              ? 
_entity_src_gen.pdbx_host_org_cell_line            ? 
_entity_src_gen.pdbx_host_org_atcc                 ? 
_entity_src_gen.pdbx_host_org_culture_collection   ? 
_entity_src_gen.pdbx_host_org_cell                 ? 
_entity_src_gen.pdbx_host_org_organelle            ? 
_entity_src_gen.pdbx_host_org_cellular_location    ? 
_entity_src_gen.pdbx_host_org_vector_type          ? 
_entity_src_gen.pdbx_host_org_vector               ? 
_entity_src_gen.host_org_details                   ? 
_entity_src_gen.expression_system_id               ? 
_entity_src_gen.plasmid_name                       ? 
_entity_src_gen.plasmid_details                    ? 
_entity_src_gen.pdbx_description                   ? 
# 
_struct_ref.id                         1 
_struct_ref.db_name                    UNP 
_struct_ref.db_code                    D0C9L6_ACIBA 
_struct_ref.pdbx_db_accession          D0C9L6 
_struct_ref.entity_id                  1 
_struct_ref.pdbx_seq_one_letter_code   
;MSNISLIVGLGNPGSEYAQTRHNAGFWFVEQLADKYGITLKNDPKFHGISGRGNIEGHDVRLLLPMTYMNRSGQSVVPFS
KFYQIAPEAILIAHDELDMNPGVIRLKTGGGHGGHNGLRDIVPHIGPNFHRLRIGIGHPGSKERVSGHVLGKAPSNEQSL
MDGAIDHALSKVKLLVQGQVPQAMNQINAYKPA
;
_struct_ref.pdbx_align_begin           1 
_struct_ref.pdbx_db_isoform            ? 
# 
_struct_ref_seq.align_id                      1 
_struct_ref_seq.ref_id                        1 
_struct_ref_seq.pdbx_PDB_id_code              4JX9 
_struct_ref_seq.pdbx_strand_id                A 
_struct_ref_seq.seq_align_beg                 1 
_struct_ref_seq.pdbx_seq_align_beg_ins_code   ? 
_struct_ref_seq.seq_align_end                 193 
_struct_ref_seq.pdbx_seq_align_end_ins_code   ? 
_struct_ref_seq.pdbx_db_accession             D0C9L6 
_struct_ref_seq.db_align_beg                  1 
_struct_ref_seq.pdbx_db_align_beg_ins_code    ? 
_struct_ref_seq.db_align_end                  193 
_struct_ref_seq.pdbx_db_align_end_ins_code    ? 
_struct_ref_seq.pdbx_auth_seq_align_beg       1 
_struct_ref_seq.pdbx_auth_seq_align_end       193 
# 
loop_
_chem_comp.id 
_chem_comp.type 
_chem_comp.mon_nstd_flag 
_chem_comp.name 
_chem_comp.pdbx_synonyms 
_chem_comp.formula 
_chem_comp.formula_weight 
ALA 'L-peptide linking' y ALANINE         ? 'C3 H7 N O2'     89.093  
ARG 'L-peptide linking' y ARGININE        ? 'C6 H15 N4 O2 1' 175.209 
ASN 'L-peptide linking' y ASPARAGINE      ? 'C4 H8 N2 O3'    132.118 
ASP 'L-peptide linking' y 'ASPARTIC ACID' ? 'C4 H7 N O4'     133.103 
GLN 'L-peptide linking' y GLUTAMINE       ? 'C5 H10 N2 O3'   146.144 
GLU 'L-peptide linking' y 'GLUTAMIC ACID' ? 'C5 H9 N O4'     147.129 
GLY 'peptide linking'   y GLYCINE         ? 'C2 H5 N O2'     75.067  
HIS 'L-peptide linking' y HISTIDINE       ? 'C6 H10 N3 O2 1' 156.162 
HOH non-polymer         . WATER           ? 'H2 O'           18.015  
ILE 'L-peptide linking' y ISOLEUCINE      ? 'C6 H13 N O2'    131.173 
LEU 'L-peptide linking' y LEUCINE         ? 'C6 H13 N O2'    131.173 
LYS 'L-peptide linking' y LYSINE          ? 'C6 H15 N2 O2 1' 147.195 
MET 'L-peptide linking' y METHIONINE      ? 'C5 H11 N O2 S'  149.211 
PHE 'L-peptide linking' y PHENYLALANINE   ? 'C9 H11 N O2'    165.189 
PRO 'L-peptide linking' y PROLINE         ? 'C5 H9 N O2'     115.130 
SER 'L-peptide linking' y SERINE          ? 'C3 H7 N O3'     105.093 
THR 'L-peptide linking' y THREONINE       ? 'C4 H9 N O3'     119.119 
TRP 'L-peptide linking' y TRYPTOPHAN      ? 'C11 H12 N2 O2'  204.225 
TYR 'L-peptide linking' y TYROSINE        ? 'C9 H11 N O3'    181.189 
URI non-polymer         . URIDINE         ? 'C9 H12 N2 O6'   244.201 
VAL 'L-peptide linking' y VALINE          ? 'C5 H11 N O2'    117.146 
# 
_exptl.entry_id          4JX9 
_exptl.method            'X-RAY DIFFRACTION' 
_exptl.crystals_number   1 
# 
_exptl_crystal.id                    1 
_exptl_crystal.density_meas          ? 
_exptl_crystal.density_Matthews      2.02 
_exptl_crystal.density_percent_sol   39.01 
_exptl_crystal.description           ? 
_exptl_crystal.F_000                 ? 
_exptl_crystal.preparation           ? 
# 
_exptl_crystal_grow.crystal_id      1 
_exptl_crystal_grow.method          'VAPOR DIFFUSION, HANGING DROP' 
_exptl_crystal_grow.temp            298 
_exptl_crystal_grow.temp_details    ? 
_exptl_crystal_grow.pH              6.5 
_exptl_crystal_grow.pdbx_details    '0.2M HEPES, 25% PEG400, 30% PEG1500, pH 6.5, VAPOR DIFFUSION, HANGING DROP, temperature 298K' 
_exptl_crystal_grow.pdbx_pH_range   . 
# 
_diffrn.id                     1 
_diffrn.ambient_temp           77 
_diffrn.ambient_temp_details   ? 
_diffrn.crystal_id             1 
# 
_diffrn_detector.diffrn_id              1 
_diffrn_detector.detector               CCD 
_diffrn_detector.type                   MARRESEARCH 
_diffrn_detector.pdbx_collection_date   2012-11-20 
_diffrn_detector.details                ? 
# 
_diffrn_radiation.diffrn_id                        1 
_diffrn_radiation.wavelength_id                    1 
_diffrn_radiation.pdbx_monochromatic_or_laue_m_l   M 
_diffrn_radiation.monochromator                    Graphite 
_diffrn_radiation.pdbx_diffrn_protocol             'SINGLE WAVELENGTH' 
_diffrn_radiation.pdbx_scattering_type             x-ray 
# 
_diffrn_radiation_wavelength.id           1 
_diffrn_radiation_wavelength.wavelength   0.97 
_diffrn_radiation_wavelength.wt           1.0 
# 
_diffrn_source.diffrn_id                   1 
_diffrn_source.source                      SYNCHROTRON 
_diffrn_source.type                        'ESRF BEAMLINE BM14' 
_diffrn_source.pdbx_synchrotron_site       ESRF 
_diffrn_source.pdbx_synchrotron_beamline   BM14 
_diffrn_source.pdbx_wavelength             ? 
_diffrn_source.pdbx_wavelength_list        0.97 
# 
_reflns.entry_id                     4JX9 
_reflns.observed_criterion_sigma_I   0 
_reflns.observed_criterion_sigma_F   0 
_reflns.d_resolution_low             28.04 
_reflns.d_resolution_high            1.4 
_reflns.number_obs                   32452 
_reflns.number_all                   32452 
_reflns.percent_possible_obs         100 
_reflns.pdbx_Rmerge_I_obs            ? 
_reflns.pdbx_Rsym_value              ? 
_reflns.pdbx_netI_over_sigmaI        ? 
_reflns.B_iso_Wilson_estimate        ? 
_reflns.pdbx_redundancy              ? 
_reflns.R_free_details               ? 
_reflns.limit_h_max                  ? 
_reflns.limit_h_min                  ? 
_reflns.limit_k_max                  ? 
_reflns.limit_k_min                  ? 
_reflns.limit_l_max                  ? 
_reflns.limit_l_min                  ? 
_reflns.observed_criterion_F_max     ? 
_reflns.observed_criterion_F_min     ? 
_reflns.pdbx_chi_squared             ? 
_reflns.pdbx_scaling_rejects         ? 
_reflns.pdbx_ordinal                 1 
_reflns.pdbx_diffrn_id               1 
# 
_reflns_shell.d_res_high                  1.4 
_reflns_shell.d_res_low                   1.43 
_reflns_shell.percent_possible_all        100 
_reflns_shell.Rmerge_I_obs                ? 
_reflns_shell.pdbx_Rsym_value             ? 
_reflns_shell.meanI_over_sigI_obs         ? 
_reflns_shell.pdbx_redundancy             ? 
_reflns_shell.percent_possible_obs        ? 
_reflns_shell.number_unique_all           ? 
_reflns_shell.number_measured_all         ? 
_reflns_shell.number_measured_obs         ? 
_reflns_shell.number_unique_obs           ? 
_reflns_shell.pdbx_chi_squared            ? 
_reflns_shell.pdbx_rejects                ? 
_reflns_shell.pdbx_netI_over_sigmaI_obs   ? 
_reflns_shell.number_possible             ? 
_reflns_shell.Rmerge_F_all                ? 
_reflns_shell.Rmerge_F_obs                ? 
_reflns_shell.Rmerge_I_all                ? 
_reflns_shell.meanI_over_sigI_all         ? 
_reflns_shell.pdbx_Rrim_I_all             ? 
_reflns_shell.pdbx_Rpim_I_all             ? 
_reflns_shell.pdbx_ordinal                1 
_reflns_shell.pdbx_diffrn_id              1 
# 
_refine.entry_id                                 4JX9 
_refine.ls_number_reflns_obs                     32452 
_refine.ls_number_reflns_all                     32452 
_refine.pdbx_ls_sigma_I                          0 
_refine.pdbx_ls_sigma_F                          0 
_refine.pdbx_data_cutoff_high_absF               ? 
_refine.pdbx_data_cutoff_low_absF                ? 
_refine.pdbx_data_cutoff_high_rms_absF           ? 
_refine.ls_d_res_low                             28.04 
_refine.ls_d_res_high                            1.40 
_refine.ls_percent_reflns_obs                    99.85 
_refine.ls_R_factor_obs                          0.19340 
_refine.ls_R_factor_all                          ? 
_refine.ls_R_factor_R_work                       0.19257 
_refine.ls_R_factor_R_free                       0.20908 
_refine.ls_R_factor_R_free_error                 ? 
_refine.ls_R_factor_R_free_error_details         ? 
_refine.ls_percent_reflns_R_free                 5.1 
_refine.ls_number_reflns_R_free                  1731 
_refine.ls_number_parameters                     ? 
_refine.ls_number_restraints                     ? 
_refine.occupancy_min                            ? 
_refine.occupancy_max                            ? 
_refine.correlation_coeff_Fo_to_Fc               0.954 
_refine.correlation_coeff_Fo_to_Fc_free          0.945 
_refine.B_iso_mean                               12.554 
_refine.aniso_B[1][1]                            -0.29 
_refine.aniso_B[2][2]                            0.23 
_refine.aniso_B[3][3]                            0.06 
_refine.aniso_B[1][2]                            -0.00 
_refine.aniso_B[1][3]                            0.00 
_refine.aniso_B[2][3]                            0.00 
_refine.solvent_model_details                    MASK 
_refine.solvent_model_param_ksol                 ? 
_refine.solvent_model_param_bsol                 ? 
_refine.pdbx_solvent_vdw_probe_radii             1.20 
_refine.pdbx_solvent_ion_probe_radii             0.80 
_refine.pdbx_solvent_shrinkage_radii             0.80 
_refine.pdbx_ls_cross_valid_method               THROUGHOUT 
_refine.details                                  'HYDROGENS HAVE BEEN ADDED IN THE RIDING POSITIONS' 
_refine.pdbx_starting_model                      4IKO 
_refine.pdbx_method_to_determine_struct          'MOLECULAR REPLACEMENT' 
_refine.pdbx_isotropic_thermal_model             ? 
_refine.pdbx_stereochemistry_target_values       'MAXIMUM LIKELIHOOD' 
_refine.pdbx_stereochem_target_val_spec_case     ? 
_refine.pdbx_R_Free_selection_details            RANDOM 
_refine.pdbx_overall_ESU_R                       0.071 
_refine.pdbx_overall_ESU_R_Free                  0.068 
_refine.overall_SU_ML                            0.039 
_refine.pdbx_overall_phase_error                 ? 
_refine.overall_SU_B                             0.944 
_refine.overall_SU_R_Cruickshank_DPI             ? 
_refine.ls_redundancy_reflns_obs                 ? 
_refine.B_iso_min                                ? 
_refine.B_iso_max                                ? 
_refine.overall_SU_R_free                        ? 
_refine.ls_wR_factor_R_free                      ? 
_refine.ls_wR_factor_R_work                      ? 
_refine.overall_FOM_free_R_set                   ? 
_refine.overall_FOM_work_R_set                   ? 
_refine.pdbx_diffrn_id                           1 
_refine.pdbx_refine_id                           'X-RAY DIFFRACTION' 
_refine.pdbx_TLS_residual_ADP_flag               ? 
_refine.pdbx_overall_SU_R_free_Cruickshank_DPI   ? 
_refine.pdbx_overall_SU_R_Blow_DPI               ? 
_refine.pdbx_overall_SU_R_free_Blow_DPI          ? 
# 
_refine_hist.pdbx_refine_id                   'X-RAY DIFFRACTION' 
_refine_hist.cycle_id                         LAST 
_refine_hist.pdbx_number_atoms_protein        1476 
_refine_hist.pdbx_number_atoms_nucleic_acid   0 
_refine_hist.pdbx_number_atoms_ligand         17 
_refine_hist.number_atoms_solvent             217 
_refine_hist.number_atoms_total               1710 
_refine_hist.d_res_high                       1.40 
_refine_hist.d_res_low                        28.04 
# 
loop_
_refine_ls_restr.type 
_refine_ls_restr.dev_ideal 
_refine_ls_restr.dev_ideal_target 
_refine_ls_restr.weight 
_refine_ls_restr.number 
_refine_ls_restr.pdbx_restraint_function 
_refine_ls_restr.pdbx_refine_id 
r_bond_refined_d             0.004  0.019  ? 1529 ? 'X-RAY DIFFRACTION' 
r_bond_other_d               0.001  0.020  ? 1473 ? 'X-RAY DIFFRACTION' 
r_angle_refined_deg          1.118  1.966  ? 2068 ? 'X-RAY DIFFRACTION' 
r_angle_other_deg            0.711  3.000  ? 3387 ? 'X-RAY DIFFRACTION' 
r_dihedral_angle_1_deg       5.227  5.000  ? 192  ? 'X-RAY DIFFRACTION' 
r_dihedral_angle_2_deg       34.874 23.971 ? 68   ? 'X-RAY DIFFRACTION' 
r_dihedral_angle_3_deg       12.078 15.000 ? 252  ? 'X-RAY DIFFRACTION' 
r_dihedral_angle_4_deg       13.975 15.000 ? 9    ? 'X-RAY DIFFRACTION' 
r_chiral_restr               0.058  0.200  ? 220  ? 'X-RAY DIFFRACTION' 
r_gen_planes_refined         0.004  0.021  ? 1758 ? 'X-RAY DIFFRACTION' 
r_gen_planes_other           0.001  0.020  ? 361  ? 'X-RAY DIFFRACTION' 
r_nbd_refined                ?      ?      ? ?    ? 'X-RAY DIFFRACTION' 
r_nbd_other                  ?      ?      ? ?    ? 'X-RAY DIFFRACTION' 
r_nbtor_refined              ?      ?      ? ?    ? 'X-RAY DIFFRACTION' 
r_nbtor_other                ?      ?      ? ?    ? 'X-RAY DIFFRACTION' 
r_xyhbond_nbd_refined        ?      ?      ? ?    ? 'X-RAY DIFFRACTION' 
r_xyhbond_nbd_other          ?      ?      ? ?    ? 'X-RAY DIFFRACTION' 
r_metal_ion_refined          ?      ?      ? ?    ? 'X-RAY DIFFRACTION' 
r_metal_ion_other            ?      ?      ? ?    ? 'X-RAY DIFFRACTION' 
r_symmetry_vdw_refined       ?      ?      ? ?    ? 'X-RAY DIFFRACTION' 
r_symmetry_vdw_other         ?      ?      ? ?    ? 'X-RAY DIFFRACTION' 
r_symmetry_hbond_refined     ?      ?      ? ?    ? 'X-RAY DIFFRACTION' 
r_symmetry_hbond_other       ?      ?      ? ?    ? 'X-RAY DIFFRACTION' 
r_symmetry_metal_ion_refined ?      ?      ? ?    ? 'X-RAY DIFFRACTION' 
r_symmetry_metal_ion_other   ?      ?      ? ?    ? 'X-RAY DIFFRACTION' 
r_mcbond_it                  ?      ?      ? ?    ? 'X-RAY DIFFRACTION' 
r_mcbond_other               ?      ?      ? ?    ? 'X-RAY DIFFRACTION' 
r_mcangle_it                 ?      ?      ? ?    ? 'X-RAY DIFFRACTION' 
r_scbond_it                  ?      ?      ? ?    ? 'X-RAY DIFFRACTION' 
r_scangle_it                 ?      ?      ? ?    ? 'X-RAY DIFFRACTION' 
r_rigid_bond_restr           ?      ?      ? ?    ? 'X-RAY DIFFRACTION' 
r_sphericity_free            ?      ?      ? ?    ? 'X-RAY DIFFRACTION' 
r_sphericity_bonded          ?      ?      ? ?    ? 'X-RAY DIFFRACTION' 
# 
_refine_ls_shell.pdbx_refine_id                   'X-RAY DIFFRACTION' 
_refine_ls_shell.pdbx_total_number_of_bins_used   20 
_refine_ls_shell.d_res_high                       1.400 
_refine_ls_shell.d_res_low                        1.436 
_refine_ls_shell.number_reflns_R_work             2332 
_refine_ls_shell.R_factor_R_work                  0.214 
_refine_ls_shell.percent_reflns_obs               98.70 
_refine_ls_shell.R_factor_R_free                  0.246 
_refine_ls_shell.R_factor_R_free_error            ? 
_refine_ls_shell.percent_reflns_R_free            ? 
_refine_ls_shell.number_reflns_R_free             105 
_refine_ls_shell.number_reflns_all                ? 
_refine_ls_shell.R_factor_all                     ? 
_refine_ls_shell.number_reflns_obs                ? 
_refine_ls_shell.redundancy_reflns_obs            ? 
# 
_struct.entry_id                  4JX9 
_struct.title                     
'Crystal structure of the complex of peptidyl t-RNA hydrolase from Acinetobacter baumannii with uridine at 1.4A resolution' 
_struct.pdbx_model_details        ? 
_struct.pdbx_CASP_flag            ? 
_struct.pdbx_model_type_details   ? 
# 
_struct_keywords.entry_id        4JX9 
_struct_keywords.pdbx_keywords   HYDROLASE 
_struct_keywords.text            'Protein synthesis, complex, HYDROLASE' 
# 
loop_
_struct_asym.id 
_struct_asym.pdbx_blank_PDB_chainid_flag 
_struct_asym.pdbx_modified 
_struct_asym.entity_id 
_struct_asym.details 
A N N 1 ? 
B N N 2 ? 
C N N 3 ? 
# 
_struct_biol.id        1 
_struct_biol.details   ? 
# 
loop_
_struct_conf.conf_type_id 
_struct_conf.id 
_struct_conf.pdbx_PDB_helix_id 
_struct_conf.beg_label_comp_id 
_struct_conf.beg_label_asym_id 
_struct_conf.beg_label_seq_id 
_struct_conf.pdbx_beg_PDB_ins_code 
_struct_conf.end_label_comp_id 
_struct_conf.end_label_asym_id 
_struct_conf.end_label_seq_id 
_struct_conf.pdbx_end_PDB_ins_code 
_struct_conf.beg_auth_comp_id 
_struct_conf.beg_auth_asym_id 
_struct_conf.beg_auth_seq_id 
_struct_conf.end_auth_comp_id 
_struct_conf.end_auth_asym_id 
_struct_conf.end_auth_seq_id 
_struct_conf.pdbx_PDB_helix_class 
_struct_conf.details 
_struct_conf.pdbx_PDB_helix_length 
HELX_P HELX_P1  1  THR A 20  ? HIS A 22  ? THR A 20  HIS A 22  5 ? 3  
HELX_P HELX_P2  2  ASN A 23  ? GLY A 37  ? ASN A 23  GLY A 37  1 ? 15 
HELX_P HELX_P3  3  PRO A 44  ? PHE A 46  ? PRO A 44  PHE A 46  5 ? 3  
HELX_P HELX_P4  4  TYR A 68  ? ARG A 71  ? TYR A 68  ARG A 71  5 ? 4  
HELX_P HELX_P5  5  SER A 72  ? TYR A 83  ? SER A 72  TYR A 83  1 ? 12 
HELX_P HELX_P6  6  ALA A 86  ? GLU A 88  ? ALA A 86  GLU A 88  5 ? 3  
HELX_P HELX_P7  7  HIS A 115 ? ASP A 120 ? HIS A 115 ASP A 120 1 ? 6  
HELX_P HELX_P8  8  ILE A 121 ? GLY A 126 ? ILE A 121 GLY A 126 1 ? 6  
HELX_P HELX_P9  9  SER A 141 ? GLU A 143 ? SER A 141 GLU A 143 5 ? 3  
HELX_P HELX_P10 10 ARG A 144 ? LEU A 150 ? ARG A 144 LEU A 150 1 ? 7  
HELX_P HELX_P11 11 PRO A 154 ? SER A 170 ? PRO A 154 SER A 170 1 ? 17 
HELX_P HELX_P12 12 LYS A 171 ? GLN A 177 ? LYS A 171 GLN A 177 1 ? 7  
HELX_P HELX_P13 13 GLN A 179 ? ALA A 189 ? GLN A 179 ALA A 189 1 ? 11 
# 
_struct_conf_type.id          HELX_P 
_struct_conf_type.criteria    ? 
_struct_conf_type.reference   ? 
# 
_struct_sheet.id               A 
_struct_sheet.type             ? 
_struct_sheet.number_strands   7 
_struct_sheet.details          ? 
# 
loop_
_struct_sheet_order.sheet_id 
_struct_sheet_order.range_id_1 
_struct_sheet_order.range_id_2 
_struct_sheet_order.offset 
_struct_sheet_order.sense 
A 1 2 ? anti-parallel 
A 2 3 ? anti-parallel 
A 3 4 ? parallel      
A 4 5 ? parallel      
A 5 6 ? parallel      
A 6 7 ? anti-parallel 
# 
loop_
_struct_sheet_range.sheet_id 
_struct_sheet_range.id 
_struct_sheet_range.beg_label_comp_id 
_struct_sheet_range.beg_label_asym_id 
_struct_sheet_range.beg_label_seq_id 
_struct_sheet_range.pdbx_beg_PDB_ins_code 
_struct_sheet_range.end_label_comp_id 
_struct_sheet_range.end_label_asym_id 
_struct_sheet_range.end_label_seq_id 
_struct_sheet_range.pdbx_end_PDB_ins_code 
_struct_sheet_range.beg_auth_comp_id 
_struct_sheet_range.beg_auth_asym_id 
_struct_sheet_range.beg_auth_seq_id 
_struct_sheet_range.end_auth_comp_id 
_struct_sheet_range.end_auth_asym_id 
_struct_sheet_range.end_auth_seq_id 
A 1 LYS A 41  ? ASP A 43  ? LYS A 41  ASP A 43  
A 2 GLY A 48  ? ILE A 55  ? GLY A 48  ILE A 55  
A 3 HIS A 58  ? PRO A 65  ? HIS A 58  PRO A 65  
A 4 LEU A 6   ? GLY A 9   ? LEU A 6   GLY A 9   
A 5 ILE A 90  ? GLU A 96  ? ILE A 90  GLU A 96  
A 6 HIS A 130 ? GLY A 135 ? HIS A 130 GLY A 135 
A 7 ILE A 104 ? THR A 108 ? ILE A 104 THR A 108 
# 
loop_
_pdbx_struct_sheet_hbond.sheet_id 
_pdbx_struct_sheet_hbond.range_id_1 
_pdbx_struct_sheet_hbond.range_id_2 
_pdbx_struct_sheet_hbond.range_1_label_atom_id 
_pdbx_struct_sheet_hbond.range_1_label_comp_id 
_pdbx_struct_sheet_hbond.range_1_label_asym_id 
_pdbx_struct_sheet_hbond.range_1_label_seq_id 
_pdbx_struct_sheet_hbond.range_1_PDB_ins_code 
_pdbx_struct_sheet_hbond.range_1_auth_atom_id 
_pdbx_struct_sheet_hbond.range_1_auth_comp_id 
_pdbx_struct_sheet_hbond.range_1_auth_asym_id 
_pdbx_struct_sheet_hbond.range_1_auth_seq_id 
_pdbx_struct_sheet_hbond.range_2_label_atom_id 
_pdbx_struct_sheet_hbond.range_2_label_comp_id 
_pdbx_struct_sheet_hbond.range_2_label_asym_id 
_pdbx_struct_sheet_hbond.range_2_label_seq_id 
_pdbx_struct_sheet_hbond.range_2_PDB_ins_code 
_pdbx_struct_sheet_hbond.range_2_auth_atom_id 
_pdbx_struct_sheet_hbond.range_2_auth_comp_id 
_pdbx_struct_sheet_hbond.range_2_auth_asym_id 
_pdbx_struct_sheet_hbond.range_2_auth_seq_id 
A 1 2 N LYS A 41  ? N LYS A 41  O SER A 50  ? O SER A 50  
A 2 3 N ILE A 49  ? N ILE A 49  O LEU A 64  ? O LEU A 64  
A 3 4 O ARG A 61  ? O ARG A 61  N ILE A 7   ? N ILE A 7   
A 4 5 N VAL A 8   ? N VAL A 8   O ALA A 93  ? O ALA A 93  
A 5 6 N HIS A 94  ? N HIS A 94  O ILE A 134 ? O ILE A 134 
A 6 7 O ARG A 133 ? O ARG A 133 N ARG A 105 ? N ARG A 105 
# 
_struct_site.id                   AC1 
_struct_site.pdbx_evidence_code   Software 
_struct_site.pdbx_auth_asym_id    A 
_struct_site.pdbx_auth_comp_id    URI 
_struct_site.pdbx_auth_seq_id     201 
_struct_site.pdbx_auth_ins_code   ? 
_struct_site.pdbx_num_residues    6 
_struct_site.details              'BINDING SITE FOR RESIDUE URI A 201' 
# 
loop_
_struct_site_gen.id 
_struct_site_gen.site_id 
_struct_site_gen.pdbx_num_res 
_struct_site_gen.label_comp_id 
_struct_site_gen.label_asym_id 
_struct_site_gen.label_seq_id 
_struct_site_gen.pdbx_auth_ins_code 
_struct_site_gen.auth_comp_id 
_struct_site_gen.auth_asym_id 
_struct_site_gen.auth_seq_id 
_struct_site_gen.label_atom_id 
_struct_site_gen.label_alt_id 
_struct_site_gen.symmetry 
_struct_site_gen.details 
1 AC1 6 ASN A 12  ? ASN A 12  . ? 1_555 ? 
2 AC1 6 TYR A 17  ? TYR A 17  . ? 1_555 ? 
3 AC1 6 HIS A 22  ? HIS A 22  . ? 1_555 ? 
4 AC1 6 MET A 69  ? MET A 69  . ? 1_555 ? 
5 AC1 6 ASN A 70  ? ASN A 70  . ? 1_555 ? 
6 AC1 6 ASN A 116 ? ASN A 116 . ? 1_555 ? 
# 
_atom_sites.entry_id                    4JX9 
_atom_sites.fract_transf_matrix[1][1]   0.01504261 
_atom_sites.fract_transf_matrix[1][2]   0.00161253 
_atom_sites.fract_transf_matrix[1][3]   -0.02527751 
_atom_sites.fract_transf_matrix[2][1]   -0.00824947 
_atom_sites.fract_transf_matrix[2][2]   -0.01145458 
_atom_sites.fract_transf_matrix[2][3]   -0.00563997 
_atom_sites.fract_transf_matrix[3][1]   -0.00880362 
_atom_sites.fract_transf_matrix[3][2]   0.00864821 
_atom_sites.fract_transf_matrix[3][3]   -0.00468733 
_atom_sites.fract_transf_vector[1]      0.213709 
_atom_sites.fract_transf_vector[2]      0.129441 
_atom_sites.fract_transf_vector[3]      0.208819 
# 
loop_
_atom_type.symbol 
C 
N 
O 
S 
# 
loop_
_atom_site.group_PDB 
_atom_site.id 
_atom_site.type_symbol 
_atom_site.label_atom_id 
_atom_site.label_alt_id 
_atom_site.label_comp_id 
_atom_site.label_asym_id 
_atom_site.label_entity_id 
_atom_site.label_seq_id 
_atom_site.pdbx_PDB_ins_code 
_atom_site.Cartn_x 
_atom_site.Cartn_y 
_atom_site.Cartn_z 
_atom_site.occupancy 
_atom_site.B_iso_or_equiv 
_atom_site.pdbx_formal_charge 
_atom_site.auth_seq_id 
_atom_site.auth_comp_id 
_atom_site.auth_asym_id 
_atom_site.auth_atom_id 
_atom_site.pdbx_PDB_model_num 
ATOM   1    N N     . MET A 1 1   ? 8.543   -17.060 5.721   1.00 15.31 ? 1   MET A N     1 
ATOM   2    C CA    . MET A 1 1   ? 8.774   -16.284 6.976   1.00 15.39 ? 1   MET A CA    1 
ATOM   3    C C     . MET A 1 1   ? 8.309   -14.836 6.776   1.00 14.99 ? 1   MET A C     1 
ATOM   4    O O     . MET A 1 1   ? 7.241   -14.622 6.201   1.00 15.10 ? 1   MET A O     1 
ATOM   5    C CB    . MET A 1 1   ? 10.246  -16.373 7.384   1.00 15.78 ? 1   MET A CB    1 
ATOM   6    C CG    . MET A 1 1   ? 10.752  -17.800 7.514   1.00 15.98 ? 1   MET A CG    1 
ATOM   7    S SD    . MET A 1 1   ? 12.416  -17.838 8.185   1.00 16.57 ? 1   MET A SD    1 
ATOM   8    C CE    . MET A 1 1   ? 12.848  -19.565 8.003   1.00 16.22 ? 1   MET A CE    1 
ATOM   9    N N     . SER A 1 2   ? 9.083   -13.854 7.244   1.00 14.66 ? 2   SER A N     1 
ATOM   10   C CA    . SER A 1 2   ? 8.721   -12.441 7.091   1.00 14.37 ? 2   SER A CA    1 
ATOM   11   C C     . SER A 1 2   ? 9.487   -11.760 5.954   1.00 13.74 ? 2   SER A C     1 
ATOM   12   O O     . SER A 1 2   ? 9.597   -10.536 5.920   1.00 13.57 ? 2   SER A O     1 
ATOM   13   C CB    . SER A 1 2   ? 8.931   -11.687 8.409   1.00 14.61 ? 2   SER A CB    1 
ATOM   14   O OG    . SER A 1 2   ? 8.029   -12.147 9.401   1.00 15.28 ? 2   SER A OG    1 
ATOM   15   N N     . ASN A 1 3   ? 10.021  -12.554 5.026   1.00 13.10 ? 3   ASN A N     1 
ATOM   16   C CA    . ASN A 1 3   ? 10.473  -12.022 3.747   1.00 12.59 ? 3   ASN A CA    1 
ATOM   17   C C     . ASN A 1 3   ? 9.251   -11.576 2.961   1.00 11.80 ? 3   ASN A C     1 
ATOM   18   O O     . ASN A 1 3   ? 8.452   -12.408 2.537   1.00 12.11 ? 3   ASN A O     1 
ATOM   19   C CB    . ASN A 1 3   ? 11.222  -13.083 2.938   1.00 13.05 ? 3   ASN A CB    1 
ATOM   20   C CG    . ASN A 1 3   ? 12.586  -13.407 3.513   1.00 13.54 ? 3   ASN A CG    1 
ATOM   21   O OD1   . ASN A 1 3   ? 12.941  -12.956 4.602   1.00 14.01 ? 3   ASN A OD1   1 
ATOM   22   N ND2   . ASN A 1 3   ? 13.362  -14.198 2.778   1.00 14.22 ? 3   ASN A ND2   1 
ATOM   23   N N     . ILE A 1 4   ? 9.094   -10.270 2.773   1.00 10.65 ? 4   ILE A N     1 
ATOM   24   C CA    . ILE A 1 4   ? 7.923   -9.754  2.068   1.00 9.92  ? 4   ILE A CA    1 
ATOM   25   C C     . ILE A 1 4   ? 7.941   -10.262 0.636   1.00 9.30  ? 4   ILE A C     1 
ATOM   26   O O     . ILE A 1 4   ? 8.886   -9.994  -0.101  1.00 9.15  ? 4   ILE A O     1 
ATOM   27   C CB    . ILE A 1 4   ? 7.895   -8.212  2.053   1.00 9.95  ? 4   ILE A CB    1 
ATOM   28   C CG1   . ILE A 1 4   ? 7.763   -7.656  3.470   1.00 10.14 ? 4   ILE A CG1   1 
ATOM   29   C CG2   . ILE A 1 4   ? 6.764   -7.696  1.166   1.00 9.88  ? 4   ILE A CG2   1 
ATOM   30   C CD1   . ILE A 1 4   ? 6.587   -8.191  4.240   1.00 10.21 ? 4   ILE A CD1   1 
ATOM   31   N N     . SER A 1 5   ? 6.905   -11.001 0.250   1.00 8.65  ? 5   SER A N     1 
ATOM   32   C CA    . SER A 1 5   ? 6.793   -11.494 -1.127  1.00 8.31  ? 5   SER A CA    1 
ATOM   33   C C     . SER A 1 5   ? 5.459   -11.191 -1.806  1.00 7.77  ? 5   SER A C     1 
ATOM   34   O O     . SER A 1 5   ? 5.244   -11.601 -2.945  1.00 7.64  ? 5   SER A O     1 
ATOM   35   C CB    . SER A 1 5   ? 7.085   -12.994 -1.177  1.00 8.45  ? 5   SER A CB    1 
ATOM   36   O OG    . SER A 1 5   ? 6.151   -13.721 -0.412  1.00 8.78  ? 5   SER A OG    1 
ATOM   37   N N     . LEU A 1 6   ? 4.570   -10.479 -1.118  1.00 7.23  ? 6   LEU A N     1 
ATOM   38   C CA    . LEU A 1 6   ? 3.406   -9.883  -1.755  1.00 6.89  ? 6   LEU A CA    1 
ATOM   39   C C     . LEU A 1 6   ? 3.316   -8.437  -1.302  1.00 6.66  ? 6   LEU A C     1 
ATOM   40   O O     . LEU A 1 6   ? 3.267   -8.162  -0.103  1.00 6.64  ? 6   LEU A O     1 
ATOM   41   C CB    . LEU A 1 6   ? 2.118   -10.626 -1.399  1.00 6.83  ? 6   LEU A CB    1 
ATOM   42   C CG    . LEU A 1 6   ? 0.814   -9.983  -1.902  1.00 6.81  ? 6   LEU A CG    1 
ATOM   43   C CD1   . LEU A 1 6   ? 0.801   -9.821  -3.417  1.00 6.81  ? 6   LEU A CD1   1 
ATOM   44   C CD2   . LEU A 1 6   ? -0.384  -10.799 -1.447  1.00 6.85  ? 6   LEU A CD2   1 
ATOM   45   N N     . ILE A 1 7   ? 3.309   -7.523  -2.264  1.00 6.37  ? 7   ILE A N     1 
ATOM   46   C CA    . ILE A 1 7   ? 3.124   -6.113  -1.980  1.00 6.28  ? 7   ILE A CA    1 
ATOM   47   C C     . ILE A 1 7   ? 1.834   -5.669  -2.658  1.00 6.16  ? 7   ILE A C     1 
ATOM   48   O O     . ILE A 1 7   ? 1.704   -5.747  -3.878  1.00 6.12  ? 7   ILE A O     1 
ATOM   49   C CB    . ILE A 1 7   ? 4.336   -5.280  -2.432  1.00 6.32  ? 7   ILE A CB    1 
ATOM   50   C CG1   . ILE A 1 7   ? 5.594   -5.808  -1.736  1.00 6.36  ? 7   ILE A CG1   1 
ATOM   51   C CG2   . ILE A 1 7   ? 4.115   -3.807  -2.114  1.00 6.32  ? 7   ILE A CG2   1 
ATOM   52   C CD1   . ILE A 1 7   ? 6.883   -5.144  -2.164  1.00 6.42  ? 7   ILE A CD1   1 
ATOM   53   N N     . VAL A 1 8   ? 0.878   -5.237  -1.841  1.00 6.04  ? 8   VAL A N     1 
ATOM   54   C CA    . VAL A 1 8   ? -0.437  -4.815  -2.302  1.00 6.01  ? 8   VAL A CA    1 
ATOM   55   C C     . VAL A 1 8   ? -0.517  -3.297  -2.215  1.00 6.00  ? 8   VAL A C     1 
ATOM   56   O O     . VAL A 1 8   ? -0.060  -2.703  -1.241  1.00 5.98  ? 8   VAL A O     1 
ATOM   57   C CB    . VAL A 1 8   ? -1.553  -5.416  -1.417  1.00 6.02  ? 8   VAL A CB    1 
ATOM   58   C CG1   . VAL A 1 8   ? -2.928  -4.994  -1.914  1.00 6.02  ? 8   VAL A CG1   1 
ATOM   59   C CG2   . VAL A 1 8   ? -1.449  -6.934  -1.365  1.00 6.03  ? 8   VAL A CG2   1 
ATOM   60   N N     . GLY A 1 9   ? -1.098  -2.675  -3.235  1.00 6.01  ? 9   GLY A N     1 
ATOM   61   C CA    . GLY A 1 9   ? -1.402  -1.248  -3.200  1.00 6.17  ? 9   GLY A CA    1 
ATOM   62   C C     . GLY A 1 9   ? -2.905  -1.073  -3.251  1.00 6.32  ? 9   GLY A C     1 
ATOM   63   O O     . GLY A 1 9   ? -3.558  -1.596  -4.152  1.00 6.43  ? 9   GLY A O     1 
ATOM   64   N N     . LEU A 1 10  ? -3.463  -0.350  -2.284  1.00 6.46  ? 10  LEU A N     1 
ATOM   65   C CA    . LEU A 1 10  ? -4.900  -0.117  -2.251  1.00 6.66  ? 10  LEU A CA    1 
ATOM   66   C C     . LEU A 1 10  ? -5.279  1.162   -2.998  1.00 6.91  ? 10  LEU A C     1 
ATOM   67   O O     . LEU A 1 10  ? -4.501  2.113   -3.088  1.00 6.85  ? 10  LEU A O     1 
ATOM   68   C CB    . LEU A 1 10  ? -5.410  -0.082  -0.808  1.00 6.64  ? 10  LEU A CB    1 
ATOM   69   C CG    . LEU A 1 10  ? -5.160  -1.347  0.023   1.00 6.61  ? 10  LEU A CG    1 
ATOM   70   C CD1   . LEU A 1 10  ? -5.830  -1.220  1.382   1.00 6.64  ? 10  LEU A CD1   1 
ATOM   71   C CD2   . LEU A 1 10  ? -5.641  -2.606  -0.689  1.00 6.61  ? 10  LEU A CD2   1 
ATOM   72   N N     . GLY A 1 11  ? -6.484  1.161   -3.554  1.00 7.30  ? 11  GLY A N     1 
ATOM   73   C CA    . GLY A 1 11  ? -6.962  2.281   -4.349  1.00 7.71  ? 11  GLY A CA    1 
ATOM   74   C C     . GLY A 1 11  ? -8.230  1.930   -5.098  1.00 8.18  ? 11  GLY A C     1 
ATOM   75   O O     . GLY A 1 11  ? -8.777  0.842   -4.935  1.00 8.13  ? 11  GLY A O     1 
ATOM   76   N N     . ASN A 1 12  ? -8.699  2.874   -5.909  1.00 8.84  ? 12  ASN A N     1 
ATOM   77   C CA    . ASN A 1 12  ? -9.867  2.686   -6.758  1.00 9.52  ? 12  ASN A CA    1 
ATOM   78   C C     . ASN A 1 12  ? -9.456  2.677   -8.224  1.00 10.13 ? 12  ASN A C     1 
ATOM   79   O O     . ASN A 1 12  ? -8.522  3.382   -8.605  1.00 10.13 ? 12  ASN A O     1 
ATOM   80   C CB    . ASN A 1 12  ? -10.874 3.815   -6.527  1.00 9.61  ? 12  ASN A CB    1 
ATOM   81   C CG    . ASN A 1 12  ? -11.676 3.633   -5.255  1.00 9.68  ? 12  ASN A CG    1 
ATOM   82   O OD1   . ASN A 1 12  ? -12.328 2.610   -5.067  1.00 9.85  ? 12  ASN A OD1   1 
ATOM   83   N ND2   . ASN A 1 12  ? -11.646 4.632   -4.379  1.00 9.78  ? 12  ASN A ND2   1 
ATOM   84   N N     . PRO A 1 13  ? -10.159 1.889   -9.055  1.00 11.13 ? 13  PRO A N     1 
ATOM   85   C CA    . PRO A 1 13  ? -9.873  1.851   -10.484 1.00 11.77 ? 13  PRO A CA    1 
ATOM   86   C C     . PRO A 1 13  ? -10.440 3.066   -11.211 1.00 12.57 ? 13  PRO A C     1 
ATOM   87   O O     . PRO A 1 13  ? -11.353 3.715   -10.702 1.00 13.05 ? 13  PRO A O     1 
ATOM   88   C CB    . PRO A 1 13  ? -10.603 0.590   -10.942 1.00 11.63 ? 13  PRO A CB    1 
ATOM   89   C CG    . PRO A 1 13  ? -11.780 0.515   -10.041 1.00 11.53 ? 13  PRO A CG    1 
ATOM   90   C CD    . PRO A 1 13  ? -11.302 1.024   -8.709  1.00 11.30 ? 13  PRO A CD    1 
ATOM   91   N N     . GLY A 1 14  ? -9.896  3.362   -12.387 1.00 13.68 ? 14  GLY A N     1 
ATOM   92   C CA    . GLY A 1 14  ? -10.422 4.424   -13.242 1.00 14.43 ? 14  GLY A CA    1 
ATOM   93   C C     . GLY A 1 14  ? -9.618  5.706   -13.163 1.00 15.18 ? 14  GLY A C     1 
ATOM   94   O O     . GLY A 1 14  ? -9.095  6.063   -12.104 1.00 15.27 ? 14  GLY A O     1 
ATOM   95   N N     . SER A 1 15  ? -9.536  6.406   -14.290 1.00 16.03 ? 15  SER A N     1 
ATOM   96   C CA    . SER A 1 15  ? -8.766  7.644   -14.392 1.00 16.61 ? 15  SER A CA    1 
ATOM   97   C C     . SER A 1 15  ? -9.248  8.718   -13.418 1.00 16.63 ? 15  SER A C     1 
ATOM   98   O O     . SER A 1 15  ? -8.455  9.533   -12.951 1.00 16.91 ? 15  SER A O     1 
ATOM   99   C CB    . SER A 1 15  ? -8.825  8.185   -15.823 1.00 17.05 ? 15  SER A CB    1 
ATOM   100  O OG    . SER A 1 15  ? -10.161 8.467   -16.201 1.00 17.84 ? 15  SER A OG    1 
ATOM   101  N N     . GLU A 1 16  ? -10.544 8.714   -13.112 1.00 16.67 ? 16  GLU A N     1 
ATOM   102  C CA    . GLU A 1 16  ? -11.125 9.718   -12.221 1.00 16.67 ? 16  GLU A CA    1 
ATOM   103  C C     . GLU A 1 16  ? -10.673 9.580   -10.757 1.00 16.05 ? 16  GLU A C     1 
ATOM   104  O O     . GLU A 1 16  ? -10.800 10.529  -9.984  1.00 16.14 ? 16  GLU A O     1 
ATOM   105  C CB    . GLU A 1 16  ? -12.662 9.723   -12.323 1.00 17.28 ? 16  GLU A CB    1 
ATOM   106  C CG    . GLU A 1 16  ? -13.389 8.545   -11.679 1.00 17.79 ? 16  GLU A CG    1 
ATOM   107  C CD    . GLU A 1 16  ? -13.517 7.326   -12.580 1.00 18.26 ? 16  GLU A CD    1 
ATOM   108  O OE1   . GLU A 1 16  ? -12.674 7.140   -13.483 1.00 18.88 ? 16  GLU A OE1   1 
ATOM   109  O OE2   . GLU A 1 16  ? -14.468 6.542   -12.375 1.00 19.20 ? 16  GLU A OE2   1 
ATOM   110  N N     . TYR A 1 17  ? -10.120 8.421   -10.399 1.00 15.25 ? 17  TYR A N     1 
ATOM   111  C CA    . TYR A 1 17  ? -9.629  8.197   -9.072  1.00 14.65 ? 17  TYR A CA    1 
ATOM   112  C C     . TYR A 1 17  ? -8.113  8.126   -8.954  1.00 13.50 ? 17  TYR A C     1 
ATOM   113  O O     . TYR A 1 17  ? -7.591  8.136   -7.892  1.00 12.89 ? 17  TYR A O     1 
ATOM   114  C CB    . TYR A 1 17  ? -10.213 6.883   -8.520  1.00 15.21 ? 17  TYR A CB    1 
ATOM   115  C CG    . TYR A 1 17  ? -11.704 6.945   -8.345  1.00 16.04 ? 17  TYR A CG    1 
ATOM   116  C CD1   . TYR A 1 17  ? -12.270 7.853   -7.483  1.00 16.58 ? 17  TYR A CD1   1 
ATOM   117  C CD2   . TYR A 1 17  ? -12.517 6.161   -9.076  1.00 16.61 ? 17  TYR A CD2   1 
ATOM   118  C CE1   . TYR A 1 17  ? -13.629 7.942   -7.325  1.00 17.18 ? 17  TYR A CE1   1 
ATOM   119  C CE2   . TYR A 1 17  ? -13.883 6.251   -8.925  1.00 17.22 ? 17  TYR A CE2   1 
ATOM   120  C CZ    . TYR A 1 17  ? -14.397 7.145   -8.034  1.00 17.49 ? 17  TYR A CZ    1 
ATOM   121  O OH    . TYR A 1 17  ? -15.734 7.273   -7.900  1.00 19.07 ? 17  TYR A OH    1 
ATOM   122  N N     . ALA A 1 18  ? -7.443  8.056   -10.088 1.00 12.59 ? 18  ALA A N     1 
ATOM   123  C CA    . ALA A 1 18  ? -6.003  7.787   -10.126 1.00 12.14 ? 18  ALA A CA    1 
ATOM   124  C C     . ALA A 1 18  ? -5.169  8.808   -9.351  1.00 11.74 ? 18  ALA A C     1 
ATOM   125  O O     . ALA A 1 18  ? -4.145  8.453   -8.774  1.00 11.33 ? 18  ALA A O     1 
ATOM   126  C CB    . ALA A 1 18  ? -5.518  7.701   -11.566 1.00 12.12 ? 18  ALA A CB    1 
ATOM   127  N N     . GLN A 1 19  ? -5.607  10.064  -9.332  1.00 11.47 ? 19  GLN A N     1 
ATOM   128  C CA    . GLN A 1 19  ? -4.857  11.126  -8.659  1.00 11.37 ? 19  GLN A CA    1 
ATOM   129  C C     . GLN A 1 19  ? -5.394  11.470  -7.270  1.00 10.68 ? 19  GLN A C     1 
ATOM   130  O O     . GLN A 1 19  ? -4.938  12.436  -6.657  1.00 10.48 ? 19  GLN A O     1 
ATOM   131  C CB    . GLN A 1 19  ? -4.839  12.386  -9.525  1.00 12.08 ? 19  GLN A CB    1 
ATOM   132  C CG    . GLN A 1 19  ? -4.206  12.181  -10.887 1.00 12.80 ? 19  GLN A CG    1 
ATOM   133  C CD    . GLN A 1 19  ? -4.303  13.416  -11.761 1.00 13.57 ? 19  GLN A CD    1 
ATOM   134  O OE1   . GLN A 1 19  ? -4.048  14.530  -11.306 1.00 14.27 ? 19  GLN A OE1   1 
ATOM   135  N NE2   . GLN A 1 19  ? -4.671  13.224  -13.024 1.00 14.26 ? 19  GLN A NE2   1 
ATOM   136  N N     . THR A 1 20  ? -6.345  10.687  -6.765  1.00 10.00 ? 20  THR A N     1 
ATOM   137  C CA    . THR A 1 20  ? -6.938  10.972  -5.458  1.00 9.60  ? 20  THR A CA    1 
ATOM   138  C C     . THR A 1 20  ? -6.131  10.343  -4.324  1.00 9.22  ? 20  THR A C     1 
ATOM   139  O O     . THR A 1 20  ? -5.436  9.344   -4.517  1.00 9.00  ? 20  THR A O     1 
ATOM   140  C CB    . THR A 1 20  ? -8.413  10.521  -5.370  1.00 9.64  ? 20  THR A CB    1 
ATOM   141  O OG1   . THR A 1 20  ? -8.504  9.093   -5.454  1.00 9.59  ? 20  THR A OG1   1 
ATOM   142  C CG2   . THR A 1 20  ? -9.235  11.154  -6.483  1.00 9.70  ? 20  THR A CG2   1 
ATOM   143  N N     . ARG A 1 21  ? -6.242  10.937  -3.140  1.00 8.90  ? 21  ARG A N     1 
ATOM   144  C CA    . ARG A 1 21  ? -5.458  10.524  -1.976  1.00 8.69  ? 21  ARG A CA    1 
ATOM   145  C C     . ARG A 1 21  ? -5.655  9.051   -1.613  1.00 8.42  ? 21  ARG A C     1 
ATOM   146  O O     . ARG A 1 21  ? -4.723  8.392   -1.162  1.00 8.16  ? 21  ARG A O     1 
ATOM   147  C CB    . ARG A 1 21  ? -5.823  11.382  -0.764  1.00 8.87  ? 21  ARG A CB    1 
ATOM   148  C CG    . ARG A 1 21  ? -5.489  12.861  -0.890  1.00 9.10  ? 21  ARG A CG    1 
ATOM   149  C CD    . ARG A 1 21  ? -5.919  13.574  0.379   1.00 9.23  ? 21  ARG A CD    1 
ATOM   150  N NE    . ARG A 1 21  ? -5.523  14.981  0.434   1.00 9.41  ? 21  ARG A NE    1 
ATOM   151  C CZ    . ARG A 1 21  ? -6.320  16.021  0.188   1.00 9.52  ? 21  ARG A CZ    1 
ATOM   152  N NH1   . ARG A 1 21  ? -7.592  15.854  -0.168  1.00 9.57  ? 21  ARG A NH1   1 
ATOM   153  N NH2   . ARG A 1 21  ? -5.831  17.252  0.294   1.00 9.65  ? 21  ARG A NH2   1 
ATOM   154  N N     . HIS A 1 22  ? -6.869  8.550   -1.821  1.00 8.19  ? 22  HIS A N     1 
ATOM   155  C CA    . HIS A 1 22  ? -7.224  7.165   -1.499  1.00 8.14  ? 22  HIS A CA    1 
ATOM   156  C C     . HIS A 1 22  ? -6.459  6.162   -2.372  1.00 7.85  ? 22  HIS A C     1 
ATOM   157  O O     . HIS A 1 22  ? -6.471  4.965   -2.087  1.00 7.80  ? 22  HIS A O     1 
ATOM   158  C CB    . HIS A 1 22  ? -8.745  6.966   -1.667  1.00 8.35  ? 22  HIS A CB    1 
ATOM   159  C CG    . HIS A 1 22  ? -9.404  6.137   -0.602  1.00 8.60  ? 22  HIS A CG    1 
ATOM   160  N ND1   . HIS A 1 22  ? -8.923  6.017   0.684   1.00 8.64  ? 22  HIS A ND1   1 
ATOM   161  C CD2   . HIS A 1 22  ? -10.564 5.441   -0.630  1.00 8.79  ? 22  HIS A CD2   1 
ATOM   162  C CE1   . HIS A 1 22  ? -9.741  5.256   1.391   1.00 8.82  ? 22  HIS A CE1   1 
ATOM   163  N NE2   . HIS A 1 22  ? -10.746 4.897   0.617   1.00 8.88  ? 22  HIS A NE2   1 
ATOM   164  N N     . ASN A 1 23  ? -5.804  6.650   -3.429  1.00 7.53  ? 23  ASN A N     1 
ATOM   165  C CA    . ASN A 1 23  ? -4.952  5.814   -4.281  1.00 7.32  ? 23  ASN A CA    1 
ATOM   166  C C     . ASN A 1 23  ? -3.458  5.879   -3.943  1.00 7.07  ? 23  ASN A C     1 
ATOM   167  O O     . ASN A 1 23  ? -2.628  5.451   -4.745  1.00 7.09  ? 23  ASN A O     1 
ATOM   168  C CB    . ASN A 1 23  ? -5.161  6.172   -5.756  1.00 7.30  ? 23  ASN A CB    1 
ATOM   169  C CG    . ASN A 1 23  ? -6.339  5.451   -6.368  1.00 7.31  ? 23  ASN A CG    1 
ATOM   170  O OD1   . ASN A 1 23  ? -7.372  5.279   -5.725  1.00 7.35  ? 23  ASN A OD1   1 
ATOM   171  N ND2   . ASN A 1 23  ? -6.188  5.017   -7.615  1.00 7.39  ? 23  ASN A ND2   1 
ATOM   172  N N     . ALA A 1 24  ? -3.109  6.381   -2.760  1.00 6.86  ? 24  ALA A N     1 
ATOM   173  C CA    . ALA A 1 24  ? -1.704  6.468   -2.358  1.00 6.72  ? 24  ALA A CA    1 
ATOM   174  C C     . ALA A 1 24  ? -0.983  5.123   -2.489  1.00 6.62  ? 24  ALA A C     1 
ATOM   175  O O     . ALA A 1 24  ? 0.164   5.069   -2.934  1.00 6.60  ? 24  ALA A O     1 
ATOM   176  C CB    . ALA A 1 24  ? -1.586  6.999   -0.940  1.00 6.71  ? 24  ALA A CB    1 
ATOM   177  N N     . GLY A 1 25  ? -1.667  4.046   -2.113  1.00 6.55  ? 25  GLY A N     1 
ATOM   178  C CA    . GLY A 1 25  ? -1.130  2.695   -2.251  1.00 6.51  ? 25  GLY A CA    1 
ATOM   179  C C     . GLY A 1 25  ? -0.807  2.315   -3.684  1.00 6.54  ? 25  GLY A C     1 
ATOM   180  O O     . GLY A 1 25  ? 0.245   1.735   -3.953  1.00 6.41  ? 25  GLY A O     1 
ATOM   181  N N     . PHE A 1 26  ? -1.715  2.632   -4.605  1.00 6.58  ? 26  PHE A N     1 
ATOM   182  C CA    . PHE A 1 26  ? -1.459  2.443   -6.036  1.00 6.68  ? 26  PHE A CA    1 
ATOM   183  C C     . PHE A 1 26  ? -0.203  3.191   -6.466  1.00 6.68  ? 26  PHE A C     1 
ATOM   184  O O     . PHE A 1 26  ? 0.607   2.652   -7.216  1.00 6.73  ? 26  PHE A O     1 
ATOM   185  C CB    . PHE A 1 26  ? -2.624  2.955   -6.894  1.00 6.74  ? 26  PHE A CB    1 
ATOM   186  C CG    . PHE A 1 26  ? -3.760  1.976   -7.090  1.00 6.88  ? 26  PHE A CG    1 
ATOM   187  C CD1   . PHE A 1 26  ? -4.060  0.989   -6.157  1.00 6.94  ? 26  PHE A CD1   1 
ATOM   188  C CD2   . PHE A 1 26  ? -4.576  2.095   -8.211  1.00 7.00  ? 26  PHE A CD2   1 
ATOM   189  C CE1   . PHE A 1 26  ? -5.122  0.120   -6.365  1.00 7.02  ? 26  PHE A CE1   1 
ATOM   190  C CE2   . PHE A 1 26  ? -5.642  1.236   -8.416  1.00 7.06  ? 26  PHE A CE2   1 
ATOM   191  C CZ    . PHE A 1 26  ? -5.918  0.251   -7.491  1.00 7.05  ? 26  PHE A CZ    1 
ATOM   192  N N     . TRP A 1 27  ? -0.044  4.437   -6.015  1.00 6.69  ? 27  TRP A N     1 
ATOM   193  C CA    . TRP A 1 27  ? 1.112   5.239   -6.430  1.00 6.75  ? 27  TRP A CA    1 
ATOM   194  C C     . TRP A 1 27  ? 2.393   4.521   -6.046  1.00 6.76  ? 27  TRP A C     1 
ATOM   195  O O     . TRP A 1 27  ? 3.314   4.397   -6.852  1.00 6.78  ? 27  TRP A O     1 
ATOM   196  C CB    . TRP A 1 27  ? 1.136   6.626   -5.787  1.00 6.83  ? 27  TRP A CB    1 
ATOM   197  C CG    . TRP A 1 27  ? -0.102  7.450   -5.941  1.00 6.96  ? 27  TRP A CG    1 
ATOM   198  C CD1   . TRP A 1 27  ? -1.052  7.353   -6.911  1.00 7.03  ? 27  TRP A CD1   1 
ATOM   199  C CD2   . TRP A 1 27  ? -0.494  8.531   -5.097  1.00 7.07  ? 27  TRP A CD2   1 
ATOM   200  N NE1   . TRP A 1 27  ? -2.033  8.298   -6.707  1.00 7.08  ? 27  TRP A NE1   1 
ATOM   201  C CE2   . TRP A 1 27  ? -1.710  9.035   -5.599  1.00 7.11  ? 27  TRP A CE2   1 
ATOM   202  C CE3   . TRP A 1 27  ? 0.060   9.115   -3.953  1.00 7.16  ? 27  TRP A CE3   1 
ATOM   203  C CZ2   . TRP A 1 27  ? -2.380  10.103  -4.997  1.00 7.16  ? 27  TRP A CZ2   1 
ATOM   204  C CZ3   . TRP A 1 27  ? -0.612  10.168  -3.350  1.00 7.17  ? 27  TRP A CZ3   1 
ATOM   205  C CH2   . TRP A 1 27  ? -1.816  10.653  -3.877  1.00 7.21  ? 27  TRP A CH2   1 
ATOM   206  N N     . PHE A 1 28  ? 2.451   4.054   -4.803  1.00 6.81  ? 28  PHE A N     1 
ATOM   207  C CA    . PHE A 1 28  ? 3.636   3.375   -4.304  1.00 6.90  ? 28  PHE A CA    1 
ATOM   208  C C     . PHE A 1 28  ? 3.944   2.109   -5.103  1.00 7.02  ? 28  PHE A C     1 
ATOM   209  O O     . PHE A 1 28  ? 5.077   1.904   -5.530  1.00 6.98  ? 28  PHE A O     1 
ATOM   210  C CB    . PHE A 1 28  ? 3.485   3.044   -2.815  1.00 6.88  ? 28  PHE A CB    1 
ATOM   211  C CG    . PHE A 1 28  ? 4.565   2.148   -2.285  1.00 6.91  ? 28  PHE A CG    1 
ATOM   212  C CD1   . PHE A 1 28  ? 5.813   2.659   -1.953  1.00 6.97  ? 28  PHE A CD1   1 
ATOM   213  C CD2   . PHE A 1 28  ? 4.337   0.791   -2.129  1.00 6.92  ? 28  PHE A CD2   1 
ATOM   214  C CE1   . PHE A 1 28  ? 6.812   1.829   -1.474  1.00 7.03  ? 28  PHE A CE1   1 
ATOM   215  C CE2   . PHE A 1 28  ? 5.331   -0.040  -1.650  1.00 6.98  ? 28  PHE A CE2   1 
ATOM   216  C CZ    . PHE A 1 28  ? 6.567   0.480   -1.321  1.00 7.03  ? 28  PHE A CZ    1 
ATOM   217  N N     . VAL A 1 29  ? 2.939   1.263   -5.309  1.00 7.28  ? 29  VAL A N     1 
ATOM   218  C CA    . VAL A 1 29  ? 3.168   -0.016  -5.981  1.00 7.56  ? 29  VAL A CA    1 
ATOM   219  C C     . VAL A 1 29  ? 3.485   0.184   -7.464  1.00 7.98  ? 29  VAL A C     1 
ATOM   220  O O     . VAL A 1 29  ? 4.341   -0.512  -8.009  1.00 7.88  ? 29  VAL A O     1 
ATOM   221  C CB    . VAL A 1 29  ? 1.988   -0.990  -5.772  1.00 7.52  ? 29  VAL A CB    1 
ATOM   222  C CG1   . VAL A 1 29  ? 2.168   -2.261  -6.592  1.00 7.53  ? 29  VAL A CG1   1 
ATOM   223  C CG2   . VAL A 1 29  ? 1.871   -1.335  -4.298  1.00 7.47  ? 29  VAL A CG2   1 
ATOM   224  N N     . GLU A 1 30  ? 2.840   1.147   -8.095  1.00 8.61  ? 30  GLU A N     1 
ATOM   225  C CA    . GLU A 1 30  ? 3.148   1.479   -9.505  1.00 9.27  ? 30  GLU A CA    1 
ATOM   226  C C     . GLU A 1 30  ? 4.580   1.956   -9.670  1.00 9.12  ? 30  GLU A C     1 
ATOM   227  O O     . GLU A 1 30  ? 5.277   1.569   -10.518 1.00 9.05  ? 30  GLU A O     1 
ATOM   228  C CB    . GLU A 1 30  ? 2.142   2.512   -10.069 1.00 10.14 ? 30  GLU A CB    1 
ATOM   229  C CG    . GLU A 1 30  ? 0.778   1.888   -10.325 1.00 11.13 ? 30  GLU A CG    1 
ATOM   230  C CD    . GLU A 1 30  ? -0.251  2.877   -10.785 1.00 12.23 ? 30  GLU A CD    1 
ATOM   231  O OE1   . GLU A 1 30  ? 0.105   3.826   -11.348 1.00 13.81 ? 30  GLU A OE1   1 
ATOM   232  O OE2   . GLU A 1 30  ? -1.411  2.706   -10.601 1.00 13.70 ? 30  GLU A OE2   1 
ATOM   233  N N     . GLN A 1 31  ? 5.006   2.785   -8.766  1.00 9.00  ? 31  GLN A N     1 
ATOM   234  C CA    . GLN A 1 31  ? 6.382   3.273   -8.804  1.00 9.06  ? 31  GLN A CA    1 
ATOM   235  C C     . GLN A 1 31  ? 7.379   2.166   -8.483  1.00 8.65  ? 31  GLN A C     1 
ATOM   236  O O     . GLN A 1 31  ? 8.449   2.105   -9.082  1.00 8.58  ? 31  GLN A O     1 
ATOM   237  C CB    . GLN A 1 31  ? 6.559   4.461   -7.864  1.00 9.48  ? 31  GLN A CB    1 
ATOM   238  C CG    . GLN A 1 31  ? 5.847   5.702   -8.373  1.00 9.97  ? 31  GLN A CG    1 
ATOM   239  C CD    . GLN A 1 31  ? 5.818   6.823   -7.361  1.00 10.52 ? 31  GLN A CD    1 
ATOM   240  O OE1   . GLN A 1 31  ? 6.819   7.103   -6.705  1.00 11.23 ? 31  GLN A OE1   1 
ATOM   241  N NE2   . GLN A 1 31  ? 4.666   7.474   -7.228  1.00 10.96 ? 31  GLN A NE2   1 
ATOM   242  N N     . LEU A 1 32  ? 7.025   1.284   -7.551  1.00 8.36  ? 32  LEU A N     1 
ATOM   243  C CA    . LEU A 1 32  ? 7.883   0.155   -7.210  1.00 8.22  ? 32  LEU A CA    1 
ATOM   244  C C     . LEU A 1 32  ? 8.031   -0.787  -8.401  1.00 8.29  ? 32  LEU A C     1 
ATOM   245  O O     . LEU A 1 32  ? 9.129   -1.257  -8.703  1.00 8.13  ? 32  LEU A O     1 
ATOM   246  C CB    . LEU A 1 32  ? 7.309   -0.610  -6.019  1.00 8.05  ? 32  LEU A CB    1 
ATOM   247  C CG    . LEU A 1 32  ? 8.133   -1.803  -5.541  1.00 8.02  ? 32  LEU A CG    1 
ATOM   248  C CD1   . LEU A 1 32  ? 9.484   -1.340  -5.019  1.00 8.02  ? 32  LEU A CD1   1 
ATOM   249  C CD2   . LEU A 1 32  ? 7.369   -2.560  -4.468  1.00 8.01  ? 32  LEU A CD2   1 
ATOM   250  N N     . ALA A 1 33  ? 6.916   -1.062  -9.067  1.00 8.51  ? 33  ALA A N     1 
ATOM   251  C CA    . ALA A 1 33  ? 6.916   -1.902  -10.256 1.00 8.80  ? 33  ALA A CA    1 
ATOM   252  C C     . ALA A 1 33  ? 7.835   -1.338  -11.334 1.00 9.25  ? 33  ALA A C     1 
ATOM   253  O O     . ALA A 1 33  ? 8.605   -2.080  -11.940 1.00 9.23  ? 33  ALA A O     1 
ATOM   254  C CB    . ALA A 1 33  ? 5.501   -2.050  -10.793 1.00 8.72  ? 33  ALA A CB    1 
ATOM   255  N N     . ASP A 1 34  ? 7.767   -0.028  -11.563 1.00 9.80  ? 34  ASP A N     1 
ATOM   256  C CA    . ASP A 1 34  ? 8.636   0.605   -12.556 1.00 10.46 ? 34  ASP A CA    1 
ATOM   257  C C     . ASP A 1 34  ? 10.107  0.559   -12.133 1.00 10.49 ? 34  ASP A C     1 
ATOM   258  O O     . ASP A 1 34  ? 10.986  0.327   -12.962 1.00 10.60 ? 34  ASP A O     1 
ATOM   259  C CB    . ASP A 1 34  ? 8.217   2.052   -12.809 1.00 10.97 ? 34  ASP A CB    1 
ATOM   260  C CG    . ASP A 1 34  ? 8.927   2.658   -14.007 1.00 11.61 ? 34  ASP A CG    1 
ATOM   261  O OD1   . ASP A 1 34  ? 8.818   2.085   -15.108 1.00 12.00 ? 34  ASP A OD1   1 
ATOM   262  O OD2   . ASP A 1 34  ? 9.589   3.700   -13.847 1.00 12.53 ? 34  ASP A OD2   1 
ATOM   263  N N     . LYS A 1 35  ? 10.371  0.780   -10.848 1.00 10.32 ? 35  LYS A N     1 
ATOM   264  C CA    . LYS A 1 35  ? 11.736  0.731   -10.323 1.00 10.44 ? 35  LYS A CA    1 
ATOM   265  C C     . LYS A 1 35  ? 12.403  -0.613  -10.618 1.00 10.26 ? 35  LYS A C     1 
ATOM   266  O O     . LYS A 1 35  ? 13.550  -0.654  -11.063 1.00 10.23 ? 35  LYS A O     1 
ATOM   267  C CB    . LYS A 1 35  ? 11.744  1.006   -8.815  1.00 10.65 ? 35  LYS A CB    1 
ATOM   268  C CG    . LYS A 1 35  ? 13.127  1.007   -8.176  1.00 10.89 ? 35  LYS A CG    1 
ATOM   269  C CD    . LYS A 1 35  ? 13.056  1.374   -6.702  1.00 11.14 ? 35  LYS A CD    1 
ATOM   270  C CE    . LYS A 1 35  ? 14.416  1.254   -6.032  1.00 11.36 ? 35  LYS A CE    1 
ATOM   271  N NZ    . LYS A 1 35  ? 15.389  2.286   -6.486  1.00 11.56 ? 35  LYS A NZ    1 
ATOM   272  N N     . TYR A 1 36  ? 11.676  -1.705  -10.396 1.00 10.07 ? 36  TYR A N     1 
ATOM   273  C CA    . TYR A 1 36  ? 12.245  -3.049  -10.532 1.00 9.99  ? 36  TYR A CA    1 
ATOM   274  C C     . TYR A 1 36  ? 11.863  -3.768  -11.825 1.00 10.02 ? 36  TYR A C     1 
ATOM   275  O O     . TYR A 1 36  ? 12.246  -4.919  -12.028 1.00 10.27 ? 36  TYR A O     1 
ATOM   276  C CB    . TYR A 1 36  ? 11.892  -3.889  -9.301  1.00 9.93  ? 36  TYR A CB    1 
ATOM   277  C CG    . TYR A 1 36  ? 12.696  -3.467  -8.102  1.00 9.88  ? 36  TYR A CG    1 
ATOM   278  C CD1   . TYR A 1 36  ? 14.019  -3.865  -7.965  1.00 9.87  ? 36  TYR A CD1   1 
ATOM   279  C CD2   . TYR A 1 36  ? 12.156  -2.641  -7.125  1.00 9.85  ? 36  TYR A CD2   1 
ATOM   280  C CE1   . TYR A 1 36  ? 14.776  -3.472  -6.878  1.00 9.95  ? 36  TYR A CE1   1 
ATOM   281  C CE2   . TYR A 1 36  ? 12.907  -2.242  -6.033  1.00 9.93  ? 36  TYR A CE2   1 
ATOM   282  C CZ    . TYR A 1 36  ? 14.219  -2.659  -5.915  1.00 10.02 ? 36  TYR A CZ    1 
ATOM   283  O OH    . TYR A 1 36  ? 14.973  -2.271  -4.833  1.00 10.15 ? 36  TYR A OH    1 
ATOM   284  N N     . GLY A 1 37  ? 11.137  -3.087  -12.706 1.00 9.97  ? 37  GLY A N     1 
ATOM   285  C CA    . GLY A 1 37  ? 10.763  -3.662  -13.993 1.00 10.07 ? 37  GLY A CA    1 
ATOM   286  C C     . GLY A 1 37  ? 9.797   -4.820  -13.873 1.00 10.15 ? 37  GLY A C     1 
ATOM   287  O O     . GLY A 1 37  ? 9.901   -5.804  -14.608 1.00 10.21 ? 37  GLY A O     1 
ATOM   288  N N     . ILE A 1 38  ? 8.859   -4.703  -12.941 1.00 10.22 ? 38  ILE A N     1 
ATOM   289  C CA    . ILE A 1 38  ? 7.821   -5.701  -12.764 1.00 10.31 ? 38  ILE A CA    1 
ATOM   290  C C     . ILE A 1 38  ? 6.610   -5.259  -13.572 1.00 10.24 ? 38  ILE A C     1 
ATOM   291  O O     . ILE A 1 38  ? 6.111   -4.147  -13.401 1.00 10.23 ? 38  ILE A O     1 
ATOM   292  C CB    . ILE A 1 38  ? 7.459   -5.878  -11.275 1.00 10.45 ? 38  ILE A CB    1 
ATOM   293  C CG1   . ILE A 1 38  ? 8.711   -6.313  -10.501 1.00 10.62 ? 38  ILE A CG1   1 
ATOM   294  C CG2   . ILE A 1 38  ? 6.327   -6.889  -11.118 1.00 10.49 ? 38  ILE A CG2   1 
ATOM   295  C CD1   . ILE A 1 38  ? 8.515   -6.519  -9.016  1.00 10.74 ? 38  ILE A CD1   1 
ATOM   296  N N     . THR A 1 39  ? 6.153   -6.126  -14.468 1.00 10.32 ? 39  THR A N     1 
ATOM   297  C CA    . THR A 1 39  ? 4.999   -5.828  -15.301 1.00 10.37 ? 39  THR A CA    1 
ATOM   298  C C     . THR A 1 39  ? 3.724   -5.968  -14.488 1.00 10.56 ? 39  THR A C     1 
ATOM   299  O O     . THR A 1 39  ? 3.468   -7.017  -13.908 1.00 10.44 ? 39  THR A O     1 
ATOM   300  C CB    . THR A 1 39  ? 4.930   -6.773  -16.511 1.00 10.37 ? 39  THR A CB    1 
ATOM   301  O OG1   . THR A 1 39  ? 6.062   -6.545  -17.356 1.00 10.40 ? 39  THR A OG1   1 
ATOM   302  C CG2   . THR A 1 39  ? 3.653   -6.548  -17.313 1.00 10.36 ? 39  THR A CG2   1 
ATOM   303  N N     . LEU A 1 40  ? 2.933   -4.901  -14.443 1.00 10.73 ? 40  LEU A N     1 
ATOM   304  C CA    . LEU A 1 40  ? 1.611   -4.962  -13.844 1.00 11.01 ? 40  LEU A CA    1 
ATOM   305  C C     . LEU A 1 40  ? 0.612   -5.215  -14.955 1.00 11.39 ? 40  LEU A C     1 
ATOM   306  O O     . LEU A 1 40  ? 0.340   -4.326  -15.764 1.00 11.79 ? 40  LEU A O     1 
ATOM   307  C CB    . LEU A 1 40  ? 1.291   -3.664  -13.107 1.00 10.88 ? 40  LEU A CB    1 
ATOM   308  C CG    . LEU A 1 40  ? 2.121   -3.411  -11.849 1.00 10.83 ? 40  LEU A CG    1 
ATOM   309  C CD1   . LEU A 1 40  ? 1.858   -2.011  -11.319 1.00 10.86 ? 40  LEU A CD1   1 
ATOM   310  C CD2   . LEU A 1 40  ? 1.824   -4.452  -10.782 1.00 10.87 ? 40  LEU A CD2   1 
ATOM   311  N N     . LYS A 1 41  ? 0.087   -6.436  -15.003 1.00 11.66 ? 41  LYS A N     1 
ATOM   312  C CA    . LYS A 1 41  ? -0.808  -6.843  -16.077 1.00 12.00 ? 41  LYS A CA    1 
ATOM   313  C C     . LYS A 1 41  ? -2.182  -7.218  -15.541 1.00 11.84 ? 41  LYS A C     1 
ATOM   314  O O     . LYS A 1 41  ? -2.361  -7.466  -14.346 1.00 11.46 ? 41  LYS A O     1 
ATOM   315  C CB    . LYS A 1 41  ? -0.207  -7.998  -16.892 1.00 12.53 ? 41  LYS A CB    1 
ATOM   316  C CG    . LYS A 1 41  ? -0.230  -9.369  -16.226 1.00 13.04 ? 41  LYS A CG    1 
ATOM   317  C CD    . LYS A 1 41  ? 1.083   -9.724  -15.550 1.00 13.48 ? 41  LYS A CD    1 
ATOM   318  C CE    . LYS A 1 41  ? 1.009   -11.077 -14.852 1.00 13.80 ? 41  LYS A CE    1 
ATOM   319  N NZ    . LYS A 1 41  ? 0.063   -11.115 -13.698 1.00 13.93 ? 41  LYS A NZ    1 
ATOM   320  N N     . ASN A 1 42  ? -3.151  -7.268  -16.443 1.00 11.96 ? 42  ASN A N     1 
ATOM   321  C CA    . ASN A 1 42  ? -4.522  -7.579  -16.073 1.00 12.21 ? 42  ASN A CA    1 
ATOM   322  C C     . ASN A 1 42  ? -4.615  -8.963  -15.439 1.00 11.79 ? 42  ASN A C     1 
ATOM   323  O O     . ASN A 1 42  ? -4.042  -9.925  -15.946 1.00 11.68 ? 42  ASN A O     1 
ATOM   324  C CB    . ASN A 1 42  ? -5.436  -7.464  -17.295 1.00 12.94 ? 42  ASN A CB    1 
ATOM   325  C CG    . ASN A 1 42  ? -5.558  -6.032  -17.789 1.00 13.63 ? 42  ASN A CG    1 
ATOM   326  O OD1   . ASN A 1 42  ? -5.753  -5.107  -16.995 1.00 14.80 ? 42  ASN A OD1   1 
ATOM   327  N ND2   . ASN A 1 42  ? -5.430  -5.836  -19.096 1.00 14.22 ? 42  ASN A ND2   1 
ATOM   328  N N     . ASP A 1 43  ? -5.308  -9.038  -14.308 1.00 11.35 ? 43  ASP A N     1 
ATOM   329  C CA    . ASP A 1 43  ? -5.461  -10.279 -13.558 1.00 11.33 ? 43  ASP A CA    1 
ATOM   330  C C     . ASP A 1 43  ? -6.942  -10.491 -13.239 1.00 11.42 ? 43  ASP A C     1 
ATOM   331  O O     . ASP A 1 43  ? -7.373  -10.312 -12.103 1.00 11.40 ? 43  ASP A O     1 
ATOM   332  C CB    . ASP A 1 43  ? -4.621  -10.228 -12.277 1.00 11.34 ? 43  ASP A CB    1 
ATOM   333  C CG    . ASP A 1 43  ? -4.472  -11.584 -11.616 1.00 11.44 ? 43  ASP A CG    1 
ATOM   334  O OD1   . ASP A 1 43  ? -5.265  -12.503 -11.911 1.00 11.60 ? 43  ASP A OD1   1 
ATOM   335  O OD2   . ASP A 1 43  ? -3.552  -11.732 -10.789 1.00 11.24 ? 43  ASP A OD2   1 
ATOM   336  N N     . PRO A 1 44  ? -7.732  -10.873 -14.254 1.00 11.53 ? 44  PRO A N     1 
ATOM   337  C CA    . PRO A 1 44  ? -9.173  -11.052 -14.064 1.00 11.66 ? 44  PRO A CA    1 
ATOM   338  C C     . PRO A 1 44  ? -9.536  -12.096 -13.006 1.00 11.74 ? 44  PRO A C     1 
ATOM   339  O O     . PRO A 1 44  ? -10.512 -11.912 -12.278 1.00 11.65 ? 44  PRO A O     1 
ATOM   340  C CB    . PRO A 1 44  ? -9.664  -11.493 -15.451 1.00 11.71 ? 44  PRO A CB    1 
ATOM   341  C CG    . PRO A 1 44  ? -8.450  -11.956 -16.178 1.00 11.71 ? 44  PRO A CG    1 
ATOM   342  C CD    . PRO A 1 44  ? -7.332  -11.111 -15.652 1.00 11.62 ? 44  PRO A CD    1 
ATOM   343  N N     . LYS A 1 45  ? -8.753  -13.170 -12.921 1.00 11.88 ? 45  LYS A N     1 
ATOM   344  C CA    . LYS A 1 45  ? -9.000  -14.232 -11.947 1.00 12.14 ? 45  LYS A CA    1 
ATOM   345  C C     . LYS A 1 45  ? -9.091  -13.689 -10.521 1.00 11.78 ? 45  LYS A C     1 
ATOM   346  O O     . LYS A 1 45  ? -9.919  -14.147 -9.737  1.00 11.91 ? 45  LYS A O     1 
ATOM   347  C CB    . LYS A 1 45  ? -7.907  -15.303 -12.028 1.00 12.87 ? 45  LYS A CB    1 
ATOM   348  C CG    . LYS A 1 45  ? -8.101  -16.473 -11.074 1.00 13.57 ? 45  LYS A CG    1 
ATOM   349  C CD    . LYS A 1 45  ? -6.999  -17.505 -11.244 1.00 14.20 ? 45  LYS A CD    1 
ATOM   350  C CE    . LYS A 1 45  ? -7.101  -18.616 -10.211 1.00 14.66 ? 45  LYS A CE    1 
ATOM   351  N NZ    . LYS A 1 45  ? -8.244  -19.536 -10.462 1.00 15.04 ? 45  LYS A NZ    1 
ATOM   352  N N     . PHE A 1 46  ? -8.244  -12.713 -10.198 1.00 11.29 ? 46  PHE A N     1 
ATOM   353  C CA    . PHE A 1 46  ? -8.190  -12.151 -8.849  1.00 10.96 ? 46  PHE A CA    1 
ATOM   354  C C     . PHE A 1 46  ? -8.675  -10.703 -8.793  1.00 10.87 ? 46  PHE A C     1 
ATOM   355  O O     . PHE A 1 46  ? -8.351  -9.973  -7.859  1.00 10.63 ? 46  PHE A O     1 
ATOM   356  C CB    . PHE A 1 46  ? -6.770  -12.292 -8.291  1.00 10.84 ? 46  PHE A CB    1 
ATOM   357  C CG    . PHE A 1 46  ? -6.328  -13.720 -8.169  1.00 10.78 ? 46  PHE A CG    1 
ATOM   358  C CD1   . PHE A 1 46  ? -6.947  -14.566 -7.259  1.00 10.77 ? 46  PHE A CD1   1 
ATOM   359  C CD2   . PHE A 1 46  ? -5.324  -14.232 -8.978  1.00 10.78 ? 46  PHE A CD2   1 
ATOM   360  C CE1   . PHE A 1 46  ? -6.565  -15.890 -7.146  1.00 10.87 ? 46  PHE A CE1   1 
ATOM   361  C CE2   . PHE A 1 46  ? -4.936  -15.557 -8.870  1.00 10.91 ? 46  PHE A CE2   1 
ATOM   362  C CZ    . PHE A 1 46  ? -5.557  -16.385 -7.952  1.00 10.80 ? 46  PHE A CZ    1 
ATOM   363  N N     . HIS A 1 47  ? -9.467  -10.303 -9.787  1.00 10.88 ? 47  HIS A N     1 
ATOM   364  C CA    . HIS A 1 47  ? -10.131 -8.999  -9.793  1.00 10.98 ? 47  HIS A CA    1 
ATOM   365  C C     . HIS A 1 47  ? -9.157  -7.866  -9.533  1.00 10.50 ? 47  HIS A C     1 
ATOM   366  O O     . HIS A 1 47  ? -9.418  -6.973  -8.722  1.00 10.37 ? 47  HIS A O     1 
ATOM   367  C CB    . HIS A 1 47  ? -11.248 -8.976  -8.755  1.00 11.57 ? 47  HIS A CB    1 
ATOM   368  C CG    . HIS A 1 47  ? -12.145 -10.167 -8.829  1.00 12.22 ? 47  HIS A CG    1 
ATOM   369  N ND1   . HIS A 1 47  ? -13.118 -10.304 -9.793  1.00 12.73 ? 47  HIS A ND1   1 
ATOM   370  C CD2   . HIS A 1 47  ? -12.192 -11.291 -8.079  1.00 12.61 ? 47  HIS A CD2   1 
ATOM   371  C CE1   . HIS A 1 47  ? -13.739 -11.458 -9.624  1.00 12.81 ? 47  HIS A CE1   1 
ATOM   372  N NE2   . HIS A 1 47  ? -13.196 -12.076 -8.591  1.00 12.91 ? 47  HIS A NE2   1 
ATOM   373  N N     . GLY A 1 48  ? -8.032  -7.904  -10.231 1.00 10.01 ? 48  GLY A N     1 
ATOM   374  C CA    . GLY A 1 48  ? -7.002  -6.909  -10.027 1.00 9.78  ? 48  GLY A CA    1 
ATOM   375  C C     . GLY A 1 48  ? -6.060  -6.779  -11.195 1.00 9.51  ? 48  GLY A C     1 
ATOM   376  O O     . GLY A 1 48  ? -6.294  -7.315  -12.279 1.00 9.49  ? 48  GLY A O     1 
ATOM   377  N N     . ILE A 1 49  ? -5.009  -6.011  -10.956 1.00 9.22  ? 49  ILE A N     1 
ATOM   378  C CA    . ILE A 1 49  ? -3.861  -5.938  -11.828 1.00 9.08  ? 49  ILE A CA    1 
ATOM   379  C C     . ILE A 1 49  ? -2.711  -6.436  -10.969 1.00 8.84  ? 49  ILE A C     1 
ATOM   380  O O     . ILE A 1 49  ? -2.573  -6.028  -9.816  1.00 8.72  ? 49  ILE A O     1 
ATOM   381  C CB    . ILE A 1 49  ? -3.631  -4.493  -12.319 1.00 9.32  ? 49  ILE A CB    1 
ATOM   382  C CG1   . ILE A 1 49  ? -4.690  -4.138  -13.372 1.00 9.48  ? 49  ILE A CG1   1 
ATOM   383  C CG2   . ILE A 1 49  ? -2.239  -4.331  -12.904 1.00 9.41  ? 49  ILE A CG2   1 
ATOM   384  C CD1   . ILE A 1 49  ? -4.739  -2.676  -13.764 1.00 9.66  ? 49  ILE A CD1   1 
ATOM   385  N N     . SER A 1 50  ? -1.905  -7.339  -11.510 1.00 8.58  ? 50  SER A N     1 
ATOM   386  C CA    . SER A 1 50  ? -0.857  -7.960  -10.714 1.00 8.57  ? 50  SER A CA    1 
ATOM   387  C C     . SER A 1 50  ? 0.401   -8.181  -11.517 1.00 8.55  ? 50  SER A C     1 
ATOM   388  O O     . SER A 1 50  ? 0.390   -8.142  -12.745 1.00 8.54  ? 50  SER A O     1 
ATOM   389  C CB    . SER A 1 50  ? -1.339  -9.296  -10.151 1.00 8.63  ? 50  SER A CB    1 
ATOM   390  O OG    . SER A 1 50  ? -1.466  -10.262 -11.178 1.00 8.70  ? 50  SER A OG    1 
ATOM   391  N N     . GLY A 1 51  ? 1.487   -8.428  -10.802 1.00 8.50  ? 51  GLY A N     1 
ATOM   392  C CA    . GLY A 1 51  ? 2.764   -8.704  -11.423 1.00 8.67  ? 51  GLY A CA    1 
ATOM   393  C C     . GLY A 1 51  ? 3.603   -9.623  -10.574 1.00 8.79  ? 51  GLY A C     1 
ATOM   394  O O     . GLY A 1 51  ? 3.301   -9.871  -9.406  1.00 8.66  ? 51  GLY A O     1 
ATOM   395  N N     . ARG A 1 52  ? 4.661   -10.135 -11.185 1.00 9.09  ? 52  ARG A N     1 
ATOM   396  C CA    . ARG A 1 52  ? 5.619   -10.970 -10.501 1.00 9.43  ? 52  ARG A CA    1 
ATOM   397  C C     . ARG A 1 52  ? 6.988   -10.648 -11.046 1.00 9.61  ? 52  ARG A C     1 
ATOM   398  O O     . ARG A 1 52  ? 7.173   -10.552 -12.254 1.00 9.72  ? 52  ARG A O     1 
ATOM   399  C CB    . ARG A 1 52  ? 5.307   -12.439 -10.742 1.00 9.62  ? 52  ARG A CB    1 
ATOM   400  C CG    . ARG A 1 52  ? 6.252   -13.383 -10.029 1.00 9.91  ? 52  ARG A CG    1 
ATOM   401  C CD    . ARG A 1 52  ? 6.029   -14.806 -10.493 1.00 10.16 ? 52  ARG A CD    1 
ATOM   402  N NE    . ARG A 1 52  ? 6.934   -15.730 -9.828  1.00 10.49 ? 52  ARG A NE    1 
ATOM   403  C CZ    . ARG A 1 52  ? 7.000   -17.032 -10.090 1.00 10.86 ? 52  ARG A CZ    1 
ATOM   404  N NH1   . ARG A 1 52  ? 6.225   -17.573 -11.027 1.00 11.13 ? 52  ARG A NH1   1 
ATOM   405  N NH2   . ARG A 1 52  ? 7.857   -17.792 -9.423  1.00 11.16 ? 52  ARG A NH2   1 
ATOM   406  N N     . GLY A 1 53  ? 7.952   -10.475 -10.158 1.00 9.73  ? 53  GLY A N     1 
ATOM   407  C CA    . GLY A 1 53  ? 9.295   -10.175 -10.600 1.00 10.02 ? 53  GLY A CA    1 
ATOM   408  C C     . GLY A 1 53  ? 10.304  -10.232 -9.485  1.00 10.20 ? 53  GLY A C     1 
ATOM   409  O O     . GLY A 1 53  ? 9.973   -10.482 -8.327  1.00 10.20 ? 53  GLY A O     1 
ATOM   410  N N     . ASN A 1 54  ? 11.549  -9.997  -9.866  1.00 10.52 ? 54  ASN A N     1 
ATOM   411  C CA    . ASN A 1 54  ? 12.672  -10.064 -8.963  1.00 10.85 ? 54  ASN A CA    1 
ATOM   412  C C     . ASN A 1 54  ? 12.912  -8.703  -8.323  1.00 10.77 ? 54  ASN A C     1 
ATOM   413  O O     . ASN A 1 54  ? 13.103  -7.707  -9.023  1.00 11.00 ? 54  ASN A O     1 
ATOM   414  C CB    . ASN A 1 54  ? 13.907  -10.516 -9.745  1.00 11.17 ? 54  ASN A CB    1 
ATOM   415  C CG    . ASN A 1 54  ? 15.056  -10.926 -8.849  1.00 11.53 ? 54  ASN A CG    1 
ATOM   416  O OD1   . ASN A 1 54  ? 15.511  -10.147 -8.019  1.00 11.98 ? 54  ASN A OD1   1 
ATOM   417  N ND2   . ASN A 1 54  ? 15.547  -12.149 -9.029  1.00 11.72 ? 54  ASN A ND2   1 
ATOM   418  N N     . ILE A 1 55  ? 12.875  -8.660  -6.995  1.00 10.67 ? 55  ILE A N     1 
ATOM   419  C CA    . ILE A 1 55  ? 13.333  -7.493  -6.252  1.00 10.73 ? 55  ILE A CA    1 
ATOM   420  C C     . ILE A 1 55  ? 14.525  -7.924  -5.410  1.00 10.77 ? 55  ILE A C     1 
ATOM   421  O O     . ILE A 1 55  ? 14.375  -8.686  -4.456  1.00 10.54 ? 55  ILE A O     1 
ATOM   422  C CB    . ILE A 1 55  ? 12.230  -6.891  -5.357  1.00 10.77 ? 55  ILE A CB    1 
ATOM   423  C CG1   . ILE A 1 55  ? 11.048  -6.439  -6.223  1.00 10.82 ? 55  ILE A CG1   1 
ATOM   424  C CG2   . ILE A 1 55  ? 12.784  -5.724  -4.546  1.00 10.73 ? 55  ILE A CG2   1 
ATOM   425  C CD1   . ILE A 1 55  ? 9.925   -5.775  -5.451  1.00 10.86 ? 55  ILE A CD1   1 
ATOM   426  N N     . GLU A 1 56  ? 15.711  -7.451  -5.792  1.00 11.07 ? 56  GLU A N     1 
ATOM   427  C CA    . GLU A 1 56  ? 16.940  -7.698  -5.037  1.00 11.38 ? 56  GLU A CA    1 
ATOM   428  C C     . GLU A 1 56  ? 17.192  -9.186  -4.779  1.00 11.23 ? 56  GLU A C     1 
ATOM   429  O O     . GLU A 1 56  ? 17.652  -9.563  -3.706  1.00 11.52 ? 56  GLU A O     1 
ATOM   430  C CB    . GLU A 1 56  ? 16.907  -6.929  -3.709  1.00 11.73 ? 56  GLU A CB    1 
ATOM   431  C CG    . GLU A 1 56  ? 16.573  -5.448  -3.848  1.00 12.14 ? 56  GLU A CG    1 
ATOM   432  C CD    . GLU A 1 56  ? 17.671  -4.635  -4.514  1.00 12.57 ? 56  GLU A CD    1 
ATOM   433  O OE1   . GLU A 1 56  ? 18.780  -5.170  -4.734  1.00 13.13 ? 56  GLU A OE1   1 
ATOM   434  O OE2   . GLU A 1 56  ? 17.423  -3.446  -4.811  1.00 13.02 ? 56  GLU A OE2   1 
ATOM   435  N N     . GLY A 1 57  ? 16.897  -10.025 -5.767  1.00 10.93 ? 57  GLY A N     1 
ATOM   436  C CA    . GLY A 1 57  ? 17.148  -11.461 -5.661  1.00 10.73 ? 57  GLY A CA    1 
ATOM   437  C C     . GLY A 1 57  ? 16.022  -12.263 -5.033  1.00 10.57 ? 57  GLY A C     1 
ATOM   438  O O     . GLY A 1 57  ? 16.204  -13.436 -4.711  1.00 10.74 ? 57  GLY A O     1 
ATOM   439  N N     . HIS A 1 58  ? 14.858  -11.640 -4.863  1.00 10.41 ? 58  HIS A N     1 
ATOM   440  C CA    . HIS A 1 58  ? 13.697  -12.306 -4.282  1.00 10.36 ? 58  HIS A CA    1 
ATOM   441  C C     . HIS A 1 58  ? 12.521  -12.269 -5.242  1.00 10.11 ? 58  HIS A C     1 
ATOM   442  O O     . HIS A 1 58  ? 12.287  -11.262 -5.909  1.00 9.94  ? 58  HIS A O     1 
ATOM   443  C CB    . HIS A 1 58  ? 13.302  -11.639 -2.967  1.00 10.61 ? 58  HIS A CB    1 
ATOM   444  C CG    . HIS A 1 58  ? 14.358  -11.726 -1.916  1.00 10.96 ? 58  HIS A CG    1 
ATOM   445  N ND1   . HIS A 1 58  ? 14.375  -12.720 -0.962  1.00 11.33 ? 58  HIS A ND1   1 
ATOM   446  C CD2   . HIS A 1 58  ? 15.446  -10.958 -1.681  1.00 11.18 ? 58  HIS A CD2   1 
ATOM   447  C CE1   . HIS A 1 58  ? 15.424  -12.552 -0.178  1.00 11.36 ? 58  HIS A CE1   1 
ATOM   448  N NE2   . HIS A 1 58  ? 16.090  -11.490 -0.591  1.00 11.39 ? 58  HIS A NE2   1 
ATOM   449  N N     . ASP A 1 59  ? 11.787  -13.375 -5.293  1.00 10.05 ? 59  ASP A N     1 
ATOM   450  C CA    . ASP A 1 59  ? 10.601  -13.504 -6.125  1.00 10.19 ? 59  ASP A CA    1 
ATOM   451  C C     . ASP A 1 59  ? 9.429   -12.840 -5.399  1.00 9.86  ? 59  ASP A C     1 
ATOM   452  O O     . ASP A 1 59  ? 8.987   -13.320 -4.357  1.00 9.99  ? 59  ASP A O     1 
ATOM   453  C CB    . ASP A 1 59  ? 10.336  -14.995 -6.376  1.00 10.65 ? 59  ASP A CB    1 
ATOM   454  C CG    . ASP A 1 59  ? 9.192   -15.250 -7.338  1.00 11.13 ? 59  ASP A CG    1 
ATOM   455  O OD1   . ASP A 1 59  ? 8.973   -14.445 -8.267  1.00 11.51 ? 59  ASP A OD1   1 
ATOM   456  O OD2   . ASP A 1 59  ? 8.524   -16.296 -7.180  1.00 12.02 ? 59  ASP A OD2   1 
ATOM   457  N N     . VAL A 1 60  ? 8.943   -11.730 -5.944  1.00 9.34  ? 60  VAL A N     1 
ATOM   458  C CA    . VAL A 1 60  ? 7.916   -10.925 -5.280  1.00 9.14  ? 60  VAL A CA    1 
ATOM   459  C C     . VAL A 1 60  ? 6.730   -10.703 -6.212  1.00 8.91  ? 60  VAL A C     1 
ATOM   460  O O     . VAL A 1 60  ? 6.902   -10.471 -7.413  1.00 9.09  ? 60  VAL A O     1 
ATOM   461  C CB    . VAL A 1 60  ? 8.480   -9.561  -4.823  1.00 9.17  ? 60  VAL A CB    1 
ATOM   462  C CG1   . VAL A 1 60  ? 7.416   -8.725  -4.120  1.00 9.27  ? 60  VAL A CG1   1 
ATOM   463  C CG2   . VAL A 1 60  ? 9.678   -9.764  -3.904  1.00 9.16  ? 60  VAL A CG2   1 
ATOM   464  N N     . ARG A 1 61  ? 5.529   -10.774 -5.651  1.00 8.76  ? 61  ARG A N     1 
ATOM   465  C CA    . ARG A 1 61  ? 4.313   -10.466 -6.388  1.00 8.72  ? 61  ARG A CA    1 
ATOM   466  C C     . ARG A 1 61  ? 3.764   -9.105  -5.969  1.00 8.26  ? 61  ARG A C     1 
ATOM   467  O O     . ARG A 1 61  ? 3.880   -8.709  -4.809  1.00 8.07  ? 61  ARG A O     1 
ATOM   468  C CB    . ARG A 1 61  ? 3.269   -11.562 -6.176  1.00 9.13  ? 61  ARG A CB    1 
ATOM   469  C CG    . ARG A 1 61  ? 3.664   -12.880 -6.824  1.00 9.69  ? 61  ARG A CG    1 
ATOM   470  C CD    . ARG A 1 61  ? 2.713   -14.004 -6.462  1.00 10.26 ? 61  ARG A CD    1 
ATOM   471  N NE    . ARG A 1 61  ? 3.254   -15.301 -6.862  1.00 10.94 ? 61  ARG A NE    1 
ATOM   472  C CZ    . ARG A 1 61  ? 3.185   -15.818 -8.085  1.00 11.23 ? 61  ARG A CZ    1 
ATOM   473  N NH1   . ARG A 1 61  ? 2.584   -15.167 -9.075  1.00 11.52 ? 61  ARG A NH1   1 
ATOM   474  N NH2   . ARG A 1 61  ? 3.726   -17.010 -8.316  1.00 11.46 ? 61  ARG A NH2   1 
ATOM   475  N N     . LEU A 1 62  ? 3.194   -8.389  -6.935  1.00 7.93  ? 62  LEU A N     1 
ATOM   476  C CA    . LEU A 1 62  ? 2.553   -7.098  -6.702  1.00 7.76  ? 62  LEU A CA    1 
ATOM   477  C C     . LEU A 1 62  ? 1.082   -7.212  -7.069  1.00 7.50  ? 62  LEU A C     1 
ATOM   478  O O     . LEU A 1 62  ? 0.740   -7.888  -8.035  1.00 7.54  ? 62  LEU A O     1 
ATOM   479  C CB    . LEU A 1 62  ? 3.192   -6.011  -7.562  1.00 7.91  ? 62  LEU A CB    1 
ATOM   480  C CG    . LEU A 1 62  ? 4.704   -5.855  -7.481  1.00 8.12  ? 62  LEU A CG    1 
ATOM   481  C CD1   . LEU A 1 62  ? 5.146   -4.736  -8.410  1.00 8.20  ? 62  LEU A CD1   1 
ATOM   482  C CD2   . LEU A 1 62  ? 5.153   -5.578  -6.059  1.00 8.14  ? 62  LEU A CD2   1 
ATOM   483  N N     . LEU A 1 63  ? 0.219   -6.535  -6.317  1.00 7.21  ? 63  LEU A N     1 
ATOM   484  C CA    . LEU A 1 63  ? -1.220  -6.602  -6.560  1.00 7.11  ? 63  LEU A CA    1 
ATOM   485  C C     . LEU A 1 63  ? -1.902  -5.256  -6.346  1.00 7.20  ? 63  LEU A C     1 
ATOM   486  O O     . LEU A 1 63  ? -1.728  -4.618  -5.307  1.00 7.05  ? 63  LEU A O     1 
ATOM   487  C CB    . LEU A 1 63  ? -1.856  -7.657  -5.648  1.00 7.01  ? 63  LEU A CB    1 
ATOM   488  C CG    . LEU A 1 63  ? -3.380  -7.806  -5.723  1.00 6.97  ? 63  LEU A CG    1 
ATOM   489  C CD1   . LEU A 1 63  ? -3.817  -8.301  -7.094  1.00 6.96  ? 63  LEU A CD1   1 
ATOM   490  C CD2   . LEU A 1 63  ? -3.881  -8.743  -4.638  1.00 6.95  ? 63  LEU A CD2   1 
ATOM   491  N N     . LEU A 1 64  ? -2.678  -4.838  -7.345  1.00 7.38  ? 64  LEU A N     1 
ATOM   492  C CA    . LEU A 1 64  ? -3.587  -3.698  -7.233  1.00 7.64  ? 64  LEU A CA    1 
ATOM   493  C C     . LEU A 1 64  ? -5.008  -4.226  -7.411  1.00 7.82  ? 64  LEU A C     1 
ATOM   494  O O     . LEU A 1 64  ? -5.386  -4.597  -8.522  1.00 7.69  ? 64  LEU A O     1 
ATOM   495  C CB    . LEU A 1 64  ? -3.300  -2.667  -8.328  1.00 7.73  ? 64  LEU A CB    1 
ATOM   496  C CG    . LEU A 1 64  ? -1.881  -2.119  -8.440  1.00 7.84  ? 64  LEU A CG    1 
ATOM   497  C CD1   . LEU A 1 64  ? -1.799  -1.137  -9.598  1.00 7.92  ? 64  LEU A CD1   1 
ATOM   498  C CD2   . LEU A 1 64  ? -1.447  -1.459  -7.148  1.00 7.89  ? 64  LEU A CD2   1 
ATOM   499  N N     . PRO A 1 65  ? -5.795  -4.290  -6.324  1.00 8.11  ? 65  PRO A N     1 
ATOM   500  C CA    . PRO A 1 65  ? -7.184  -4.708  -6.493  1.00 8.50  ? 65  PRO A CA    1 
ATOM   501  C C     . PRO A 1 65  ? -7.947  -3.748  -7.405  1.00 9.12  ? 65  PRO A C     1 
ATOM   502  O O     . PRO A 1 65  ? -7.764  -2.536  -7.307  1.00 9.07  ? 65  PRO A O     1 
ATOM   503  C CB    . PRO A 1 65  ? -7.744  -4.646  -5.069  1.00 8.32  ? 65  PRO A CB    1 
ATOM   504  C CG    . PRO A 1 65  ? -6.550  -4.814  -4.189  1.00 8.22  ? 65  PRO A CG    1 
ATOM   505  C CD    . PRO A 1 65  ? -5.463  -4.073  -4.905  1.00 8.13  ? 65  PRO A CD    1 
ATOM   506  N N     . MET A 1 66  ? -8.787  -4.307  -8.259  1.00 10.03 ? 66  MET A N     1 
ATOM   507  C CA    . MET A 1 66  ? -9.594  -3.488  -9.144  1.00 10.86 ? 66  MET A CA    1 
ATOM   508  C C     . MET A 1 66  ? -11.069 -3.668  -8.800  1.00 10.84 ? 66  MET A C     1 
ATOM   509  O O     . MET A 1 66  ? -11.888 -3.585  -9.649  1.00 11.38 ? 66  MET A O     1 
ATOM   510  C CB    . MET A 1 66  ? -9.297  -3.880  -10.586 1.00 11.58 ? 66  MET A CB    1 
ATOM   511  C CG    . MET A 1 66  ? -7.903  -3.464  -11.062 1.00 12.34 ? 66  MET A CG    1 
ATOM   512  S SD    . MET A 1 66  ? -7.682  -1.641  -11.108 1.00 13.68 ? 66  MET A SD    1 
ATOM   513  C CE    . MET A 1 66  ? -6.051  -1.428  -10.471 1.00 13.66 ? 66  MET A CE    1 
ATOM   514  N N     . THR A 1 67  ? -11.330 -3.842  -7.538  1.00 10.59 ? 67  THR A N     1 
ATOM   515  C CA    . THR A 1 67  ? -12.630 -4.169  -6.974  1.00 10.56 ? 67  THR A CA    1 
ATOM   516  C C     . THR A 1 67  ? -13.391 -2.934  -6.492  1.00 10.66 ? 67  THR A C     1 
ATOM   517  O O     . THR A 1 67  ? -14.554 -3.039  -6.104  1.00 10.66 ? 67  THR A O     1 
ATOM   518  C CB    . THR A 1 67  ? -12.417 -5.042  -5.725  1.00 10.47 ? 67  THR A CB    1 
ATOM   519  O OG1   . THR A 1 67  ? -11.483 -4.386  -4.853  1.00 10.39 ? 67  THR A OG1   1 
ATOM   520  C CG2   . THR A 1 67  ? -11.872 -6.406  -6.093  1.00 10.42 ? 67  THR A CG2   1 
ATOM   521  N N     . TYR A 1 68  ? -12.724 -1.779  -6.535  1.00 10.82 ? 68  TYR A N     1 
ATOM   522  C CA    . TYR A 1 68  ? -13.048 -0.603  -5.718  1.00 11.09 ? 68  TYR A CA    1 
ATOM   523  C C     . TYR A 1 68  ? -12.620 -0.844  -4.269  1.00 10.62 ? 68  TYR A C     1 
ATOM   524  O O     . TYR A 1 68  ? -12.608 -1.979  -3.785  1.00 10.28 ? 68  TYR A O     1 
ATOM   525  C CB    . TYR A 1 68  ? -14.516 -0.165  -5.838  1.00 11.80 ? 68  TYR A CB    1 
ATOM   526  C CG    . TYR A 1 68  ? -14.837 0.375   -7.211  1.00 12.57 ? 68  TYR A CG    1 
ATOM   527  C CD1   . TYR A 1 68  ? -14.617 1.714   -7.520  1.00 13.08 ? 68  TYR A CD1   1 
ATOM   528  C CD2   . TYR A 1 68  ? -15.331 -0.457  -8.211  1.00 13.26 ? 68  TYR A CD2   1 
ATOM   529  C CE1   . TYR A 1 68  ? -14.892 2.214   -8.782  1.00 13.63 ? 68  TYR A CE1   1 
ATOM   530  C CE2   . TYR A 1 68  ? -15.612 0.034   -9.477  1.00 13.70 ? 68  TYR A CE2   1 
ATOM   531  C CZ    . TYR A 1 68  ? -15.392 1.369   -9.756  1.00 13.91 ? 68  TYR A CZ    1 
ATOM   532  O OH    . TYR A 1 68  ? -15.666 1.856   -11.014 1.00 14.95 ? 68  TYR A OH    1 
ATOM   533  N N     . MET A 1 69  ? -12.244 0.234   -3.591  1.00 10.30 ? 69  MET A N     1 
ATOM   534  C CA    . MET A 1 69  ? -11.545 0.140   -2.310  1.00 10.19 ? 69  MET A CA    1 
ATOM   535  C C     . MET A 1 69  ? -12.248 -0.730  -1.279  1.00 10.63 ? 69  MET A C     1 
ATOM   536  O O     . MET A 1 69  ? -11.612 -1.562  -0.638  1.00 10.23 ? 69  MET A O     1 
ATOM   537  C CB    . MET A 1 69  ? -11.358 1.529   -1.709  1.00 9.81  ? 69  MET A CB    1 
ATOM   538  C CG    . MET A 1 69  ? -10.585 1.541   -0.405  1.00 9.41  ? 69  MET A CG    1 
ATOM   539  S SD    . MET A 1 69  ? -8.879  1.041   -0.653  1.00 8.73  ? 69  MET A SD    1 
ATOM   540  C CE    . MET A 1 69  ? -8.132  2.642   -0.947  1.00 8.82  ? 69  MET A CE    1 
ATOM   541  N N     . ASN A 1 70  ? -13.551 -0.531  -1.109  1.00 11.44 ? 70  ASN A N     1 
ATOM   542  C CA    . ASN A 1 70  ? -14.270 -1.196  -0.022  1.00 12.16 ? 70  ASN A CA    1 
ATOM   543  C C     . ASN A 1 70  ? -14.495 -2.694  -0.250  1.00 12.04 ? 70  ASN A C     1 
ATOM   544  O O     . ASN A 1 70  ? -15.012 -3.378  0.632   1.00 11.97 ? 70  ASN A O     1 
ATOM   545  C CB    . ASN A 1 70  ? -15.589 -0.472  0.294   1.00 13.01 ? 70  ASN A CB    1 
ATOM   546  C CG    . ASN A 1 70  ? -16.650 -0.668  -0.772  1.00 13.85 ? 70  ASN A CG    1 
ATOM   547  O OD1   . ASN A 1 70  ? -16.346 -0.930  -1.936  1.00 15.16 ? 70  ASN A OD1   1 
ATOM   548  N ND2   . ASN A 1 70  ? -17.912 -0.519  -0.379  1.00 14.75 ? 70  ASN A ND2   1 
ATOM   549  N N     . ARG A 1 71  ? -14.103 -3.172  -1.428  1.00 11.87 ? 71  ARG A N     1 
ATOM   550  C CA    . ARG A 1 71  ? -14.150 -4.564  -1.750  1.00 11.81 ? 71  ARG A CA    1 
ATOM   551  C C     . ARG A 1 71  ? -12.761 -5.174  -1.980  1.00 10.92 ? 71  ARG A C     1 
ATOM   552  O O     . ARG A 1 71  ? -12.672 -6.189  -2.522  1.00 10.56 ? 71  ARG A O     1 
ATOM   553  C CB    . ARG A 1 71  ? -15.031 -4.840  -2.949  1.00 12.80 ? 71  ARG A CB    1 
ATOM   554  C CG    . ARG A 1 71  ? -16.430 -4.321  -2.662  1.00 13.90 ? 71  ARG A CG    1 
ATOM   555  C CD    . ARG A 1 71  ? -17.183 -4.078  -3.923  1.00 15.07 ? 71  ARG A CD    1 
ATOM   556  N NE    . ARG A 1 71  ? -17.654 -5.328  -4.305  1.00 16.18 ? 71  ARG A NE    1 
ATOM   557  C CZ    . ARG A 1 71  ? -17.215 -6.001  -5.358  1.00 17.18 ? 71  ARG A CZ    1 
ATOM   558  N NH1   . ARG A 1 71  ? -16.315 -5.487  -6.204  1.00 17.99 ? 71  ARG A NH1   1 
ATOM   559  N NH2   . ARG A 1 71  ? -17.698 -7.195  -5.594  1.00 17.84 ? 71  ARG A NH2   1 
ATOM   560  N N     . SER A 1 72  ? -11.729 -4.516  -1.482  1.00 10.05 ? 72  SER A N     1 
ATOM   561  C CA    . SER A 1 72  ? -10.331 -4.900  -1.732  1.00 9.55  ? 72  SER A CA    1 
ATOM   562  C C     . SER A 1 72  ? -10.011 -6.341  -1.346  1.00 9.27  ? 72  SER A C     1 
ATOM   563  O O     . SER A 1 72  ? -9.203  -6.997  -2.002  1.00 8.87  ? 72  SER A O     1 
ATOM   564  C CB    . SER A 1 72  ? -9.376  -3.967  -0.984  1.00 9.44  ? 72  SER A CB    1 
ATOM   565  O OG    . SER A 1 72  ? -9.388  -2.665  -1.539  1.00 9.31  ? 72  SER A OG    1 
ATOM   566  N N     . GLY A 1 73  ? -10.640 -6.827  -0.278  1.00 9.08  ? 73  GLY A N     1 
ATOM   567  C CA    . GLY A 1 73  ? -10.445 -8.199  0.175   1.00 9.03  ? 73  GLY A CA    1 
ATOM   568  C C     . GLY A 1 73  ? -10.865 -9.245  -0.840  1.00 9.02  ? 73  GLY A C     1 
ATOM   569  O O     . GLY A 1 73  ? -10.360 -10.367 -0.823  1.00 8.85  ? 73  GLY A O     1 
ATOM   570  N N     . GLN A 1 74  ? -11.792 -8.889  -1.732  1.00 9.15  ? 74  GLN A N     1 
ATOM   571  C CA    . GLN A 1 74  ? -12.230 -9.786  -2.774  1.00 9.39  ? 74  GLN A CA    1 
ATOM   572  C C     . GLN A 1 74  ? -11.152 -10.078 -3.844  1.00 8.97  ? 74  GLN A C     1 
ATOM   573  O O     . GLN A 1 74  ? -11.257 -10.994 -4.547  1.00 9.12  ? 74  GLN A O     1 
ATOM   574  C CB    . GLN A 1 74  ? -13.546 -9.306  -3.393  1.00 9.99  ? 74  GLN A CB    1 
ATOM   575  C CG    . GLN A 1 74  ? -14.619 -8.997  -2.299  1.00 10.68 ? 74  GLN A CG    1 
ATOM   576  C CD    . GLN A 1 74  ? -16.072 -9.007  -2.748  1.00 11.22 ? 74  GLN A CD    1 
ATOM   577  O OE1   . GLN A 1 74  ? -16.413 -9.713  -3.649  1.00 12.11 ? 74  GLN A OE1   1 
ATOM   578  N NE2   . GLN A 1 74  ? -16.903 -8.210  -2.097  1.00 11.52 ? 74  GLN A NE2   1 
ATOM   579  N N     . SER A 1 75  ? -10.124 -9.238  -3.875  1.00 8.43  ? 75  SER A N     1 
ATOM   580  C CA    . SER A 1 75  ? -8.880  -9.536  -4.592  1.00 8.06  ? 75  SER A CA    1 
ATOM   581  C C     . SER A 1 75  ? -7.767  -10.096 -3.733  1.00 7.72  ? 75  SER A C     1 
ATOM   582  O O     . SER A 1 75  ? -7.252  -11.092 -4.042  1.00 7.59  ? 75  SER A O     1 
ATOM   583  C CB    . SER A 1 75  ? -8.407  -8.256  -5.253  1.00 8.00  ? 75  SER A CB    1 
ATOM   584  O OG    . SER A 1 75  ? -7.189  -8.440  -5.961  1.00 8.01  ? 75  SER A OG    1 
ATOM   585  N N     . VAL A 1 76  ? -7.443  -9.406  -2.643  1.00 7.43  ? 76  VAL A N     1 
ATOM   586  C CA    . VAL A 1 76  ? -6.288  -9.756  -1.835  1.00 7.24  ? 76  VAL A CA    1 
ATOM   587  C C     . VAL A 1 76  ? -6.384  -11.122 -1.204  1.00 7.19  ? 76  VAL A C     1 
ATOM   588  O O     . VAL A 1 76  ? -5.471  -11.837 -1.212  1.00 7.10  ? 76  VAL A O     1 
ATOM   589  C CB    . VAL A 1 76  ? -6.084  -8.698  -0.725  1.00 7.23  ? 76  VAL A CB    1 
ATOM   590  C CG1   . VAL A 1 76  ? -4.891  -9.022  0.167   1.00 7.23  ? 76  VAL A CG1   1 
ATOM   591  C CG2   . VAL A 1 76  ? -5.850  -7.347  -1.355  1.00 7.21  ? 76  VAL A CG2   1 
ATOM   592  N N     . VAL A 1 77  ? -7.548  -11.448 -0.684  1.00 7.17  ? 77  VAL A N     1 
ATOM   593  C CA    . VAL A 1 77  ? -7.707  -12.706 0.039   1.00 7.21  ? 77  VAL A CA    1 
ATOM   594  C C     . VAL A 1 77  ? -7.510  -13.924 -0.878  1.00 7.27  ? 77  VAL A C     1 
ATOM   595  O O     . VAL A 1 77  ? -6.648  -14.750 -0.598  1.00 7.34  ? 77  VAL A O     1 
ATOM   596  C CB    . VAL A 1 77  ? -9.042  -12.760 0.817   1.00 7.20  ? 77  VAL A CB    1 
ATOM   597  C CG1   . VAL A 1 77  ? -9.207  -14.107 1.506   1.00 7.20  ? 77  VAL A CG1   1 
ATOM   598  C CG2   . VAL A 1 77  ? -9.096  -11.632 1.843   1.00 7.21  ? 77  VAL A CG2   1 
ATOM   599  N N     . PRO A 1 78  ? -8.276  -14.029 -1.985  1.00 7.39  ? 78  PRO A N     1 
ATOM   600  C CA    . PRO A 1 78  ? -8.067  -15.204 -2.847  1.00 7.51  ? 78  PRO A CA    1 
ATOM   601  C C     . PRO A 1 78  ? -6.685  -15.252 -3.505  1.00 7.62  ? 78  PRO A C     1 
ATOM   602  O O     . PRO A 1 78  ? -6.138  -16.332 -3.705  1.00 7.65  ? 78  PRO A O     1 
ATOM   603  C CB    . PRO A 1 78  ? -9.173  -15.072 -3.904  1.00 7.49  ? 78  PRO A CB    1 
ATOM   604  C CG    . PRO A 1 78  ? -9.555  -13.635 -3.889  1.00 7.52  ? 78  PRO A CG    1 
ATOM   605  C CD    . PRO A 1 78  ? -9.402  -13.205 -2.460  1.00 7.46  ? 78  PRO A CD    1 
ATOM   606  N N     . PHE A 1 79  ? -6.128  -14.091 -3.838  1.00 7.78  ? 79  PHE A N     1 
ATOM   607  C CA    . PHE A 1 79  ? -4.778  -14.019 -4.398  1.00 7.89  ? 79  PHE A CA    1 
ATOM   608  C C     . PHE A 1 79  ? -3.758  -14.606 -3.421  1.00 8.31  ? 79  PHE A C     1 
ATOM   609  O O     . PHE A 1 79  ? -2.981  -15.490 -3.780  1.00 8.13  ? 79  PHE A O     1 
ATOM   610  C CB    . PHE A 1 79  ? -4.420  -12.567 -4.731  1.00 7.75  ? 79  PHE A CB    1 
ATOM   611  C CG    . PHE A 1 79  ? -3.143  -12.409 -5.509  1.00 7.59  ? 79  PHE A CG    1 
ATOM   612  C CD1   . PHE A 1 79  ? -1.911  -12.439 -4.869  1.00 7.57  ? 79  PHE A CD1   1 
ATOM   613  C CD2   . PHE A 1 79  ? -3.177  -12.200 -6.882  1.00 7.56  ? 79  PHE A CD2   1 
ATOM   614  C CE1   . PHE A 1 79  ? -0.740  -12.281 -5.581  1.00 7.54  ? 79  PHE A CE1   1 
ATOM   615  C CE2   . PHE A 1 79  ? -2.004  -12.043 -7.601  1.00 7.56  ? 79  PHE A CE2   1 
ATOM   616  C CZ    . PHE A 1 79  ? -0.785  -12.082 -6.948  1.00 7.53  ? 79  PHE A CZ    1 
ATOM   617  N N     . SER A 1 80  ? -3.771  -14.120 -2.183  1.00 8.89  ? 80  SER A N     1 
ATOM   618  C CA    . SER A 1 80  ? -2.806  -14.578 -1.178  1.00 9.50  ? 80  SER A CA    1 
ATOM   619  C C     . SER A 1 80  ? -2.991  -16.061 -0.865  1.00 10.10 ? 80  SER A C     1 
ATOM   620  O O     . SER A 1 80  ? -2.015  -16.783 -0.667  1.00 10.09 ? 80  SER A O     1 
ATOM   621  C CB    . SER A 1 80  ? -2.889  -13.737 0.102   1.00 9.63  ? 80  SER A CB    1 
ATOM   622  O OG    . SER A 1 80  ? -4.122  -13.912 0.767   1.00 9.87  ? 80  SER A OG    1 
ATOM   623  N N     . LYS A 1 81  ? -4.238  -16.519 -0.836  1.00 10.90 ? 81  LYS A N     1 
ATOM   624  C CA    . LYS A 1 81  ? -4.519  -17.931 -0.575  1.00 11.69 ? 81  LYS A CA    1 
ATOM   625  C C     . LYS A 1 81  ? -4.050  -18.832 -1.720  1.00 11.66 ? 81  LYS A C     1 
ATOM   626  O O     . LYS A 1 81  ? -3.431  -19.871 -1.482  1.00 11.68 ? 81  LYS A O     1 
ATOM   627  C CB    . LYS A 1 81  ? -6.004  -18.138 -0.279  1.00 12.53 ? 81  LYS A CB    1 
ATOM   628  C CG    . LYS A 1 81  ? -6.398  -17.625 1.094   1.00 13.42 ? 81  LYS A CG    1 
ATOM   629  C CD    . LYS A 1 81  ? -7.825  -17.990 1.462   1.00 14.23 ? 81  LYS A CD    1 
ATOM   630  C CE    . LYS A 1 81  ? -7.998  -18.073 2.969   1.00 14.78 ? 81  LYS A CE    1 
ATOM   631  N NZ    . LYS A 1 81  ? -7.373  -19.297 3.543   1.00 15.21 ? 81  LYS A NZ    1 
ATOM   632  N N     . PHE A 1 82  ? -4.323  -18.427 -2.956  1.00 11.57 ? 82  PHE A N     1 
ATOM   633  C CA    . PHE A 1 82  ? -3.900  -19.204 -4.125  1.00 11.74 ? 82  PHE A CA    1 
ATOM   634  C C     . PHE A 1 82  ? -2.387  -19.421 -4.155  1.00 11.57 ? 82  PHE A C     1 
ATOM   635  O O     . PHE A 1 82  ? -1.918  -20.538 -4.376  1.00 11.64 ? 82  PHE A O     1 
ATOM   636  C CB    . PHE A 1 82  ? -4.352  -18.523 -5.418  1.00 11.99 ? 82  PHE A CB    1 
ATOM   637  C CG    . PHE A 1 82  ? -4.045  -19.315 -6.657  1.00 12.36 ? 82  PHE A CG    1 
ATOM   638  C CD1   . PHE A 1 82  ? -4.915  -20.301 -7.096  1.00 12.63 ? 82  PHE A CD1   1 
ATOM   639  C CD2   . PHE A 1 82  ? -2.885  -19.080 -7.381  1.00 12.63 ? 82  PHE A CD2   1 
ATOM   640  C CE1   . PHE A 1 82  ? -4.639  -21.036 -8.236  1.00 12.91 ? 82  PHE A CE1   1 
ATOM   641  C CE2   . PHE A 1 82  ? -2.601  -19.812 -8.522  1.00 12.85 ? 82  PHE A CE2   1 
ATOM   642  C CZ    . PHE A 1 82  ? -3.480  -20.793 -8.949  1.00 12.94 ? 82  PHE A CZ    1 
ATOM   643  N N     . TYR A 1 83  ? -1.629  -18.355 -3.918  1.00 11.25 ? 83  TYR A N     1 
ATOM   644  C CA    . TYR A 1 83  ? -0.166  -18.424 -3.955  1.00 11.16 ? 83  TYR A CA    1 
ATOM   645  C C     . TYR A 1 83  ? 0.458   -18.811 -2.613  1.00 11.20 ? 83  TYR A C     1 
ATOM   646  O O     . TYR A 1 83  ? 1.681   -18.818 -2.481  1.00 11.25 ? 83  TYR A O     1 
ATOM   647  C CB    . TYR A 1 83  ? 0.407   -17.104 -4.483  1.00 11.15 ? 83  TYR A CB    1 
ATOM   648  C CG    . TYR A 1 83  ? 0.011   -16.855 -5.922  1.00 11.11 ? 83  TYR A CG    1 
ATOM   649  C CD1   . TYR A 1 83  ? 0.525   -17.645 -6.945  1.00 11.17 ? 83  TYR A CD1   1 
ATOM   650  C CD2   . TYR A 1 83  ? -0.902  -15.859 -6.259  1.00 11.12 ? 83  TYR A CD2   1 
ATOM   651  C CE1   . TYR A 1 83  ? 0.157   -17.439 -8.263  1.00 11.19 ? 83  TYR A CE1   1 
ATOM   652  C CE2   . TYR A 1 83  ? -1.271  -15.641 -7.577  1.00 11.13 ? 83  TYR A CE2   1 
ATOM   653  C CZ    . TYR A 1 83  ? -0.741  -16.436 -8.574  1.00 11.24 ? 83  TYR A CZ    1 
ATOM   654  O OH    . TYR A 1 83  ? -1.106  -16.232 -9.884  1.00 11.43 ? 83  TYR A OH    1 
ATOM   655  N N     . GLN A 1 84  ? -0.384  -19.151 -1.639  1.00 11.26 ? 84  GLN A N     1 
ATOM   656  C CA    . GLN A 1 84  ? 0.052   -19.595 -0.311  1.00 11.40 ? 84  GLN A CA    1 
ATOM   657  C C     . GLN A 1 84  ? 0.996   -18.594 0.347   1.00 10.77 ? 84  GLN A C     1 
ATOM   658  O O     . GLN A 1 84  ? 2.056   -18.950 0.854   1.00 10.49 ? 84  GLN A O     1 
ATOM   659  C CB    . GLN A 1 84  ? 0.687   -20.988 -0.376  1.00 12.17 ? 84  GLN A CB    1 
ATOM   660  C CG    . GLN A 1 84  ? -0.253  -22.064 -0.902  1.00 13.09 ? 84  GLN A CG    1 
ATOM   661  C CD    . GLN A 1 84  ? 0.068   -23.455 -0.376  1.00 14.07 ? 84  GLN A CD    1 
ATOM   662  O OE1   . GLN A 1 84  ? 1.202   -23.751 0.006   1.00 15.47 ? 84  GLN A OE1   1 
ATOM   663  N NE2   . GLN A 1 84  ? -0.939  -24.314 -0.346  1.00 14.79 ? 84  GLN A NE2   1 
ATOM   664  N N     . ILE A 1 85  ? 0.591   -17.331 0.321   1.00 10.10 ? 85  ILE A N     1 
ATOM   665  C CA    . ILE A 1 85  ? 1.352   -16.256 0.935   1.00 9.80  ? 85  ILE A CA    1 
ATOM   666  C C     . ILE A 1 85  ? 0.691   -15.929 2.267   1.00 9.38  ? 85  ILE A C     1 
ATOM   667  O O     . ILE A 1 85  ? -0.472  -15.524 2.313   1.00 9.49  ? 85  ILE A O     1 
ATOM   668  C CB    . ILE A 1 85  ? 1.417   -15.019 0.017   1.00 9.98  ? 85  ILE A CB    1 
ATOM   669  C CG1   . ILE A 1 85  ? 2.066   -15.406 -1.320  1.00 10.17 ? 85  ILE A CG1   1 
ATOM   670  C CG2   . ILE A 1 85  ? 2.192   -13.893 0.691   1.00 9.96  ? 85  ILE A CG2   1 
ATOM   671  C CD1   . ILE A 1 85  ? 2.080   -14.311 -2.362  1.00 10.35 ? 85  ILE A CD1   1 
ATOM   672  N N     . ALA A 1 86  ? 1.432   -16.141 3.350   1.00 8.95  ? 86  ALA A N     1 
ATOM   673  C CA    . ALA A 1 86  ? 0.932   -15.872 4.692   1.00 8.69  ? 86  ALA A CA    1 
ATOM   674  C C     . ALA A 1 86  ? 0.914   -14.366 4.938   1.00 8.49  ? 86  ALA A C     1 
ATOM   675  O O     . ALA A 1 86  ? 1.717   -13.640 4.350   1.00 8.34  ? 86  ALA A O     1 
ATOM   676  C CB    . ALA A 1 86  ? 1.805   -16.563 5.724   1.00 8.68  ? 86  ALA A CB    1 
ATOM   677  N N     . PRO A 1 87  ? 0.010   -13.890 5.814   1.00 8.41  ? 87  PRO A N     1 
ATOM   678  C CA    . PRO A 1 87  ? -0.065  -12.454 6.122   1.00 8.34  ? 87  PRO A CA    1 
ATOM   679  C C     . PRO A 1 87  ? 1.280   -11.851 6.528   1.00 8.26  ? 87  PRO A C     1 
ATOM   680  O O     . PRO A 1 87  ? 1.578   -10.711 6.177   1.00 8.12  ? 87  PRO A O     1 
ATOM   681  C CB    . PRO A 1 87  ? -1.055  -12.374 7.290   1.00 8.45  ? 87  PRO A CB    1 
ATOM   682  C CG    . PRO A 1 87  ? -1.763  -13.676 7.335   1.00 8.54  ? 87  PRO A CG    1 
ATOM   683  C CD    . PRO A 1 87  ? -1.035  -14.676 6.495   1.00 8.47  ? 87  PRO A CD    1 
ATOM   684  N N     . GLU A 1 88  ? 2.093   -12.630 7.234   1.00 8.15  ? 88  GLU A N     1 
ATOM   685  C CA    . GLU A 1 88  ? 3.389   -12.166 7.718   1.00 8.14  ? 88  GLU A CA    1 
ATOM   686  C C     . GLU A 1 88  ? 4.376   -11.836 6.586   1.00 7.77  ? 88  GLU A C     1 
ATOM   687  O O     . GLU A 1 88  ? 5.387   -11.167 6.821   1.00 7.85  ? 88  GLU A O     1 
ATOM   688  C CB    . GLU A 1 88  ? 3.997   -13.202 8.677   1.00 8.38  ? 88  GLU A CB    1 
ATOM   689  C CG    . GLU A 1 88  ? 3.252   -13.351 10.005  1.00 8.73  ? 88  GLU A CG    1 
ATOM   690  C CD    . GLU A 1 88  ? 2.026   -14.256 9.947   1.00 8.94  ? 88  GLU A CD    1 
ATOM   691  O OE1   . GLU A 1 88  ? 1.700   -14.793 8.867   1.00 9.15  ? 88  GLU A OE1   1 
ATOM   692  O OE2   . GLU A 1 88  ? 1.371   -14.434 11.001  1.00 9.64  ? 88  GLU A OE2   1 
ATOM   693  N N     . ALA A 1 89  ? 4.078   -12.306 5.372   1.00 7.35  ? 89  ALA A N     1 
ATOM   694  C CA    . ALA A 1 89  ? 4.879   -12.002 4.184   1.00 7.05  ? 89  ALA A CA    1 
ATOM   695  C C     . ALA A 1 89  ? 4.201   -10.987 3.253   1.00 6.80  ? 89  ALA A C     1 
ATOM   696  O O     . ALA A 1 89  ? 4.637   -10.800 2.112   1.00 6.86  ? 89  ALA A O     1 
ATOM   697  C CB    . ALA A 1 89  ? 5.183   -13.286 3.425   1.00 7.00  ? 89  ALA A CB    1 
ATOM   698  N N     . ILE A 1 90  ? 3.140   -10.339 3.735   1.00 6.55  ? 90  ILE A N     1 
ATOM   699  C CA    . ILE A 1 90  ? 2.405   -9.356  2.943   1.00 6.33  ? 90  ILE A CA    1 
ATOM   700  C C     . ILE A 1 90  ? 2.666   -7.939  3.446   1.00 6.16  ? 90  ILE A C     1 
ATOM   701  O O     . ILE A 1 90  ? 2.628   -7.685  4.654   1.00 6.11  ? 90  ILE A O     1 
ATOM   702  C CB    . ILE A 1 90  ? 0.883   -9.618  2.978   1.00 6.34  ? 90  ILE A CB    1 
ATOM   703  C CG1   . ILE A 1 90  ? 0.574   -11.020 2.448   1.00 6.35  ? 90  ILE A CG1   1 
ATOM   704  C CG2   . ILE A 1 90  ? 0.139   -8.568  2.160   1.00 6.33  ? 90  ILE A CG2   1 
ATOM   705  C CD1   . ILE A 1 90  ? -0.886  -11.412 2.534   1.00 6.39  ? 90  ILE A CD1   1 
ATOM   706  N N     . LEU A 1 91  ? 2.925   -7.031  2.507   1.00 6.05  ? 91  LEU A N     1 
ATOM   707  C CA    . LEU A 1 91  ? 2.961   -5.597  2.770   1.00 6.01  ? 91  LEU A CA    1 
ATOM   708  C C     . LEU A 1 91  ? 1.800   -4.954  2.028   1.00 5.91  ? 91  LEU A C     1 
ATOM   709  O O     . LEU A 1 91  ? 1.673   -5.125  0.815   1.00 5.86  ? 91  LEU A O     1 
ATOM   710  C CB    . LEU A 1 91  ? 4.275   -4.993  2.274   1.00 6.08  ? 91  LEU A CB    1 
ATOM   711  C CG    . LEU A 1 91  ? 4.418   -3.470  2.405   1.00 6.15  ? 91  LEU A CG    1 
ATOM   712  C CD1   . LEU A 1 91  ? 4.486   -3.060  3.870   1.00 6.19  ? 91  LEU A CD1   1 
ATOM   713  C CD2   . LEU A 1 91  ? 5.636   -2.982  1.633   1.00 6.23  ? 91  LEU A CD2   1 
ATOM   714  N N     . ILE A 1 92  ? 0.960   -4.211  2.744   1.00 5.83  ? 92  ILE A N     1 
ATOM   715  C CA    . ILE A 1 92  ? -0.125  -3.472  2.110   1.00 5.85  ? 92  ILE A CA    1 
ATOM   716  C C     . ILE A 1 92  ? 0.126   -1.975  2.260   1.00 5.89  ? 92  ILE A C     1 
ATOM   717  O O     . ILE A 1 92  ? 0.169   -1.450  3.371   1.00 5.93  ? 92  ILE A O     1 
ATOM   718  C CB    . ILE A 1 92  ? -1.504  -3.856  2.682   1.00 5.86  ? 92  ILE A CB    1 
ATOM   719  C CG1   . ILE A 1 92  ? -1.679  -5.380  2.605   1.00 5.88  ? 92  ILE A CG1   1 
ATOM   720  C CG2   . ILE A 1 92  ? -2.603  -3.119  1.922   1.00 5.89  ? 92  ILE A CG2   1 
ATOM   721  C CD1   . ILE A 1 92  ? -3.073  -5.885  2.907   1.00 5.93  ? 92  ILE A CD1   1 
ATOM   722  N N     . ALA A 1 93  ? 0.308   -1.303  1.129   1.00 5.96  ? 93  ALA A N     1 
ATOM   723  C CA    . ALA A 1 93  ? 0.495   0.143   1.104   1.00 6.04  ? 93  ALA A CA    1 
ATOM   724  C C     . ALA A 1 93  ? -0.863  0.816   0.991   1.00 6.19  ? 93  ALA A C     1 
ATOM   725  O O     . ALA A 1 93  ? -1.682  0.445   0.148   1.00 6.13  ? 93  ALA A O     1 
ATOM   726  C CB    . ALA A 1 93  ? 1.377   0.540   -0.068  1.00 6.01  ? 93  ALA A CB    1 
ATOM   727  N N     . HIS A 1 94  ? -1.104  1.808   1.842   1.00 6.44  ? 94  HIS A N     1 
ATOM   728  C CA    . HIS A 1 94  ? -2.393  2.480   1.863   1.00 6.73  ? 94  HIS A CA    1 
ATOM   729  C C     . HIS A 1 94  ? -2.273  3.901   2.386   1.00 7.04  ? 94  HIS A C     1 
ATOM   730  O O     . HIS A 1 94  ? -1.336  4.231   3.109   1.00 6.97  ? 94  HIS A O     1 
ATOM   731  C CB    . HIS A 1 94  ? -3.386  1.689   2.725   1.00 6.73  ? 94  HIS A CB    1 
ATOM   732  C CG    . HIS A 1 94  ? -3.036  1.654   4.181   1.00 6.75  ? 94  HIS A CG    1 
ATOM   733  N ND1   . HIS A 1 94  ? -3.467  2.616   5.070   1.00 6.76  ? 94  HIS A ND1   1 
ATOM   734  C CD2   . HIS A 1 94  ? -2.296  0.781   4.905   1.00 6.77  ? 94  HIS A CD2   1 
ATOM   735  C CE1   . HIS A 1 94  ? -3.005  2.337   6.277   1.00 6.81  ? 94  HIS A CE1   1 
ATOM   736  N NE2   . HIS A 1 94  ? -2.294  1.227   6.205   1.00 6.87  ? 94  HIS A NE2   1 
ATOM   737  N N     . ASP A 1 95  ? -3.241  4.730   2.011   1.00 7.50  ? 95  ASP A N     1 
ATOM   738  C CA    . ASP A 1 95  ? -3.357  6.077   2.553   1.00 7.96  ? 95  ASP A CA    1 
ATOM   739  C C     . ASP A 1 95  ? -3.723  6.024   4.030   1.00 8.48  ? 95  ASP A C     1 
ATOM   740  O O     . ASP A 1 95  ? -4.523  5.187   4.450   1.00 8.41  ? 95  ASP A O     1 
ATOM   741  C CB    . ASP A 1 95  ? -4.406  6.886   1.788   1.00 7.98  ? 95  ASP A CB    1 
ATOM   742  C CG    . ASP A 1 95  ? -5.745  6.173   1.685   1.00 8.01  ? 95  ASP A CG    1 
ATOM   743  O OD1   . ASP A 1 95  ? -5.777  5.005   1.231   1.00 8.06  ? 95  ASP A OD1   1 
ATOM   744  O OD2   . ASP A 1 95  ? -6.778  6.786   2.029   1.00 8.17  ? 95  ASP A OD2   1 
ATOM   745  N N     . GLU A 1 96  ? -3.131  6.926   4.806   1.00 9.22  ? 96  GLU A N     1 
ATOM   746  C CA    . GLU A 1 96  ? -3.354  6.986   6.243   1.00 10.06 ? 96  GLU A CA    1 
ATOM   747  C C     . GLU A 1 96  ? -3.843  8.379   6.642   1.00 10.74 ? 96  GLU A C     1 
ATOM   748  O O     . GLU A 1 96  ? -3.079  9.344   6.603   1.00 10.49 ? 96  GLU A O     1 
ATOM   749  C CB    . GLU A 1 96  ? -2.059  6.629   6.977   1.00 10.17 ? 96  GLU A CB    1 
ATOM   750  C CG    . GLU A 1 96  ? -2.161  6.646   8.492   1.00 10.41 ? 96  GLU A CG    1 
ATOM   751  C CD    . GLU A 1 96  ? -3.354  5.871   9.000   1.00 10.63 ? 96  GLU A CD    1 
ATOM   752  O OE1   . GLU A 1 96  ? -3.305  4.623   8.973   1.00 10.90 ? 96  GLU A OE1   1 
ATOM   753  O OE2   . GLU A 1 96  ? -4.339  6.508   9.425   1.00 11.09 ? 96  GLU A OE2   1 
ATOM   754  N N     . LEU A 1 97  ? -5.120  8.463   7.023   1.00 11.81 ? 97  LEU A N     1 
ATOM   755  C CA    . LEU A 1 97  ? -5.743  9.715   7.470   1.00 12.86 ? 97  LEU A CA    1 
ATOM   756  C C     . LEU A 1 97  ? -5.114  10.258  8.751   1.00 13.43 ? 97  LEU A C     1 
ATOM   757  O O     . LEU A 1 97  ? -5.059  11.470  8.940   1.00 13.71 ? 97  LEU A O     1 
ATOM   758  C CB    . LEU A 1 97  ? -7.247  9.520   7.706   1.00 13.29 ? 97  LEU A CB    1 
ATOM   759  C CG    . LEU A 1 97  ? -8.152  9.427   6.477   1.00 13.72 ? 97  LEU A CG    1 
ATOM   760  C CD1   . LEU A 1 97  ? -9.506  8.845   6.851   1.00 14.02 ? 97  LEU A CD1   1 
ATOM   761  C CD2   . LEU A 1 97  ? -8.323  10.785  5.813   1.00 13.83 ? 97  LEU A CD2   1 
ATOM   762  N N     . ASP A 1 98  ? -4.636  9.367   9.618   1.00 14.08 ? 98  ASP A N     1 
ATOM   763  C CA    . ASP A 1 98  ? -4.106  9.758   10.931  1.00 14.77 ? 98  ASP A CA    1 
ATOM   764  C C     . ASP A 1 98  ? -2.646  10.232  10.889  1.00 14.34 ? 98  ASP A C     1 
ATOM   765  O O     . ASP A 1 98  ? -1.999  10.340  11.931  1.00 14.65 ? 98  ASP A O     1 
ATOM   766  C CB    . ASP A 1 98  ? -4.244  8.586   11.917  1.00 15.68 ? 98  ASP A CB    1 
ATOM   767  C CG    . ASP A 1 98  ? -3.958  8.987   13.361  1.00 16.63 ? 98  ASP A CG    1 
ATOM   768  O OD1   . ASP A 1 98  ? -4.412  10.068  13.789  1.00 17.71 ? 98  ASP A OD1   1 
ATOM   769  O OD2   . ASP A 1 98  ? -3.277  8.214   14.074  1.00 17.62 ? 98  ASP A OD2   1 
ATOM   770  N N     . MET A 1 99  ? -2.127  10.522  9.698   1.00 13.69 ? 99  MET A N     1 
ATOM   771  C CA    . MET A 1 99  ? -0.753  10.986  9.547   1.00 13.21 ? 99  MET A CA    1 
ATOM   772  C C     . MET A 1 99  ? -0.658  12.117  8.525   1.00 12.24 ? 99  MET A C     1 
ATOM   773  O O     . MET A 1 99  ? -1.451  12.182  7.586   1.00 11.99 ? 99  MET A O     1 
ATOM   774  C CB    . MET A 1 99  ? 0.149   9.828   9.124   1.00 13.87 ? 99  MET A CB    1 
ATOM   775  C CG    . MET A 1 99  ? 0.542   8.889   10.259  1.00 14.47 ? 99  MET A CG    1 
ATOM   776  S SD    . MET A 1 99  ? 1.317   7.345   9.731   1.00 15.73 ? 99  MET A SD    1 
ATOM   777  C CE    . MET A 1 99  ? 2.015   7.788   8.147   1.00 15.34 ? 99  MET A CE    1 
ATOM   778  N N     . ASN A 1 100 ? 0.319   13.001  8.713   1.00 11.30 ? 100 ASN A N     1 
ATOM   779  C CA    . ASN A 1 100 ? 0.509   14.143  7.818   1.00 10.79 ? 100 ASN A CA    1 
ATOM   780  C C     . ASN A 1 100 ? 1.049   13.722  6.459   1.00 10.51 ? 100 ASN A C     1 
ATOM   781  O O     . ASN A 1 100 ? 1.784   12.738  6.362   1.00 10.16 ? 100 ASN A O     1 
ATOM   782  C CB    . ASN A 1 100 ? 1.498   15.148  8.415   1.00 10.58 ? 100 ASN A CB    1 
ATOM   783  C CG    . ASN A 1 100 ? 0.962   15.854  9.643   1.00 10.42 ? 100 ASN A CG    1 
ATOM   784  O OD1   . ASN A 1 100 ? -0.246  16.001  9.822   1.00 10.61 ? 100 ASN A OD1   1 
ATOM   785  N ND2   . ASN A 1 100 ? 1.870   16.308  10.494  1.00 10.24 ? 100 ASN A ND2   1 
ATOM   786  N N     . PRO A 1 101 ? 0.708   14.481  5.404   1.00 10.29 ? 101 PRO A N     1 
ATOM   787  C CA    . PRO A 1 101 ? 1.409   14.311  4.134   1.00 10.25 ? 101 PRO A CA    1 
ATOM   788  C C     . PRO A 1 101 ? 2.909   14.465  4.344   1.00 10.20 ? 101 PRO A C     1 
ATOM   789  O O     . PRO A 1 101 ? 3.335   15.405  5.012   1.00 10.26 ? 101 PRO A O     1 
ATOM   790  C CB    . PRO A 1 101 ? 0.862   15.455  3.274   1.00 10.30 ? 101 PRO A CB    1 
ATOM   791  C CG    . PRO A 1 101 ? -0.464  15.774  3.865   1.00 10.33 ? 101 PRO A CG    1 
ATOM   792  C CD    . PRO A 1 101 ? -0.301  15.553  5.337   1.00 10.33 ? 101 PRO A CD    1 
ATOM   793  N N     . GLY A 1 102 ? 3.700   13.538  3.816   1.00 10.13 ? 102 GLY A N     1 
ATOM   794  C CA    . GLY A 1 102 ? 5.143   13.549  4.034   1.00 10.21 ? 102 GLY A CA    1 
ATOM   795  C C     . GLY A 1 102 ? 5.591   12.714  5.218   1.00 10.31 ? 102 GLY A C     1 
ATOM   796  O O     . GLY A 1 102 ? 6.790   12.546  5.430   1.00 10.61 ? 102 GLY A O     1 
ATOM   797  N N     . VAL A 1 103 ? 4.635   12.209  5.996   1.00 10.19 ? 103 VAL A N     1 
ATOM   798  C CA    . VAL A 1 103 ? 4.914   11.229  7.043   1.00 10.21 ? 103 VAL A CA    1 
ATOM   799  C C     . VAL A 1 103 ? 4.568   9.858   6.475   1.00 10.20 ? 103 VAL A C     1 
ATOM   800  O O     . VAL A 1 103 ? 3.547   9.685   5.806   1.00 9.99  ? 103 VAL A O     1 
ATOM   801  C CB    . VAL A 1 103 ? 4.095   11.489  8.329   1.00 10.22 ? 103 VAL A CB    1 
ATOM   802  C CG1   . VAL A 1 103 ? 4.412   10.452  9.401   1.00 10.22 ? 103 VAL A CG1   1 
ATOM   803  C CG2   . VAL A 1 103 ? 4.382   12.882  8.867   1.00 10.24 ? 103 VAL A CG2   1 
ATOM   804  N N     . ILE A 1 104 ? 5.432   8.890   6.743   1.00 10.29 ? 104 ILE A N     1 
ATOM   805  C CA    . ILE A 1 104 ? 5.239   7.532   6.258   1.00 10.55 ? 104 ILE A CA    1 
ATOM   806  C C     . ILE A 1 104 ? 5.760   6.584   7.329   1.00 10.92 ? 104 ILE A C     1 
ATOM   807  O O     . ILE A 1 104 ? 6.790   6.848   7.949   1.00 11.10 ? 104 ILE A O     1 
ATOM   808  C CB    . ILE A 1 104 ? 5.928   7.338   4.885   1.00 10.52 ? 104 ILE A CB    1 
ATOM   809  C CG1   . ILE A 1 104 ? 5.565   5.990   4.260   1.00 10.51 ? 104 ILE A CG1   1 
ATOM   810  C CG2   . ILE A 1 104 ? 7.441   7.506   4.992   1.00 10.49 ? 104 ILE A CG2   1 
ATOM   811  C CD1   . ILE A 1 104 ? 5.706   5.978   2.752   1.00 10.50 ? 104 ILE A CD1   1 
ATOM   812  N N     . ARG A 1 105 ? 5.024   5.509   7.581   1.00 11.34 ? 105 ARG A N     1 
ATOM   813  C CA    . ARG A 1 105 ? 5.411   4.557   8.613   1.00 11.77 ? 105 ARG A CA    1 
ATOM   814  C C     . ARG A 1 105 ? 5.123   3.125   8.197   1.00 11.37 ? 105 ARG A C     1 
ATOM   815  O O     . ARG A 1 105 ? 4.148   2.850   7.500   1.00 11.15 ? 105 ARG A O     1 
ATOM   816  C CB    . ARG A 1 105 ? 4.707   4.871   9.940   1.00 12.77 ? 105 ARG A CB    1 
ATOM   817  C CG    . ARG A 1 105 ? 5.304   6.055   10.692  1.00 13.81 ? 105 ARG A CG    1 
ATOM   818  C CD    . ARG A 1 105 ? 5.142   5.926   12.201  1.00 14.90 ? 105 ARG A CD    1 
ATOM   819  N NE    . ARG A 1 105 ? 3.793   6.260   12.662  1.00 16.00 ? 105 ARG A NE    1 
ATOM   820  C CZ    . ARG A 1 105 ? 3.369   7.487   12.974  1.00 16.72 ? 105 ARG A CZ    1 
ATOM   821  N NH1   . ARG A 1 105 ? 2.116   7.664   13.387  1.00 17.37 ? 105 ARG A NH1   1 
ATOM   822  N NH2   . ARG A 1 105 ? 4.177   8.540   12.878  1.00 17.28 ? 105 ARG A NH2   1 
ATOM   823  N N     . LEU A 1 106 ? 6.005   2.227   8.617   1.00 11.11 ? 106 LEU A N     1 
ATOM   824  C CA    . LEU A 1 106 ? 5.795   0.801   8.463   1.00 11.16 ? 106 LEU A CA    1 
ATOM   825  C C     . LEU A 1 106 ? 5.209   0.291   9.770   1.00 11.27 ? 106 LEU A C     1 
ATOM   826  O O     . LEU A 1 106 ? 5.776   0.525   10.839  1.00 11.67 ? 106 LEU A O     1 
ATOM   827  C CB    . LEU A 1 106 ? 7.120   0.100   8.161   1.00 11.23 ? 106 LEU A CB    1 
ATOM   828  C CG    . LEU A 1 106 ? 7.055   -1.403  7.884   1.00 11.37 ? 106 LEU A CG    1 
ATOM   829  C CD1   . LEU A 1 106 ? 6.436   -1.677  6.522   1.00 11.44 ? 106 LEU A CD1   1 
ATOM   830  C CD2   . LEU A 1 106 ? 8.446   -2.008  7.969   1.00 11.47 ? 106 LEU A CD2   1 
ATOM   831  N N     . LYS A 1 107 ? 4.067   -0.384  9.679   1.00 11.26 ? 107 LYS A N     1 
ATOM   832  C CA    . LYS A 1 107 ? 3.383   -0.935  10.843  1.00 11.48 ? 107 LYS A CA    1 
ATOM   833  C C     . LYS A 1 107 ? 3.151   -2.420  10.638  1.00 11.26 ? 107 LYS A C     1 
ATOM   834  O O     . LYS A 1 107 ? 2.879   -2.857  9.527   1.00 10.80 ? 107 LYS A O     1 
ATOM   835  C CB    . LYS A 1 107 ? 2.041   -0.231  11.050  1.00 12.03 ? 107 LYS A CB    1 
ATOM   836  C CG    . LYS A 1 107 ? 1.228   -0.781  12.213  1.00 12.68 ? 107 LYS A CG    1 
ATOM   837  C CD    . LYS A 1 107 ? 0.118   0.165   12.626  1.00 13.37 ? 107 LYS A CD    1 
ATOM   838  C CE    . LYS A 1 107 ? -0.533  -0.290  13.923  1.00 13.88 ? 107 LYS A CE    1 
ATOM   839  N NZ    . LYS A 1 107 ? -1.748  0.506   14.235  1.00 14.39 ? 107 LYS A NZ    1 
ATOM   840  N N     . THR A 1 108 ? 3.262   -3.189  11.715  1.00 11.24 ? 108 THR A N     1 
ATOM   841  C CA    . THR A 1 108 ? 2.945   -4.610  11.695  1.00 11.45 ? 108 THR A CA    1 
ATOM   842  C C     . THR A 1 108 ? 1.762   -4.837  12.621  1.00 11.51 ? 108 THR A C     1 
ATOM   843  O O     . THR A 1 108 ? 1.812   -4.472  13.794  1.00 11.68 ? 108 THR A O     1 
ATOM   844  C CB    . THR A 1 108 ? 4.144   -5.451  12.166  1.00 11.46 ? 108 THR A CB    1 
ATOM   845  O OG1   . THR A 1 108 ? 5.276   -5.185  11.327  1.00 11.58 ? 108 THR A OG1   1 
ATOM   846  C CG2   . THR A 1 108 ? 3.820   -6.941  12.122  1.00 11.57 ? 108 THR A CG2   1 
ATOM   847  N N     . GLY A 1 109 ? 0.694   -5.423  12.095  1.00 11.54 ? 109 GLY A N     1 
ATOM   848  C CA    . GLY A 1 109 ? -0.490  -5.695  12.898  1.00 11.73 ? 109 GLY A CA    1 
ATOM   849  C C     . GLY A 1 109 ? -1.351  -4.466  13.112  1.00 11.88 ? 109 GLY A C     1 
ATOM   850  O O     . GLY A 1 109 ? -1.119  -3.415  12.511  1.00 11.96 ? 109 GLY A O     1 
ATOM   851  N N     . GLY A 1 110 ? -2.349  -4.606  13.981  1.00 12.22 ? 110 GLY A N     1 
ATOM   852  C CA    . GLY A 1 110 ? -3.263  -3.516  14.312  1.00 12.36 ? 110 GLY A CA    1 
ATOM   853  C C     . GLY A 1 110 ? -4.534  -3.560  13.487  1.00 12.46 ? 110 GLY A C     1 
ATOM   854  O O     . GLY A 1 110 ? -4.707  -4.434  12.637  1.00 12.18 ? 110 GLY A O     1 
ATOM   855  N N     . GLY A 1 111 ? -5.431  -2.612  13.744  1.00 12.85 ? 111 GLY A N     1 
ATOM   856  C CA    . GLY A 1 111 ? -6.720  -2.559  13.063  1.00 13.16 ? 111 GLY A CA    1 
ATOM   857  C C     . GLY A 1 111 ? -6.675  -1.814  11.745  1.00 13.42 ? 111 GLY A C     1 
ATOM   858  O O     . GLY A 1 111 ? -5.599  -1.503  11.226  1.00 13.46 ? 111 GLY A O     1 
ATOM   859  N N     . HIS A 1 112 ? -7.858  -1.540  11.203  1.00 13.73 ? 112 HIS A N     1 
ATOM   860  C CA    . HIS A 1 112 ? -7.980  -0.813  9.937   1.00 14.02 ? 112 HIS A CA    1 
ATOM   861  C C     . HIS A 1 112 ? -7.911  0.708   10.118  1.00 13.98 ? 112 HIS A C     1 
ATOM   862  O O     . HIS A 1 112 ? -7.669  1.431   9.152   1.00 13.99 ? 112 HIS A O     1 
ATOM   863  C CB    . HIS A 1 112 ? -9.256  -1.226  9.176   1.00 14.34 ? 112 HIS A CB    1 
ATOM   864  C CG    . HIS A 1 112 ? -10.513 -1.179  9.994   1.00 14.80 ? 112 HIS A CG    1 
ATOM   865  N ND1   . HIS A 1 112 ? -11.085 0.000   10.411  1.00 15.04 ? 112 HIS A ND1   1 
ATOM   866  C CD2   . HIS A 1 112 ? -11.326 -2.166  10.442  1.00 15.08 ? 112 HIS A CD2   1 
ATOM   867  C CE1   . HIS A 1 112 ? -12.183 -0.257  11.098  1.00 15.24 ? 112 HIS A CE1   1 
ATOM   868  N NE2   . HIS A 1 112 ? -12.352 -1.566  11.130  1.00 15.24 ? 112 HIS A NE2   1 
ATOM   869  N N     . GLY A 1 113 ? -8.113  1.191   11.343  1.00 13.80 ? 113 GLY A N     1 
ATOM   870  C CA    . GLY A 1 113 ? -8.035  2.625   11.643  1.00 13.78 ? 113 GLY A CA    1 
ATOM   871  C C     . GLY A 1 113 ? -9.040  3.469   10.879  1.00 13.78 ? 113 GLY A C     1 
ATOM   872  O O     . GLY A 1 113 ? -8.775  4.623   10.561  1.00 14.22 ? 113 GLY A O     1 
ATOM   873  N N     . GLY A 1 114 ? -10.212 2.898   10.623  1.00 13.48 ? 114 GLY A N     1 
ATOM   874  C CA    . GLY A 1 114 ? -11.235 3.515   9.774   1.00 13.25 ? 114 GLY A CA    1 
ATOM   875  C C     . GLY A 1 114 ? -11.086 3.350   8.266   1.00 12.91 ? 114 GLY A C     1 
ATOM   876  O O     . GLY A 1 114 ? -11.941 3.817   7.517   1.00 13.66 ? 114 GLY A O     1 
ATOM   877  N N     . HIS A 1 115 ? -10.022 2.687   7.812   1.00 12.16 ? 115 HIS A N     1 
ATOM   878  C CA    . HIS A 1 115 ? -9.753  2.563   6.377   1.00 11.45 ? 115 HIS A CA    1 
ATOM   879  C C     . HIS A 1 115 ? -10.620 1.465   5.754   1.00 11.24 ? 115 HIS A C     1 
ATOM   880  O O     . HIS A 1 115 ? -10.528 0.305   6.142   1.00 11.04 ? 115 HIS A O     1 
ATOM   881  C CB    . HIS A 1 115 ? -8.267  2.277   6.143   1.00 11.14 ? 115 HIS A CB    1 
ATOM   882  C CG    . HIS A 1 115 ? -7.839  2.438   4.719   1.00 10.78 ? 115 HIS A CG    1 
ATOM   883  N ND1   . HIS A 1 115 ? -8.058  1.471   3.766   1.00 10.60 ? 115 HIS A ND1   1 
ATOM   884  C CD2   . HIS A 1 115 ? -7.210  3.455   4.083   1.00 10.60 ? 115 HIS A CD2   1 
ATOM   885  C CE1   . HIS A 1 115 ? -7.583  1.879   2.605   1.00 10.50 ? 115 HIS A CE1   1 
ATOM   886  N NE2   . HIS A 1 115 ? -7.062  3.080   2.770   1.00 10.41 ? 115 HIS A NE2   1 
ATOM   887  N N     . ASN A 1 116 ? -11.449 1.830   4.778   0.70 11.05 ? 116 ASN A N     1 
ATOM   888  C CA    . ASN A 1 116 ? -12.421 0.890   4.200   0.70 11.09 ? 116 ASN A CA    1 
ATOM   889  C C     . ASN A 1 116 ? -11.823 -0.243  3.367   0.70 10.52 ? 116 ASN A C     1 
ATOM   890  O O     . ASN A 1 116 ? -12.454 -1.282  3.206   0.70 10.37 ? 116 ASN A O     1 
ATOM   891  C CB    . ASN A 1 116 ? -13.462 1.632   3.356   0.70 11.71 ? 116 ASN A CB    1 
ATOM   892  C CG    . ASN A 1 116 ? -14.474 2.378   4.201   0.70 12.28 ? 116 ASN A CG    1 
ATOM   893  O OD1   . ASN A 1 116 ? -14.847 1.926   5.285   0.70 12.90 ? 116 ASN A OD1   1 
ATOM   894  N ND2   . ASN A 1 116 ? -14.935 3.519   3.703   0.70 12.67 ? 116 ASN A ND2   1 
ATOM   895  N N     . GLY A 1 117 ? -10.635 -0.031  2.809   1.00 10.07 ? 117 GLY A N     1 
ATOM   896  C CA    . GLY A 1 117 ? -9.888  -1.109  2.163   1.00 9.71  ? 117 GLY A CA    1 
ATOM   897  C C     . GLY A 1 117 ? -9.420  -2.163  3.149   1.00 9.45  ? 117 GLY A C     1 
ATOM   898  O O     . GLY A 1 117 ? -9.709  -3.350  2.992   1.00 9.18  ? 117 GLY A O     1 
ATOM   899  N N     . LEU A 1 118 ? -8.694  -1.727  4.174   1.00 9.36  ? 118 LEU A N     1 
ATOM   900  C CA    . LEU A 1 118 ? -8.201  -2.622  5.211   1.00 9.47  ? 118 LEU A CA    1 
ATOM   901  C C     . LEU A 1 118 ? -9.355  -3.304  5.933   1.00 9.75  ? 118 LEU A C     1 
ATOM   902  O O     . LEU A 1 118 ? -9.247  -4.468  6.305   1.00 9.52  ? 118 LEU A O     1 
ATOM   903  C CB    . LEU A 1 118 ? -7.340  -1.861  6.220   1.00 9.40  ? 118 LEU A CB    1 
ATOM   904  C CG    . LEU A 1 118 ? -6.028  -1.277  5.697   1.00 9.27  ? 118 LEU A CG    1 
ATOM   905  C CD1   . LEU A 1 118 ? -5.324  -0.522  6.810   1.00 9.25  ? 118 LEU A CD1   1 
ATOM   906  C CD2   . LEU A 1 118 ? -5.119  -2.362  5.135   1.00 9.25  ? 118 LEU A CD2   1 
ATOM   907  N N     . ARG A 1 119 ? -10.462 -2.580  6.104   1.00 10.29 ? 119 ARG A N     1 
ATOM   908  C CA    . ARG A 1 119 ? -11.675 -3.120  6.727   1.00 10.92 ? 119 ARG A CA    1 
ATOM   909  C C     . ARG A 1 119 ? -12.179 -4.378  6.014   1.00 10.39 ? 119 ARG A C     1 
ATOM   910  O O     . ARG A 1 119 ? -12.767 -5.257  6.642   1.00 10.30 ? 119 ARG A O     1 
ATOM   911  C CB    . ARG A 1 119 ? -12.781 -2.057  6.739   1.00 12.00 ? 119 ARG A CB    1 
ATOM   912  C CG    . ARG A 1 119 ? -13.942 -2.341  7.681   1.00 13.32 ? 119 ARG A CG    1 
ATOM   913  C CD    . ARG A 1 119 ? -15.018 -1.266  7.580   1.00 14.51 ? 119 ARG A CD    1 
ATOM   914  N NE    . ARG A 1 119 ? -15.607 -0.939  8.884   1.00 15.96 ? 119 ARG A NE    1 
ATOM   915  C CZ    . ARG A 1 119 ? -15.525 0.244   9.502   1.00 16.79 ? 119 ARG A CZ    1 
ATOM   916  N NH1   . ARG A 1 119 ? -16.102 0.400   10.690  1.00 17.63 ? 119 ARG A NH1   1 
ATOM   917  N NH2   . ARG A 1 119 ? -14.891 1.280   8.953   1.00 17.38 ? 119 ARG A NH2   1 
ATOM   918  N N     . ASP A 1 120 ? -11.919 -4.487  4.730   1.00 9.86  ? 120 ASP A N     1 
ATOM   919  C CA    . ASP A 1 120 ? -12.357 -5.624  3.936   1.00 9.53  ? 120 ASP A CA    1 
ATOM   920  C C     . ASP A 1 120 ? -11.354 -6.778  3.834   1.00 9.30  ? 120 ASP A C     1 
ATOM   921  O O     . ASP A 1 120 ? -11.642 -7.774  3.282   1.00 9.16  ? 120 ASP A O     1 
ATOM   922  C CB    . ASP A 1 120 ? -12.703 -5.163  2.507   1.00 9.53  ? 120 ASP A CB    1 
ATOM   923  C CG    . ASP A 1 120 ? -13.616 -6.159  1.754   1.00 9.55  ? 120 ASP A CG    1 
ATOM   924  O OD1   . ASP A 1 120 ? -14.672 -6.438  2.285   1.00 9.72  ? 120 ASP A OD1   1 
ATOM   925  O OD2   . ASP A 1 120 ? -13.282 -6.627  0.683   1.00 9.58  ? 120 ASP A OD2   1 
ATOM   926  N N     . ILE A 1 121 ? -10.191 -6.576  4.454   1.00 9.00  ? 121 ILE A N     1 
ATOM   927  C CA    . ILE A 1 121 ? -9.075  -7.527  4.393   1.00 8.91  ? 121 ILE A CA    1 
ATOM   928  C C     . ILE A 1 121 ? -8.821  -8.237  5.714   1.00 8.82  ? 121 ILE A C     1 
ATOM   929  O O     . ILE A 1 121 ? -8.763  -9.403  5.756   1.00 8.73  ? 121 ILE A O     1 
ATOM   930  C CB    . ILE A 1 121 ? -7.818  -6.817  3.862   1.00 8.86  ? 121 ILE A CB    1 
ATOM   931  C CG1   . ILE A 1 121 ? -8.032  -6.378  2.404   1.00 8.87  ? 121 ILE A CG1   1 
ATOM   932  C CG2   . ILE A 1 121 ? -6.590  -7.728  4.012   1.00 8.87  ? 121 ILE A CG2   1 
ATOM   933  C CD1   . ILE A 1 121 ? -6.981  -5.353  1.986   1.00 8.90  ? 121 ILE A CD1   1 
ATOM   934  N N     . VAL A 1 122 ? -8.772  -7.471  6.770   1.00 8.87  ? 122 VAL A N     1 
ATOM   935  C CA    . VAL A 1 122 ? -8.424  -7.997  8.111   1.00 8.89  ? 122 VAL A CA    1 
ATOM   936  C C     . VAL A 1 122 ? -9.409  -9.112  8.614   1.00 8.95  ? 122 VAL A C     1 
ATOM   937  O O     . VAL A 1 122 ? -8.984  -9.976  9.228   1.00 8.82  ? 122 VAL A O     1 
ATOM   938  C CB    . VAL A 1 122 ? -8.329  -6.857  9.170   1.00 8.87  ? 122 VAL A CB    1 
ATOM   939  C CG1   . VAL A 1 122 ? -8.069  -7.392  10.553  1.00 8.90  ? 122 VAL A CG1   1 
ATOM   940  C CG2   . VAL A 1 122 ? -7.206  -5.901  8.810   1.00 8.88  ? 122 VAL A CG2   1 
ATOM   941  N N     . PRO A 1 123 ? -10.704 -8.999  8.326   1.00 9.03  ? 123 PRO A N     1 
ATOM   942  C CA    . PRO A 1 123 ? -11.598 -10.073 8.776   1.00 9.16  ? 123 PRO A CA    1 
ATOM   943  C C     . PRO A 1 123 ? -11.236 -11.470 8.262   1.00 9.32  ? 123 PRO A C     1 
ATOM   944  O O     . PRO A 1 123 ? -11.569 -12.464 8.907   1.00 9.65  ? 123 PRO A O     1 
ATOM   945  C CB    . PRO A 1 123 ? -12.960 -9.649  8.215   1.00 9.15  ? 123 PRO A CB    1 
ATOM   946  C CG    . PRO A 1 123 ? -12.878 -8.171  8.129   1.00 9.11  ? 123 PRO A CG    1 
ATOM   947  C CD    . PRO A 1 123 ? -11.462 -7.898  7.704   1.00 9.06  ? 123 PRO A CD    1 
ATOM   948  N N     . HIS A 1 124 ? -10.552 -11.535 7.121   1.00 9.45  ? 124 HIS A N     1 
ATOM   949  C CA    . HIS A 1 124 ? -10.293 -12.804 6.441   1.00 9.51  ? 124 HIS A CA    1 
ATOM   950  C C     . HIS A 1 124 ? -8.916  -13.376 6.717   1.00 9.70  ? 124 HIS A C     1 
ATOM   951  O O     . HIS A 1 124 ? -8.787  -14.564 7.017   1.00 10.22 ? 124 HIS A O     1 
ATOM   952  C CB    . HIS A 1 124 ? -10.497 -12.621 4.942   1.00 9.43  ? 124 HIS A CB    1 
ATOM   953  C CG    . HIS A 1 124 ? -11.820 -12.016 4.610   1.00 9.35  ? 124 HIS A CG    1 
ATOM   954  N ND1   . HIS A 1 124 ? -13.003 -12.712 4.726   1.00 9.30  ? 124 HIS A ND1   1 
ATOM   955  C CD2   . HIS A 1 124 ? -12.155 -10.762 4.229   1.00 9.34  ? 124 HIS A CD2   1 
ATOM   956  C CE1   . HIS A 1 124 ? -14.007 -11.918 4.400   1.00 9.38  ? 124 HIS A CE1   1 
ATOM   957  N NE2   . HIS A 1 124 ? -13.520 -10.731 4.096   1.00 9.37  ? 124 HIS A NE2   1 
ATOM   958  N N     . ILE A 1 125 ? -7.885  -12.542 6.613   1.00 9.63  ? 125 ILE A N     1 
ATOM   959  C CA    . ILE A 1 125 ? -6.514  -13.013 6.825   1.00 9.55  ? 125 ILE A CA    1 
ATOM   960  C C     . ILE A 1 125 ? -5.947  -12.626 8.187   1.00 9.30  ? 125 ILE A C     1 
ATOM   961  O O     . ILE A 1 125 ? -4.821  -12.996 8.508   1.00 9.41  ? 125 ILE A O     1 
ATOM   962  C CB    . ILE A 1 125 ? -5.555  -12.554 5.699   1.00 9.59  ? 125 ILE A CB    1 
ATOM   963  C CG1   . ILE A 1 125 ? -5.457  -11.024 5.617   1.00 9.64  ? 125 ILE A CG1   1 
ATOM   964  C CG2   . ILE A 1 125 ? -6.003  -13.139 4.368   1.00 9.69  ? 125 ILE A CG2   1 
ATOM   965  C CD1   . ILE A 1 125 ? -4.343  -10.540 4.710   1.00 9.68  ? 125 ILE A CD1   1 
ATOM   966  N N     . GLY A 1 126 ? -6.721  -11.894 8.985   1.00 9.02  ? 126 GLY A N     1 
ATOM   967  C CA    . GLY A 1 126 ? -6.243  -11.420 10.276  1.00 8.81  ? 126 GLY A CA    1 
ATOM   968  C C     . GLY A 1 126 ? -5.379  -10.180 10.120  1.00 8.63  ? 126 GLY A C     1 
ATOM   969  O O     . GLY A 1 126 ? -5.136  -9.720  9.000   1.00 8.57  ? 126 GLY A O     1 
ATOM   970  N N     . PRO A 1 127 ? -4.877  -9.662  11.240  1.00 8.52  ? 127 PRO A N     1 
ATOM   971  C CA    . PRO A 1 127 ? -4.189  -8.389  11.235  1.00 8.53  ? 127 PRO A CA    1 
ATOM   972  C C     . PRO A 1 127 ? -2.660  -8.441  11.032  1.00 8.57  ? 127 PRO A C     1 
ATOM   973  O O     . PRO A 1 127 ? -2.068  -7.411  10.865  1.00 8.51  ? 127 PRO A O     1 
ATOM   974  C CB    . PRO A 1 127 ? -4.502  -7.872  12.622  1.00 8.52  ? 127 PRO A CB    1 
ATOM   975  C CG    . PRO A 1 127 ? -4.472  -9.090  13.456  1.00 8.56  ? 127 PRO A CG    1 
ATOM   976  C CD    . PRO A 1 127 ? -5.175  -10.095 12.613  1.00 8.56  ? 127 PRO A CD    1 
ATOM   977  N N     . ASN A 1 128 ? -2.092  -9.624  10.999  1.00 8.61  ? 128 ASN A N     1 
ATOM   978  C CA    . ASN A 1 128 ? -0.644  -9.737  11.105  1.00 8.76  ? 128 ASN A CA    1 
ATOM   979  C C     . ASN A 1 128 ? 0.131   -9.577  9.810   1.00 8.55  ? 128 ASN A C     1 
ATOM   980  O O     . ASN A 1 128 ? 1.131   -10.166 9.628   1.00 9.14  ? 128 ASN A O     1 
ATOM   981  C CB    . ASN A 1 128 ? -0.285  -11.050 11.780  1.00 9.13  ? 128 ASN A CB    1 
ATOM   982  C CG    . ASN A 1 128 ? -0.830  -11.107 13.193  1.00 9.51  ? 128 ASN A CG    1 
ATOM   983  O OD1   . ASN A 1 128 ? -0.844  -10.140 13.886  1.00 10.19 ? 128 ASN A OD1   1 
ATOM   984  N ND2   . ASN A 1 128 ? -1.388  -12.221 13.532  1.00 9.89  ? 128 ASN A ND2   1 
ATOM   985  N N     . PHE A 1 129 ? -0.380  -8.725  8.953   1.00 8.05  ? 129 PHE A N     1 
ATOM   986  C CA    . PHE A 1 129 ? 0.378   -8.283  7.776   1.00 7.70  ? 129 PHE A CA    1 
ATOM   987  C C     . PHE A 1 129 ? 0.993   -6.918  8.057   1.00 7.51  ? 129 PHE A C     1 
ATOM   988  O O     . PHE A 1 129 ? 0.623   -6.260  8.959   1.00 7.34  ? 129 PHE A O     1 
ATOM   989  C CB    . PHE A 1 129 ? -0.519  -8.272  6.520   1.00 7.63  ? 129 PHE A CB    1 
ATOM   990  C CG    . PHE A 1 129 ? -1.750  -7.436  6.638   1.00 7.61  ? 129 PHE A CG    1 
ATOM   991  C CD1   . PHE A 1 129 ? -1.754  -6.107  6.299   1.00 7.56  ? 129 PHE A CD1   1 
ATOM   992  C CD2   . PHE A 1 129 ? -2.914  -7.996  7.069   1.00 7.59  ? 129 PHE A CD2   1 
ATOM   993  C CE1   . PHE A 1 129 ? -2.895  -5.349  6.401   1.00 7.56  ? 129 PHE A CE1   1 
ATOM   994  C CE2   . PHE A 1 129 ? -4.062  -7.244  7.143   1.00 7.56  ? 129 PHE A CE2   1 
ATOM   995  C CZ    . PHE A 1 129 ? -4.042  -5.914  6.836   1.00 7.60  ? 129 PHE A CZ    1 
ATOM   996  N N     . HIS A 1 130 ? 1.933   -6.544  7.232   1.00 7.31  ? 130 HIS A N     1 
ATOM   997  C CA    . HIS A 1 130 ? 2.630   -5.277  7.380   1.00 7.24  ? 130 HIS A CA    1 
ATOM   998  C C     . HIS A 1 130 ? 1.937   -4.239  6.529   1.00 7.03  ? 130 HIS A C     1 
ATOM   999  O O     . HIS A 1 130 ? 1.325   -4.565  5.510   1.00 6.85  ? 130 HIS A O     1 
ATOM   1000 C CB    . HIS A 1 130 ? 4.091   -5.429  6.974   1.00 7.41  ? 130 HIS A CB    1 
ATOM   1001 C CG    . HIS A 1 130 ? 4.742   -6.624  7.583   1.00 7.60  ? 130 HIS A CG    1 
ATOM   1002 N ND1   . HIS A 1 130 ? 5.252   -6.621  8.862   1.00 7.71  ? 130 HIS A ND1   1 
ATOM   1003 C CD2   . HIS A 1 130 ? 4.907   -7.881  7.113   1.00 7.73  ? 130 HIS A CD2   1 
ATOM   1004 C CE1   . HIS A 1 130 ? 5.735   -7.819  9.141   1.00 7.82  ? 130 HIS A CE1   1 
ATOM   1005 N NE2   . HIS A 1 130 ? 5.538   -8.601  8.097   1.00 7.84  ? 130 HIS A NE2   1 
ATOM   1006 N N     . ARG A 1 131 ? 2.016   -2.990  6.967   1.00 6.91  ? 131 ARG A N     1 
ATOM   1007 C CA    . ARG A 1 131 ? 1.354   -1.903  6.274   1.00 6.91  ? 131 ARG A CA    1 
ATOM   1008 C C     . ARG A 1 131 ? 2.334   -0.772  6.059   1.00 6.96  ? 131 ARG A C     1 
ATOM   1009 O O     . ARG A 1 131 ? 3.091   -0.427  6.963   1.00 7.03  ? 131 ARG A O     1 
ATOM   1010 C CB    . ARG A 1 131 ? 0.148   -1.387  7.063   1.00 6.93  ? 131 ARG A CB    1 
ATOM   1011 C CG    . ARG A 1 131 ? -0.858  -2.456  7.474   1.00 6.98  ? 131 ARG A CG    1 
ATOM   1012 C CD    . ARG A 1 131 ? -0.566  -2.965  8.876   1.00 7.04  ? 131 ARG A CD    1 
ATOM   1013 N NE    . ARG A 1 131 ? -1.460  -4.043  9.305   1.00 7.04  ? 131 ARG A NE    1 
ATOM   1014 C CZ    . ARG A 1 131 ? -2.677  -3.877  9.823   1.00 7.08  ? 131 ARG A CZ    1 
ATOM   1015 N NH1   . ARG A 1 131 ? -3.206  -2.664  9.966   1.00 7.09  ? 131 ARG A NH1   1 
ATOM   1016 N NH2   . ARG A 1 131 ? -3.382  -4.939  10.196  1.00 7.13  ? 131 ARG A NH2   1 
ATOM   1017 N N     . LEU A 1 132 ? 2.331   -0.214  4.853   1.00 6.98  ? 132 LEU A N     1 
ATOM   1018 C CA    . LEU A 1 132 ? 3.040   1.025   4.588   1.00 7.12  ? 132 LEU A CA    1 
ATOM   1019 C C     . LEU A 1 132 ? 1.994   2.121   4.650   1.00 7.29  ? 132 LEU A C     1 
ATOM   1020 O O     . LEU A 1 132 ? 1.186   2.291   3.735   1.00 7.23  ? 132 LEU A O     1 
ATOM   1021 C CB    . LEU A 1 132 ? 3.731   1.003   3.226   1.00 7.10  ? 132 LEU A CB    1 
ATOM   1022 C CG    . LEU A 1 132 ? 4.620   2.218   2.943   1.00 7.20  ? 132 LEU A CG    1 
ATOM   1023 C CD1   . LEU A 1 132 ? 5.876   2.194   3.803   1.00 7.22  ? 132 LEU A CD1   1 
ATOM   1024 C CD2   . LEU A 1 132 ? 4.973   2.277   1.466   1.00 7.21  ? 132 LEU A CD2   1 
ATOM   1025 N N     . ARG A 1 133 ? 1.999   2.840   5.766   1.00 7.69  ? 133 ARG A N     1 
ATOM   1026 C CA    . ARG A 1 133 ? 1.010   3.864   6.038   1.00 8.05  ? 133 ARG A CA    1 
ATOM   1027 C C     . ARG A 1 133 ? 1.512   5.162   5.434   1.00 7.90  ? 133 ARG A C     1 
ATOM   1028 O O     . ARG A 1 133 ? 2.484   5.740   5.911   1.00 8.07  ? 133 ARG A O     1 
ATOM   1029 C CB    . ARG A 1 133 ? 0.808   3.996   7.547   1.00 8.62  ? 133 ARG A CB    1 
ATOM   1030 C CG    . ARG A 1 133 ? 0.361   2.695   8.200   1.00 9.21  ? 133 ARG A CG    1 
ATOM   1031 C CD    . ARG A 1 133 ? 0.337   2.810   9.711   1.00 9.97  ? 133 ARG A CD    1 
ATOM   1032 N NE    . ARG A 1 133 ? -0.765  3.640   10.185  1.00 10.75 ? 133 ARG A NE    1 
ATOM   1033 C CZ    . ARG A 1 133 ? -0.925  4.023   11.451  1.00 11.61 ? 133 ARG A CZ    1 
ATOM   1034 N NH1   . ARG A 1 133 ? -0.048  3.660   12.381  1.00 12.18 ? 133 ARG A NH1   1 
ATOM   1035 N NH2   . ARG A 1 133 ? -1.963  4.775   11.793  1.00 12.10 ? 133 ARG A NH2   1 
ATOM   1036 N N     . ILE A 1 134 ? 0.866   5.590   4.357   1.00 7.78  ? 134 ILE A N     1 
ATOM   1037 C CA    . ILE A 1 134 ? 1.269   6.793   3.642   1.00 7.76  ? 134 ILE A CA    1 
ATOM   1038 C C     . ILE A 1 134 ? 0.371   7.936   4.099   1.00 7.94  ? 134 ILE A C     1 
ATOM   1039 O O     . ILE A 1 134 ? -0.807  7.985   3.751   1.00 7.89  ? 134 ILE A O     1 
ATOM   1040 C CB    . ILE A 1 134 ? 1.160   6.602   2.119   1.00 7.63  ? 134 ILE A CB    1 
ATOM   1041 C CG1   . ILE A 1 134 ? 2.020   5.415   1.667   1.00 7.56  ? 134 ILE A CG1   1 
ATOM   1042 C CG2   . ILE A 1 134 ? 1.595   7.868   1.391   1.00 7.60  ? 134 ILE A CG2   1 
ATOM   1043 C CD1   . ILE A 1 134 ? 1.635   4.866   0.309   1.00 7.54  ? 134 ILE A CD1   1 
ATOM   1044 N N     . GLY A 1 135 ? 0.927   8.850   4.891   1.00 8.34  ? 135 GLY A N     1 
ATOM   1045 C CA    . GLY A 1 135 ? 0.147   9.953   5.440   1.00 8.71  ? 135 GLY A CA    1 
ATOM   1046 C C     . GLY A 1 135 ? -0.504  10.805  4.366   1.00 9.12  ? 135 GLY A C     1 
ATOM   1047 O O     . GLY A 1 135 ? 0.153   11.205  3.406   1.00 8.95  ? 135 GLY A O     1 
ATOM   1048 N N     . ILE A 1 136 ? -1.800  11.068  4.522   1.00 9.84  ? 136 ILE A N     1 
ATOM   1049 C CA    . ILE A 1 136 ? -2.538  11.953  3.611   1.00 10.61 ? 136 ILE A CA    1 
ATOM   1050 C C     . ILE A 1 136 ? -3.262  13.110  4.321   1.00 11.84 ? 136 ILE A C     1 
ATOM   1051 O O     . ILE A 1 136 ? -3.867  13.950  3.656   1.00 12.05 ? 136 ILE A O     1 
ATOM   1052 C CB    . ILE A 1 136 ? -3.573  11.166  2.772   1.00 10.33 ? 136 ILE A CB    1 
ATOM   1053 C CG1   . ILE A 1 136 ? -4.617  10.483  3.666   1.00 10.19 ? 136 ILE A CG1   1 
ATOM   1054 C CG2   . ILE A 1 136 ? -2.879  10.132  1.896   1.00 10.21 ? 136 ILE A CG2   1 
ATOM   1055 C CD1   . ILE A 1 136 ? -5.917  10.181  2.956   1.00 10.21 ? 136 ILE A CD1   1 
ATOM   1056 N N     . GLY A 1 137 ? -3.207  13.152  5.655   1.00 13.42 ? 137 GLY A N     1 
ATOM   1057 C CA    . GLY A 1 137 ? -3.951  14.150  6.438   1.00 15.03 ? 137 GLY A CA    1 
ATOM   1058 C C     . GLY A 1 137 ? -5.424  13.798  6.602   1.00 16.82 ? 137 GLY A C     1 
ATOM   1059 O O     . GLY A 1 137 ? -5.944  12.939  5.898   1.00 16.99 ? 137 GLY A O     1 
ATOM   1060 N N     . HIS A 1 138 ? -6.097  14.477  7.533   1.00 19.56 ? 138 HIS A N     1 
ATOM   1061 C CA    . HIS A 1 138 ? -7.521  14.260  7.820   1.00 21.87 ? 138 HIS A CA    1 
ATOM   1062 C C     . HIS A 1 138 ? -8.265  15.555  7.494   1.00 23.43 ? 138 HIS A C     1 
ATOM   1063 O O     . HIS A 1 138 ? -7.713  16.638  7.687   1.00 24.30 ? 138 HIS A O     1 
ATOM   1064 C CB    . HIS A 1 138 ? -7.689  13.903  9.304   1.00 22.53 ? 138 HIS A CB    1 
ATOM   1065 C CG    . HIS A 1 138 ? -9.022  13.307  9.650   1.00 23.34 ? 138 HIS A CG    1 
ATOM   1066 N ND1   . HIS A 1 138 ? -10.164 14.065  9.794   1.00 23.75 ? 138 HIS A ND1   1 
ATOM   1067 C CD2   . HIS A 1 138 ? -9.385  12.029  9.911   1.00 23.70 ? 138 HIS A CD2   1 
ATOM   1068 C CE1   . HIS A 1 138 ? -11.177 13.277  10.110  1.00 23.97 ? 138 HIS A CE1   1 
ATOM   1069 N NE2   . HIS A 1 138 ? -10.731 12.037  10.190  1.00 23.91 ? 138 HIS A NE2   1 
ATOM   1070 N N     . PRO A 1 139 ? -9.519  15.466  7.002   1.00 25.31 ? 139 PRO A N     1 
ATOM   1071 C CA    . PRO A 1 139 ? -10.236 16.714  6.690   1.00 26.56 ? 139 PRO A CA    1 
ATOM   1072 C C     . PRO A 1 139 ? -10.836 17.429  7.908   1.00 28.34 ? 139 PRO A C     1 
ATOM   1073 O O     . PRO A 1 139 ? -11.809 18.175  7.766   1.00 28.66 ? 139 PRO A O     1 
ATOM   1074 C CB    . PRO A 1 139 ? -11.352 16.247  5.756   1.00 26.28 ? 139 PRO A CB    1 
ATOM   1075 C CG    . PRO A 1 139 ? -11.609 14.840  6.159   1.00 25.99 ? 139 PRO A CG    1 
ATOM   1076 C CD    . PRO A 1 139 ? -10.289 14.274  6.599   1.00 25.57 ? 139 PRO A CD    1 
ATOM   1077 N N     . GLY A 1 140 ? -10.243 17.235  9.084   1.00 30.09 ? 140 GLY A N     1 
ATOM   1078 C CA    . GLY A 1 140 ? -10.824 17.718  10.328  1.00 31.87 ? 140 GLY A CA    1 
ATOM   1079 C C     . GLY A 1 140 ? -12.040 16.914  10.751  1.00 33.44 ? 140 GLY A C     1 
ATOM   1080 O O     . GLY A 1 140 ? -11.924 15.952  11.512  1.00 33.87 ? 140 GLY A O     1 
ATOM   1081 N N     . SER A 1 141 ? -13.207 17.300  10.241  1.00 35.46 ? 141 SER A N     1 
ATOM   1082 C CA    . SER A 1 141 ? -14.480 16.727  10.691  1.00 36.87 ? 141 SER A CA    1 
ATOM   1083 C C     . SER A 1 141 ? -14.711 15.296  10.200  1.00 37.95 ? 141 SER A C     1 
ATOM   1084 O O     . SER A 1 141 ? -14.076 14.841  9.247   1.00 38.05 ? 141 SER A O     1 
ATOM   1085 C CB    . SER A 1 141 ? -15.643 17.619  10.256  1.00 37.19 ? 141 SER A CB    1 
ATOM   1086 O OG    . SER A 1 141 ? -15.522 18.918  10.813  1.00 37.35 ? 141 SER A OG    1 
ATOM   1087 N N     . LYS A 1 142 ? -15.638 14.607  10.861  1.00 39.33 ? 142 LYS A N     1 
ATOM   1088 C CA    . LYS A 1 142 ? -15.915 13.189  10.603  1.00 40.24 ? 142 LYS A CA    1 
ATOM   1089 C C     . LYS A 1 142 ? -16.579 12.921  9.251   1.00 40.22 ? 142 LYS A C     1 
ATOM   1090 O O     . LYS A 1 142 ? -16.232 11.955  8.570   1.00 40.43 ? 142 LYS A O     1 
ATOM   1091 C CB    . LYS A 1 142 ? -16.801 12.607  11.713  1.00 40.89 ? 142 LYS A CB    1 
ATOM   1092 C CG    . LYS A 1 142 ? -16.090 12.393  13.042  1.00 41.39 ? 142 LYS A CG    1 
ATOM   1093 C CD    . LYS A 1 142 ? -17.064 12.056  14.166  1.00 41.89 ? 142 LYS A CD    1 
ATOM   1094 C CE    . LYS A 1 142 ? -17.728 10.694  13.996  1.00 42.04 ? 142 LYS A CE    1 
ATOM   1095 N NZ    . LYS A 1 142 ? -16.785 9.554   14.180  1.00 42.25 ? 142 LYS A NZ    1 
ATOM   1096 N N     . GLU A 1 143 ? -17.534 13.768  8.871   1.00 40.26 ? 143 GLU A N     1 
ATOM   1097 C CA    . GLU A 1 143 ? -18.350 13.531  7.672   1.00 39.99 ? 143 GLU A CA    1 
ATOM   1098 C C     . GLU A 1 143 ? -17.759 14.112  6.379   1.00 38.82 ? 143 GLU A C     1 
ATOM   1099 O O     . GLU A 1 143 ? -18.403 14.069  5.328   1.00 38.97 ? 143 GLU A O     1 
ATOM   1100 C CB    . GLU A 1 143 ? -19.771 14.064  7.891   1.00 40.78 ? 143 GLU A CB    1 
ATOM   1101 C CG    . GLU A 1 143 ? -20.546 13.299  8.955   1.00 41.52 ? 143 GLU A CG    1 
ATOM   1102 C CD    . GLU A 1 143 ? -21.989 13.756  9.092   1.00 42.18 ? 143 GLU A CD    1 
ATOM   1103 O OE1   . GLU A 1 143 ? -22.349 14.810  8.523   1.00 42.71 ? 143 GLU A OE1   1 
ATOM   1104 O OE2   . GLU A 1 143 ? -22.767 13.058  9.775   1.00 42.78 ? 143 GLU A OE2   1 
ATOM   1105 N N     . ARG A 1 144 ? -16.537 14.637  6.455   1.00 37.10 ? 144 ARG A N     1 
ATOM   1106 C CA    . ARG A 1 144 ? -15.849 15.191  5.286   1.00 35.80 ? 144 ARG A CA    1 
ATOM   1107 C C     . ARG A 1 144 ? -14.744 14.251  4.789   1.00 33.59 ? 144 ARG A C     1 
ATOM   1108 O O     . ARG A 1 144 ? -13.973 14.613  3.899   1.00 33.39 ? 144 ARG A O     1 
ATOM   1109 C CB    . ARG A 1 144 ? -15.256 16.563  5.628   1.00 36.47 ? 144 ARG A CB    1 
ATOM   1110 C CG    . ARG A 1 144 ? -16.194 17.455  6.430   1.00 37.03 ? 144 ARG A CG    1 
ATOM   1111 C CD    . ARG A 1 144 ? -15.606 18.834  6.690   1.00 37.56 ? 144 ARG A CD    1 
ATOM   1112 N NE    . ARG A 1 144 ? -16.080 19.831  5.733   1.00 38.09 ? 144 ARG A NE    1 
ATOM   1113 C CZ    . ARG A 1 144 ? -15.899 21.146  5.854   1.00 38.63 ? 144 ARG A CZ    1 
ATOM   1114 N NH1   . ARG A 1 144 ? -15.244 21.653  6.896   1.00 38.83 ? 144 ARG A NH1   1 
ATOM   1115 N NH2   . ARG A 1 144 ? -16.380 21.963  4.924   1.00 38.79 ? 144 ARG A NH2   1 
ATOM   1116 N N     . VAL A 1 145 ? -14.683 13.046  5.360   1.00 31.07 ? 145 VAL A N     1 
ATOM   1117 C CA    . VAL A 1 145 ? -13.637 12.067  5.041   1.00 29.12 ? 145 VAL A CA    1 
ATOM   1118 C C     . VAL A 1 145 ? -13.678 11.640  3.574   1.00 27.22 ? 145 VAL A C     1 
ATOM   1119 O O     . VAL A 1 145 ? -12.637 11.554  2.923   1.00 26.43 ? 145 VAL A O     1 
ATOM   1120 C CB    . VAL A 1 145 ? -13.726 10.828  5.965   1.00 29.15 ? 145 VAL A CB    1 
ATOM   1121 C CG1   . VAL A 1 145 ? -12.846 9.691   5.459   1.00 29.12 ? 145 VAL A CG1   1 
ATOM   1122 C CG2   . VAL A 1 145 ? -13.328 11.204  7.384   1.00 29.33 ? 145 VAL A CG2   1 
ATOM   1123 N N     . SER A 1 146 ? -14.880 11.377  3.063   1.00 25.37 ? 146 SER A N     1 
ATOM   1124 C CA    . SER A 1 146 ? -15.054 10.980  1.665   1.00 23.99 ? 146 SER A CA    1 
ATOM   1125 C C     . SER A 1 146 ? -14.493 12.034  0.710   1.00 22.51 ? 146 SER A C     1 
ATOM   1126 O O     . SER A 1 146 ? -13.762 11.704  -0.225  1.00 21.94 ? 146 SER A O     1 
ATOM   1127 C CB    . SER A 1 146 ? -16.534 10.733  1.357   1.00 24.28 ? 146 SER A CB    1 
ATOM   1128 O OG    . SER A 1 146 ? -16.713 10.333  0.010   1.00 24.73 ? 146 SER A OG    1 
ATOM   1129 N N     . GLY A 1 147 ? -14.830 13.298  0.956   1.00 21.01 ? 147 GLY A N     1 
ATOM   1130 C CA    . GLY A 1 147 ? -14.337 14.408  0.140   1.00 19.81 ? 147 GLY A CA    1 
ATOM   1131 C C     . GLY A 1 147 ? -12.829 14.572  0.195   1.00 18.67 ? 147 GLY A C     1 
ATOM   1132 O O     . GLY A 1 147 ? -12.211 15.035  -0.764  1.00 18.50 ? 147 GLY A O     1 
ATOM   1133 N N     . HIS A 1 148 ? -12.231 14.192  1.320   1.00 17.44 ? 148 HIS A N     1 
ATOM   1134 C CA    . HIS A 1 148 ? -10.787 14.276  1.483   1.00 16.44 ? 148 HIS A CA    1 
ATOM   1135 C C     . HIS A 1 148 ? -10.082 13.154  0.732   1.00 15.42 ? 148 HIS A C     1 
ATOM   1136 O O     . HIS A 1 148 ? -9.232  13.414  -0.118  1.00 15.01 ? 148 HIS A O     1 
ATOM   1137 C CB    . HIS A 1 148 ? -10.414 14.223  2.960   1.00 16.50 ? 148 HIS A CB    1 
ATOM   1138 C CG    . HIS A 1 148 ? -8.958  14.439  3.223   1.00 16.58 ? 148 HIS A CG    1 
ATOM   1139 N ND1   . HIS A 1 148 ? -8.372  15.687  3.195   1.00 16.57 ? 148 HIS A ND1   1 
ATOM   1140 C CD2   . HIS A 1 148 ? -7.966  13.566  3.518   1.00 16.44 ? 148 HIS A CD2   1 
ATOM   1141 C CE1   . HIS A 1 148 ? -7.085  15.573  3.465   1.00 16.54 ? 148 HIS A CE1   1 
ATOM   1142 N NE2   . HIS A 1 148 ? -6.812  14.295  3.662   1.00 16.54 ? 148 HIS A NE2   1 
ATOM   1143 N N     . VAL A 1 149 ? -10.438 11.907  1.036   1.00 14.52 ? 149 VAL A N     1 
ATOM   1144 C CA    . VAL A 1 149 ? -9.740  10.763  0.439   1.00 14.04 ? 149 VAL A CA    1 
ATOM   1145 C C     . VAL A 1 149 ? -9.999  10.659  -1.065  1.00 13.48 ? 149 VAL A C     1 
ATOM   1146 O O     . VAL A 1 149 ? -9.129  10.219  -1.811  1.00 13.16 ? 149 VAL A O     1 
ATOM   1147 C CB    . VAL A 1 149 ? -10.050 9.417   1.146   1.00 14.11 ? 149 VAL A CB    1 
ATOM   1148 C CG1   . VAL A 1 149 ? -9.730  9.508   2.634   1.00 14.14 ? 149 VAL A CG1   1 
ATOM   1149 C CG2   . VAL A 1 149 ? -11.489 8.973   0.918   1.00 14.27 ? 149 VAL A CG2   1 
ATOM   1150 N N     . LEU A 1 150 ? -11.178 11.089  -1.517  1.00 13.06 ? 150 LEU A N     1 
ATOM   1151 C CA    . LEU A 1 150 ? -11.483 11.102  -2.950  1.00 12.85 ? 150 LEU A CA    1 
ATOM   1152 C C     . LEU A 1 150 ? -11.139 12.443  -3.610  1.00 12.38 ? 150 LEU A C     1 
ATOM   1153 O O     . LEU A 1 150 ? -11.568 12.715  -4.729  1.00 12.79 ? 150 LEU A O     1 
ATOM   1154 C CB    . LEU A 1 150 ? -12.953 10.739  -3.197  1.00 13.07 ? 150 LEU A CB    1 
ATOM   1155 C CG    . LEU A 1 150 ? -13.399 9.374   -2.659  1.00 13.18 ? 150 LEU A CG    1 
ATOM   1156 C CD1   . LEU A 1 150 ? -14.853 9.119   -3.023  1.00 13.35 ? 150 LEU A CD1   1 
ATOM   1157 C CD2   . LEU A 1 150 ? -12.518 8.240   -3.174  1.00 13.26 ? 150 LEU A CD2   1 
ATOM   1158 N N     . GLY A 1 151 ? -10.348 13.264  -2.920  1.00 11.79 ? 151 GLY A N     1 
ATOM   1159 C CA    . GLY A 1 151 ? -9.865  14.527  -3.466  1.00 11.21 ? 151 GLY A CA    1 
ATOM   1160 C C     . GLY A 1 151 ? -8.444  14.413  -3.984  1.00 10.78 ? 151 GLY A C     1 
ATOM   1161 O O     . GLY A 1 151 ? -7.688  13.532  -3.572  1.00 10.53 ? 151 GLY A O     1 
ATOM   1162 N N     . LYS A 1 152 ? -8.095  15.304  -4.907  1.00 10.29 ? 152 LYS A N     1 
ATOM   1163 C CA    . LYS A 1 152 ? -6.729  15.426  -5.406  1.00 10.14 ? 152 LYS A CA    1 
ATOM   1164 C C     . LYS A 1 152 ? -6.010  16.453  -4.542  1.00 9.83  ? 152 LYS A C     1 
ATOM   1165 O O     . LYS A 1 152 ? -6.424  17.613  -4.472  1.00 9.65  ? 152 LYS A O     1 
ATOM   1166 C CB    . LYS A 1 152 ? -6.725  15.866  -6.871  1.00 10.35 ? 152 LYS A CB    1 
ATOM   1167 C CG    . LYS A 1 152 ? -5.339  16.124  -7.444  1.00 10.66 ? 152 LYS A CG    1 
ATOM   1168 C CD    . LYS A 1 152 ? -5.399  16.534  -8.906  1.00 10.93 ? 152 LYS A CD    1 
ATOM   1169 C CE    . LYS A 1 152 ? -4.083  17.138  -9.364  1.00 11.15 ? 152 LYS A CE    1 
ATOM   1170 N NZ    . LYS A 1 152 ? -2.957  16.171  -9.298  1.00 11.42 ? 152 LYS A NZ    1 
ATOM   1171 N N     . ALA A 1 153 ? -4.935  16.024  -3.888  1.00 9.50  ? 153 ALA A N     1 
ATOM   1172 C CA    . ALA A 1 153 ? -4.221  16.867  -2.933  1.00 9.45  ? 153 ALA A CA    1 
ATOM   1173 C C     . ALA A 1 153 ? -3.617  18.093  -3.612  1.00 9.45  ? 153 ALA A C     1 
ATOM   1174 O O     . ALA A 1 153 ? -3.252  18.038  -4.787  1.00 9.34  ? 153 ALA A O     1 
ATOM   1175 C CB    . ALA A 1 153 ? -3.129  16.064  -2.245  1.00 9.41  ? 153 ALA A CB    1 
ATOM   1176 N N     . PRO A 1 154 ? -3.505  19.209  -2.868  1.00 9.58  ? 154 PRO A N     1 
ATOM   1177 C CA    . PRO A 1 154 ? -2.804  20.357  -3.430  1.00 9.76  ? 154 PRO A CA    1 
ATOM   1178 C C     . PRO A 1 154 ? -1.334  20.020  -3.660  1.00 10.00 ? 154 PRO A C     1 
ATOM   1179 O O     . PRO A 1 154 ? -0.810  19.091  -3.042  1.00 9.82  ? 154 PRO A O     1 
ATOM   1180 C CB    . PRO A 1 154 ? -2.959  21.427  -2.349  1.00 9.74  ? 154 PRO A CB    1 
ATOM   1181 C CG    . PRO A 1 154 ? -3.102  20.661  -1.084  1.00 9.67  ? 154 PRO A CG    1 
ATOM   1182 C CD    . PRO A 1 154 ? -3.867  19.424  -1.455  1.00 9.61  ? 154 PRO A CD    1 
ATOM   1183 N N     . SER A 1 155 ? -0.678  20.770  -4.541  1.00 10.46 ? 155 SER A N     1 
ATOM   1184 C CA    . SER A 1 155 ? 0.684   20.456  -4.970  1.00 10.81 ? 155 SER A CA    1 
ATOM   1185 C C     . SER A 1 155 ? 1.686   20.266  -3.830  1.00 10.88 ? 155 SER A C     1 
ATOM   1186 O O     . SER A 1 155 ? 2.522   19.365  -3.897  1.00 10.88 ? 155 SER A O     1 
ATOM   1187 C CB    . SER A 1 155 ? 1.196   21.531  -5.933  1.00 11.06 ? 155 SER A CB    1 
ATOM   1188 O OG    . SER A 1 155 ? 1.142   22.808  -5.335  1.00 11.60 ? 155 SER A OG    1 
ATOM   1189 N N     . ASN A 1 156 ? 1.618   21.100  -2.794  1.00 10.96 ? 156 ASN A N     1 
ATOM   1190 C CA    . ASN A 1 156 ? 2.559   20.965  -1.677  1.00 11.12 ? 156 ASN A CA    1 
ATOM   1191 C C     . ASN A 1 156 ? 2.396   19.635  -0.956  1.00 10.81 ? 156 ASN A C     1 
ATOM   1192 O O     . ASN A 1 156 ? 3.383   18.969  -0.639  1.00 10.71 ? 156 ASN A O     1 
ATOM   1193 C CB    . ASN A 1 156 ? 2.419   22.097  -0.662  1.00 11.60 ? 156 ASN A CB    1 
ATOM   1194 C CG    . ASN A 1 156 ? 3.514   22.059  0.393   1.00 12.03 ? 156 ASN A CG    1 
ATOM   1195 O OD1   . ASN A 1 156 ? 4.692   22.178  0.065   1.00 12.86 ? 156 ASN A OD1   1 
ATOM   1196 N ND2   . ASN A 1 156 ? 3.139   21.868  1.656   1.00 12.36 ? 156 ASN A ND2   1 
ATOM   1197 N N     . GLU A 1 157 ? 1.150   19.260  -0.687  1.00 10.45 ? 157 GLU A N     1 
ATOM   1198 C CA    . GLU A 1 157 ? 0.867   17.982  -0.041  1.00 10.26 ? 157 GLU A CA    1 
ATOM   1199 C C     . GLU A 1 157 ? 1.269   16.820  -0.940  1.00 9.80  ? 157 GLU A C     1 
ATOM   1200 O O     . GLU A 1 157 ? 1.807   15.825  -0.461  1.00 9.51  ? 157 GLU A O     1 
ATOM   1201 C CB    . GLU A 1 157 ? -0.607  17.879  0.349   1.00 10.65 ? 157 GLU A CB    1 
ATOM   1202 C CG    . GLU A 1 157 ? -0.992  18.827  1.473   1.00 11.07 ? 157 GLU A CG    1 
ATOM   1203 C CD    . GLU A 1 157 ? -2.471  18.785  1.810   1.00 11.50 ? 157 GLU A CD    1 
ATOM   1204 O OE1   . GLU A 1 157 ? -3.133  17.771  1.515   1.00 11.86 ? 157 GLU A OE1   1 
ATOM   1205 O OE2   . GLU A 1 157 ? -2.978  19.778  2.375   1.00 12.32 ? 157 GLU A OE2   1 
ATOM   1206 N N     . GLN A 1 158 ? 1.023   16.951  -2.242  1.00 9.29  ? 158 GLN A N     1 
ATOM   1207 C CA    . GLN A 1 158 ? 1.420   15.917  -3.191  1.00 9.02  ? 158 GLN A CA    1 
ATOM   1208 C C     . GLN A 1 158 ? 2.935   15.745  -3.199  1.00 8.94  ? 158 GLN A C     1 
ATOM   1209 O O     . GLN A 1 158 ? 3.435   14.623  -3.178  1.00 8.74  ? 158 GLN A O     1 
ATOM   1210 C CB    . GLN A 1 158 ? 0.927   16.236  -4.605  1.00 8.90  ? 158 GLN A CB    1 
ATOM   1211 C CG    . GLN A 1 158 ? 1.069   15.069  -5.570  1.00 8.87  ? 158 GLN A CG    1 
ATOM   1212 C CD    . GLN A 1 158 ? 0.195   13.895  -5.177  1.00 8.78  ? 158 GLN A CD    1 
ATOM   1213 O OE1   . GLN A 1 158 ? -1.020  14.035  -5.069  1.00 8.87  ? 158 GLN A OE1   1 
ATOM   1214 N NE2   . GLN A 1 158 ? 0.806   12.734  -4.956  1.00 8.71  ? 158 GLN A NE2   1 
ATOM   1215 N N     . SER A 1 159 ? 3.660   16.858  -3.232  1.00 8.88  ? 159 SER A N     1 
ATOM   1216 C CA    . SER A 1 159 ? 5.118   16.834  -3.165  1.00 8.94  ? 159 SER A CA    1 
ATOM   1217 C C     . SER A 1 159 ? 5.622   16.119  -1.915  1.00 8.73  ? 159 SER A C     1 
ATOM   1218 O O     . SER A 1 159 ? 6.552   15.315  -1.989  1.00 8.69  ? 159 SER A O     1 
ATOM   1219 C CB    . SER A 1 159 ? 5.674   18.258  -3.200  1.00 9.09  ? 159 SER A CB    1 
ATOM   1220 O OG    . SER A 1 159 ? 5.518   18.821  -4.486  1.00 9.59  ? 159 SER A OG    1 
ATOM   1221 N N     . LEU A 1 160 ? 4.999   16.412  -0.778  1.00 8.63  ? 160 LEU A N     1 
ATOM   1222 C CA    . LEU A 1 160 ? 5.362   15.776  0.487   1.00 8.54  ? 160 LEU A CA    1 
ATOM   1223 C C     . LEU A 1 160 ? 5.122   14.266  0.441   1.00 8.40  ? 160 LEU A C     1 
ATOM   1224 O O     . LEU A 1 160 ? 5.986   13.485  0.830   1.00 8.32  ? 160 LEU A O     1 
ATOM   1225 C CB    . LEU A 1 160 ? 4.580   16.401  1.644   1.00 8.66  ? 160 LEU A CB    1 
ATOM   1226 C CG    . LEU A 1 160 ? 4.976   17.831  2.021   1.00 8.82  ? 160 LEU A CG    1 
ATOM   1227 C CD1   . LEU A 1 160 ? 3.935   18.433  2.950   1.00 8.93  ? 160 LEU A CD1   1 
ATOM   1228 C CD2   . LEU A 1 160 ? 6.354   17.866  2.660   1.00 8.88  ? 160 LEU A CD2   1 
ATOM   1229 N N     . MET A 1 161 ? 3.962   13.856  -0.057  1.00 8.29  ? 161 MET A N     1 
ATOM   1230 C CA    . MET A 1 161 ? 3.662   12.431  -0.187  1.00 8.27  ? 161 MET A CA    1 
ATOM   1231 C C     . MET A 1 161 ? 4.614   11.746  -1.161  1.00 8.26  ? 161 MET A C     1 
ATOM   1232 O O     . MET A 1 161 ? 5.106   10.648  -0.887  1.00 8.29  ? 161 MET A O     1 
ATOM   1233 C CB    . MET A 1 161 ? 2.215   12.227  -0.626  1.00 8.31  ? 161 MET A CB    1 
ATOM   1234 C CG    . MET A 1 161 ? 1.217   12.633  0.442   1.00 8.35  ? 161 MET A CG    1 
ATOM   1235 S SD    . MET A 1 161 ? -0.495  12.274  0.029   1.00 8.52  ? 161 MET A SD    1 
ATOM   1236 C CE    . MET A 1 161 ? -0.796  13.413  -1.318  1.00 8.50  ? 161 MET A CE    1 
ATOM   1237 N N     . ASP A 1 162 ? 4.872   12.394  -2.294  1.00 8.29  ? 162 ASP A N     1 
ATOM   1238 C CA    . ASP A 1 162 ? 5.758   11.837  -3.316  1.00 8.35  ? 162 ASP A CA    1 
ATOM   1239 C C     . ASP A 1 162 ? 7.163   11.581  -2.770  1.00 8.25  ? 162 ASP A C     1 
ATOM   1240 O O     . ASP A 1 162 ? 7.764   10.547  -3.059  1.00 8.14  ? 162 ASP A O     1 
ATOM   1241 C CB    . ASP A 1 162 ? 5.839   12.765  -4.534  1.00 8.54  ? 162 ASP A CB    1 
ATOM   1242 C CG    . ASP A 1 162 ? 4.540   12.822  -5.330  1.00 8.72  ? 162 ASP A CG    1 
ATOM   1243 O OD1   . ASP A 1 162 ? 3.603   12.045  -5.056  1.00 8.87  ? 162 ASP A OD1   1 
ATOM   1244 O OD2   . ASP A 1 162 ? 4.461   13.664  -6.244  1.00 9.21  ? 162 ASP A OD2   1 
ATOM   1245 N N     . GLY A 1 163 ? 7.687   12.526  -1.993  1.00 8.09  ? 163 GLY A N     1 
ATOM   1246 C CA    . GLY A 1 163 ? 8.990   12.363  -1.352  1.00 8.08  ? 163 GLY A CA    1 
ATOM   1247 C C     . GLY A 1 163 ? 9.021   11.204  -0.371  1.00 8.04  ? 163 GLY A C     1 
ATOM   1248 O O     . GLY A 1 163 ? 9.993   10.444  -0.325  1.00 8.11  ? 163 GLY A O     1 
ATOM   1249 N N     . ALA A 1 164 ? 7.959   11.061  0.418   1.00 8.08  ? 164 ALA A N     1 
ATOM   1250 C CA    . ALA A 1 164 ? 7.863   9.967   1.381   1.00 8.09  ? 164 ALA A CA    1 
ATOM   1251 C C     . ALA A 1 164 ? 7.782   8.612   0.675   1.00 8.15  ? 164 ALA A C     1 
ATOM   1252 O O     . ALA A 1 164 ? 8.446   7.650   1.073   1.00 8.00  ? 164 ALA A O     1 
ATOM   1253 C CB    . ALA A 1 164 ? 6.659   10.167  2.286   1.00 8.12  ? 164 ALA A CB    1 
ATOM   1254 N N     . ILE A 1 165 ? 6.970   8.550   -0.376  1.00 8.26  ? 165 ILE A N     1 
ATOM   1255 C CA    . ILE A 1 165 ? 6.848   7.343   -1.192  1.00 8.43  ? 165 ILE A CA    1 
ATOM   1256 C C     . ILE A 1 165 ? 8.194   6.962   -1.813  1.00 8.78  ? 165 ILE A C     1 
ATOM   1257 O O     . ILE A 1 165 ? 8.575   5.792   -1.792  1.00 8.64  ? 165 ILE A O     1 
ATOM   1258 C CB    . ILE A 1 165 ? 5.748   7.520   -2.268  1.00 8.37  ? 165 ILE A CB    1 
ATOM   1259 C CG1   . ILE A 1 165 ? 4.375   7.435   -1.594  1.00 8.31  ? 165 ILE A CG1   1 
ATOM   1260 C CG2   . ILE A 1 165 ? 5.868   6.470   -3.368  1.00 8.35  ? 165 ILE A CG2   1 
ATOM   1261 C CD1   . ILE A 1 165 ? 3.213   7.886   -2.454  1.00 8.31  ? 165 ILE A CD1   1 
ATOM   1262 N N     . ASP A 1 166 ? 8.913   7.946   -2.345  1.00 9.29  ? 166 ASP A N     1 
ATOM   1263 C CA    . ASP A 1 166 ? 10.239  7.709   -2.918  1.00 9.85  ? 166 ASP A CA    1 
ATOM   1264 C C     . ASP A 1 166 ? 11.195  7.124   -1.877  1.00 9.82  ? 166 ASP A C     1 
ATOM   1265 O O     . ASP A 1 166 ? 11.944  6.187   -2.169  1.00 9.78  ? 166 ASP A O     1 
ATOM   1266 C CB    . ASP A 1 166 ? 10.814  9.010   -3.487  1.00 10.42 ? 166 ASP A CB    1 
ATOM   1267 C CG    . ASP A 1 166 ? 12.199  8.828   -4.074  1.00 11.06 ? 166 ASP A CG    1 
ATOM   1268 O OD1   . ASP A 1 166 ? 12.294  8.397   -5.237  1.00 12.10 ? 166 ASP A OD1   1 
ATOM   1269 O OD2   . ASP A 1 166 ? 13.184  9.128   -3.370  1.00 11.97 ? 166 ASP A OD2   1 
ATOM   1270 N N     . HIS A 1 167 ? 11.162  7.670   -0.667  1.00 9.82  ? 167 HIS A N     1 
ATOM   1271 C CA    . HIS A 1 167 ? 11.980  7.153   0.425   1.00 9.93  ? 167 HIS A CA    1 
ATOM   1272 C C     . HIS A 1 167 ? 11.645  5.695   0.721   1.00 9.86  ? 167 HIS A C     1 
ATOM   1273 O O     . HIS A 1 167 ? 12.544  4.861   0.867   1.00 9.92  ? 167 HIS A O     1 
ATOM   1274 C CB    . HIS A 1 167 ? 11.784  7.997   1.681   1.00 10.03 ? 167 HIS A CB    1 
ATOM   1275 C CG    . HIS A 1 167 ? 12.544  7.498   2.867   1.00 10.20 ? 167 HIS A CG    1 
ATOM   1276 N ND1   . HIS A 1 167 ? 13.902  7.672   3.006   1.00 10.29 ? 167 HIS A ND1   1 
ATOM   1277 C CD2   . HIS A 1 167 ? 12.132  6.844   3.979   1.00 10.26 ? 167 HIS A CD2   1 
ATOM   1278 C CE1   . HIS A 1 167 ? 14.297  7.144   4.151   1.00 10.30 ? 167 HIS A CE1   1 
ATOM   1279 N NE2   . HIS A 1 167 ? 13.242  6.635   4.761   1.00 10.44 ? 167 HIS A NE2   1 
ATOM   1280 N N     . ALA A 1 168 ? 10.354  5.388   0.799   1.00 9.77  ? 168 ALA A N     1 
ATOM   1281 C CA    . ALA A 1 168 ? 9.904   4.021   1.066   1.00 9.83  ? 168 ALA A CA    1 
ATOM   1282 C C     . ALA A 1 168 ? 10.365  3.043   -0.013  1.00 9.95  ? 168 ALA A C     1 
ATOM   1283 O O     . ALA A 1 168 ? 10.740  1.913   0.300   1.00 9.80  ? 168 ALA A O     1 
ATOM   1284 C CB    . ALA A 1 168 ? 8.392   3.976   1.209   1.00 9.82  ? 168 ALA A CB    1 
ATOM   1285 N N     . LEU A 1 169 ? 10.350  3.478   -1.273  1.00 10.09 ? 169 LEU A N     1 
ATOM   1286 C CA    . LEU A 1 169 ? 10.823  2.644   -2.385  1.00 10.32 ? 169 LEU A CA    1 
ATOM   1287 C C     . LEU A 1 169 ? 12.258  2.186   -2.167  1.00 10.50 ? 169 LEU A C     1 
ATOM   1288 O O     . LEU A 1 169 ? 12.602  1.051   -2.495  1.00 10.40 ? 169 LEU A O     1 
ATOM   1289 C CB    . LEU A 1 169 ? 10.732  3.394   -3.718  1.00 10.39 ? 169 LEU A CB    1 
ATOM   1290 C CG    . LEU A 1 169 ? 9.336   3.706   -4.253  1.00 10.51 ? 169 LEU A CG    1 
ATOM   1291 C CD1   . LEU A 1 169 ? 9.428   4.654   -5.437  1.00 10.65 ? 169 LEU A CD1   1 
ATOM   1292 C CD2   . LEU A 1 169 ? 8.600   2.435   -4.637  1.00 10.52 ? 169 LEU A CD2   1 
ATOM   1293 N N     . SER A 1 170 ? 13.085  3.064   -1.603  1.00 10.78 ? 170 SER A N     1 
ATOM   1294 C CA    . SER A 1 170 ? 14.491  2.754   -1.343  1.00 11.08 ? 170 SER A CA    1 
ATOM   1295 C C     . SER A 1 170 ? 14.679  1.729   -0.218  1.00 11.10 ? 170 SER A C     1 
ATOM   1296 O O     . SER A 1 170 ? 15.767  1.168   -0.079  1.00 11.56 ? 170 SER A O     1 
ATOM   1297 C CB    . SER A 1 170 ? 15.279  4.031   -1.013  1.00 11.26 ? 170 SER A CB    1 
ATOM   1298 O OG    . SER A 1 170 ? 15.069  4.453   0.325   1.00 11.53 ? 170 SER A OG    1 
ATOM   1299 N N     . LYS A 1 171 ? 13.635  1.489   0.576   1.00 11.07 ? 171 LYS A N     1 
ATOM   1300 C CA    . LYS A 1 171 ? 13.711  0.565   1.715   1.00 11.15 ? 171 LYS A CA    1 
ATOM   1301 C C     . LYS A 1 171 ? 13.026  -0.779  1.465   1.00 10.95 ? 171 LYS A C     1 
ATOM   1302 O O     . LYS A 1 171 ? 13.041  -1.649  2.336   1.00 10.71 ? 171 LYS A O     1 
ATOM   1303 C CB    . LYS A 1 171 ? 13.121  1.215   2.972   1.00 11.46 ? 171 LYS A CB    1 
ATOM   1304 C CG    . LYS A 1 171 ? 13.720  2.571   3.315   1.00 11.77 ? 171 LYS A CG    1 
ATOM   1305 C CD    . LYS A 1 171 ? 15.226  2.515   3.517   1.00 12.16 ? 171 LYS A CD    1 
ATOM   1306 C CE    . LYS A 1 171 ? 15.799  3.900   3.764   1.00 12.58 ? 171 LYS A CE    1 
ATOM   1307 N NZ    . LYS A 1 171 ? 17.287  3.905   3.772   1.00 13.00 ? 171 LYS A NZ    1 
ATOM   1308 N N     . VAL A 1 172 ? 12.440  -0.960  0.285   1.00 10.80 ? 172 VAL A N     1 
ATOM   1309 C CA    . VAL A 1 172 ? 11.792  -2.231  -0.052  1.00 10.78 ? 172 VAL A CA    1 
ATOM   1310 C C     . VAL A 1 172 ? 12.809  -3.378  -0.070  1.00 10.82 ? 172 VAL A C     1 
ATOM   1311 O O     . VAL A 1 172 ? 12.473  -4.510  0.271   1.00 10.58 ? 172 VAL A O     1 
ATOM   1312 C CB    . VAL A 1 172 ? 11.021  -2.136  -1.389  1.00 10.77 ? 172 VAL A CB    1 
ATOM   1313 C CG1   . VAL A 1 172 ? 10.533  -3.503  -1.849  1.00 10.88 ? 172 VAL A CG1   1 
ATOM   1314 C CG2   . VAL A 1 172 ? 9.848   -1.179  -1.242  1.00 10.77 ? 172 VAL A CG2   1 
ATOM   1315 N N     . LYS A 1 173 ? 14.051  -3.077  -0.443  1.00 11.01 ? 173 LYS A N     1 
ATOM   1316 C CA    . LYS A 1 173 ? 15.141  -4.057  -0.394  1.00 11.35 ? 173 LYS A CA    1 
ATOM   1317 C C     . LYS A 1 173 ? 15.229  -4.721  0.984   1.00 10.97 ? 173 LYS A C     1 
ATOM   1318 O O     . LYS A 1 173 ? 15.336  -5.941  1.079   1.00 10.99 ? 173 LYS A O     1 
ATOM   1319 C CB    . LYS A 1 173 ? 16.473  -3.385  -0.757  1.00 12.02 ? 173 LYS A CB    1 
ATOM   1320 C CG    . LYS A 1 173 ? 17.725  -4.217  -0.510  1.00 12.72 ? 173 LYS A CG    1 
ATOM   1321 C CD    . LYS A 1 173 ? 18.944  -3.538  -1.117  1.00 13.35 ? 173 LYS A CD    1 
ATOM   1322 C CE    . LYS A 1 173 ? 20.252  -4.096  -0.580  1.00 13.86 ? 173 LYS A CE    1 
ATOM   1323 N NZ    . LYS A 1 173 ? 20.470  -5.534  -0.901  1.00 14.24 ? 173 LYS A NZ    1 
ATOM   1324 N N     . LEU A 1 174 ? 15.172  -3.917  2.044   1.00 10.48 ? 174 LEU A N     1 
ATOM   1325 C CA    . LEU A 1 174 ? 15.182  -4.449  3.411   1.00 10.36 ? 174 LEU A CA    1 
ATOM   1326 C C     . LEU A 1 174 ? 13.990  -5.369  3.665   1.00 10.19 ? 174 LEU A C     1 
ATOM   1327 O O     . LEU A 1 174 ? 14.135  -6.429  4.266   1.00 10.03 ? 174 LEU A O     1 
ATOM   1328 C CB    . LEU A 1 174 ? 15.181  -3.311  4.438   1.00 10.34 ? 174 LEU A CB    1 
ATOM   1329 C CG    . LEU A 1 174 ? 16.452  -2.463  4.523   1.00 10.36 ? 174 LEU A CG    1 
ATOM   1330 C CD1   . LEU A 1 174 ? 16.197  -1.196  5.322   1.00 10.38 ? 174 LEU A CD1   1 
ATOM   1331 C CD2   . LEU A 1 174 ? 17.597  -3.257  5.131   1.00 10.38 ? 174 LEU A CD2   1 
ATOM   1332 N N     . LEU A 1 175 ? 12.814  -4.962  3.198   1.00 10.01 ? 175 LEU A N     1 
ATOM   1333 C CA    . LEU A 1 175 ? 11.587  -5.722  3.440   1.00 9.97  ? 175 LEU A CA    1 
ATOM   1334 C C     . LEU A 1 175 ? 11.560  -7.087  2.755   1.00 9.73  ? 175 LEU A C     1 
ATOM   1335 O O     . LEU A 1 175 ? 11.190  -8.083  3.378   1.00 9.41  ? 175 LEU A O     1 
ATOM   1336 C CB    . LEU A 1 175 ? 10.364  -4.903  3.027   1.00 10.16 ? 175 LEU A CB    1 
ATOM   1337 C CG    . LEU A 1 175 ? 10.105  -3.696  3.925   1.00 10.37 ? 175 LEU A CG    1 
ATOM   1338 C CD1   . LEU A 1 175 ? 9.049   -2.796  3.309   1.00 10.52 ? 175 LEU A CD1   1 
ATOM   1339 C CD2   . LEU A 1 175 ? 9.685   -4.139  5.317   1.00 10.48 ? 175 LEU A CD2   1 
ATOM   1340 N N     . VAL A 1 176 ? 11.962  -7.143  1.486   1.00 9.66  ? 176 VAL A N     1 
ATOM   1341 C CA    . VAL A 1 176 ? 11.991  -8.421  0.763   1.00 9.77  ? 176 VAL A CA    1 
ATOM   1342 C C     . VAL A 1 176 ? 13.071  -9.353  1.332   1.00 10.02 ? 176 VAL A C     1 
ATOM   1343 O O     . VAL A 1 176 ? 13.002  -10.570 1.166   1.00 10.04 ? 176 VAL A O     1 
ATOM   1344 C CB    . VAL A 1 176 ? 12.153  -8.246  -0.772  1.00 9.73  ? 176 VAL A CB    1 
ATOM   1345 C CG1   . VAL A 1 176 ? 11.025  -7.386  -1.329  1.00 9.75  ? 176 VAL A CG1   1 
ATOM   1346 C CG2   . VAL A 1 176 ? 13.509  -7.661  -1.147  1.00 9.77  ? 176 VAL A CG2   1 
ATOM   1347 N N     . GLN A 1 177 ? 14.054  -8.768  2.017   1.00 10.29 ? 177 GLN A N     1 
ATOM   1348 C CA    . GLN A 1 177 ? 15.100  -9.520  2.712   1.00 10.62 ? 177 GLN A CA    1 
ATOM   1349 C C     . GLN A 1 177 ? 14.703  -9.929  4.137   1.00 10.47 ? 177 GLN A C     1 
ATOM   1350 O O     . GLN A 1 177 ? 15.480  -10.584 4.833   1.00 10.69 ? 177 GLN A O     1 
ATOM   1351 C CB    . GLN A 1 177 ? 16.392  -8.693  2.738   1.00 11.04 ? 177 GLN A CB    1 
ATOM   1352 C CG    . GLN A 1 177 ? 17.031  -8.549  1.361   1.00 11.46 ? 177 GLN A CG    1 
ATOM   1353 C CD    . GLN A 1 177 ? 18.119  -7.488  1.257   1.00 11.95 ? 177 GLN A CD    1 
ATOM   1354 O OE1   . GLN A 1 177 ? 18.774  -7.379  0.220   1.00 12.77 ? 177 GLN A OE1   1 
ATOM   1355 N NE2   . GLN A 1 177 ? 18.311  -6.694  2.308   1.00 12.15 ? 177 GLN A NE2   1 
ATOM   1356 N N     . GLY A 1 178 ? 13.504  -9.562  4.571   1.00 10.25 ? 178 GLY A N     1 
ATOM   1357 C CA    . GLY A 1 178 ? 13.022  -9.911  5.904   1.00 10.19 ? 178 GLY A CA    1 
ATOM   1358 C C     . GLY A 1 178 ? 13.536  -9.054  7.072   1.00 10.13 ? 178 GLY A C     1 
ATOM   1359 O O     . GLY A 1 178 ? 13.294  -9.327  8.183   1.00 10.17 ? 178 GLY A O     1 
ATOM   1360 N N     . GLN A 1 179 ? 14.189  -7.955  6.744   1.00 10.10 ? 179 GLN A N     1 
ATOM   1361 C CA    . GLN A 1 179 ? 14.689  -6.999  7.714   1.00 10.22 ? 179 GLN A CA    1 
ATOM   1362 C C     . GLN A 1 179 ? 13.638  -5.989  8.064   1.00 10.35 ? 179 GLN A C     1 
ATOM   1363 O O     . GLN A 1 179 ? 13.798  -4.848  7.915   1.00 10.27 ? 179 GLN A O     1 
ATOM   1364 C CB    . GLN A 1 179 ? 15.939  -6.309  7.167   1.00 10.24 ? 179 GLN A CB    1 
ATOM   1365 C CG    . GLN A 1 179 ? 17.090  -7.289  6.995   1.00 10.32 ? 179 GLN A CG    1 
ATOM   1366 C CD    . GLN A 1 179 ? 18.202  -6.662  6.214   1.00 10.46 ? 179 GLN A CD    1 
ATOM   1367 O OE1   . GLN A 1 179 ? 18.229  -6.734  5.031   1.00 10.83 ? 179 GLN A OE1   1 
ATOM   1368 N NE2   . GLN A 1 179 ? 19.046  -5.970  6.902   1.00 10.50 ? 179 GLN A NE2   1 
ATOM   1369 N N     . VAL A 1 180 ? 12.584  -6.487  8.620   1.00 10.55 ? 180 VAL A N     1 
ATOM   1370 C CA    . VAL A 1 180 ? 11.435  -5.660  8.977   1.00 10.68 ? 180 VAL A CA    1 
ATOM   1371 C C     . VAL A 1 180 ? 11.784  -4.644  10.088  1.00 10.69 ? 180 VAL A C     1 
ATOM   1372 O O     . VAL A 1 180 ? 11.470  -3.525  9.965   1.00 10.55 ? 180 VAL A O     1 
ATOM   1373 C CB    . VAL A 1 180 ? 10.192  -6.521  9.382   1.00 10.80 ? 180 VAL A CB    1 
ATOM   1374 C CG1   . VAL A 1 180 ? 9.054   -5.577  9.837   1.00 10.94 ? 180 VAL A CG1   1 
ATOM   1375 C CG2   . VAL A 1 180 ? 9.695   -7.374  8.209   1.00 10.95 ? 180 VAL A CG2   1 
ATOM   1376 N N     . PRO A 1 181 ? 12.453  -5.033  11.155  1.00 10.67 ? 181 PRO A N     1 
ATOM   1377 C CA    . PRO A 1 181 ? 12.822  -4.038  12.171  1.00 10.73 ? 181 PRO A CA    1 
ATOM   1378 C C     . PRO A 1 181 ? 13.656  -2.873  11.628  1.00 10.78 ? 181 PRO A C     1 
ATOM   1379 O O     . PRO A 1 181 ? 13.356  -1.718  11.930  1.00 10.71 ? 181 PRO A O     1 
ATOM   1380 C CB    . PRO A 1 181 ? 13.617  -4.857  13.194  1.00 10.78 ? 181 PRO A CB    1 
ATOM   1381 C CG    . PRO A 1 181 ? 13.087  -6.239  13.050  1.00 10.77 ? 181 PRO A CG    1 
ATOM   1382 C CD    . PRO A 1 181 ? 12.792  -6.402  11.587  1.00 10.77 ? 181 PRO A CD    1 
ATOM   1383 N N     . GLN A 1 182 ? 14.677  -3.161  10.824  1.00 10.89 ? 182 GLN A N     1 
ATOM   1384 C CA    . GLN A 1 182 ? 15.491  -2.094  10.242  1.00 11.12 ? 182 GLN A CA    1 
ATOM   1385 C C     . GLN A 1 182 ? 14.684  -1.238  9.271   1.00 11.14 ? 182 GLN A C     1 
ATOM   1386 O O     . GLN A 1 182 ? 14.801  -0.013  9.276   1.00 10.99 ? 182 GLN A O     1 
ATOM   1387 C CB    . GLN A 1 182 ? 16.724  -2.653  9.534   1.00 11.31 ? 182 GLN A CB    1 
ATOM   1388 C CG    . GLN A 1 182 ? 17.657  -1.562  9.023   1.00 11.61 ? 182 GLN A CG    1 
ATOM   1389 C CD    . GLN A 1 182 ? 18.905  -2.103  8.358   1.00 12.01 ? 182 GLN A CD    1 
ATOM   1390 O OE1   . GLN A 1 182 ? 19.335  -3.220  8.633   1.00 12.45 ? 182 GLN A OE1   1 
ATOM   1391 N NE2   . GLN A 1 182 ? 19.498  -1.305  7.479   1.00 12.19 ? 182 GLN A NE2   1 
ATOM   1392 N N     . ALA A 1 183 ? 13.874  -1.882  8.436   1.00 11.12 ? 183 ALA A N     1 
ATOM   1393 C CA    . ALA A 1 183 ? 13.007  -1.160  7.506   1.00 11.32 ? 183 ALA A CA    1 
ATOM   1394 C C     . ALA A 1 183 ? 12.077  -0.220  8.263   1.00 11.64 ? 183 ALA A C     1 
ATOM   1395 O O     . ALA A 1 183 ? 11.901  0.933   7.872   1.00 11.26 ? 183 ALA A O     1 
ATOM   1396 C CB    . ALA A 1 183 ? 12.206  -2.133  6.658   1.00 11.23 ? 183 ALA A CB    1 
ATOM   1397 N N     . MET A 1 184 ? 11.497  -0.713  9.355   1.00 12.24 ? 184 MET A N     1 
ATOM   1398 C CA    . MET A 1 184 ? 10.613  0.100   10.187  1.00 12.86 ? 184 MET A CA    1 
ATOM   1399 C C     . MET A 1 184 ? 11.351  1.316   10.734  1.00 12.80 ? 184 MET A C     1 
ATOM   1400 O O     . MET A 1 184 ? 10.856  2.436   10.645  1.00 12.74 ? 184 MET A O     1 
ATOM   1401 C CB    . MET A 1 184 ? 10.031  -0.726  11.337  1.00 13.64 ? 184 MET A CB    1 
ATOM   1402 C CG    . MET A 1 184 ? 8.901   -0.030  12.078  1.00 14.35 ? 184 MET A CG    1 
ATOM   1403 S SD    . MET A 1 184 ? 8.053   -1.095  13.261  1.00 15.70 ? 184 MET A SD    1 
ATOM   1404 C CE    . MET A 1 184 ? 7.209   -2.251  12.178  1.00 15.56 ? 184 MET A CE    1 
ATOM   1405 N N     . ASN A 1 185 ? 12.539  1.093   11.289  1.00 12.86 ? 185 ASN A N     1 
ATOM   1406 C CA    . ASN A 1 185 ? 13.355  2.184   11.811  0.50 12.99 ? 185 ASN A CA    1 
ATOM   1407 C C     . ASN A 1 185 ? 13.640  3.242   10.750  1.00 13.04 ? 185 ASN A C     1 
ATOM   1408 O O     . ASN A 1 185 ? 13.448  4.435   10.988  1.00 13.16 ? 185 ASN A O     1 
ATOM   1409 C CB    . ASN A 1 185 ? 14.679  1.647   12.361  0.50 13.13 ? 185 ASN A CB    1 
ATOM   1410 C CG    . ASN A 1 185 ? 15.551  2.739   12.947  0.50 13.38 ? 185 ASN A CG    1 
ATOM   1411 O OD1   . ASN A 1 185 ? 16.565  3.119   12.363  0.50 13.68 ? 185 ASN A OD1   1 
ATOM   1412 N ND2   . ASN A 1 185 ? 15.149  3.264   14.098  0.50 13.57 ? 185 ASN A ND2   1 
ATOM   1413 N N     . GLN A 1 186 ? 14.084  2.801   9.577   1.00 13.00 ? 186 GLN A N     1 
ATOM   1414 C CA    . GLN A 1 186 ? 14.537  3.724   8.537   1.00 13.10 ? 186 GLN A CA    1 
ATOM   1415 C C     . GLN A 1 186 ? 13.391  4.399   7.785   1.00 12.64 ? 186 GLN A C     1 
ATOM   1416 O O     . GLN A 1 186 ? 13.526  5.549   7.371   1.00 12.82 ? 186 GLN A O     1 
ATOM   1417 C CB    . GLN A 1 186 ? 15.476  3.014   7.562   1.00 13.74 ? 186 GLN A CB    1 
ATOM   1418 C CG    . GLN A 1 186 ? 16.775  2.569   8.216   1.00 14.46 ? 186 GLN A CG    1 
ATOM   1419 C CD    . GLN A 1 186 ? 17.829  2.139   7.217   1.00 15.19 ? 186 GLN A CD    1 
ATOM   1420 O OE1   . GLN A 1 186 ? 17.562  2.028   6.019   1.00 16.30 ? 186 GLN A OE1   1 
ATOM   1421 N NE2   . GLN A 1 186 ? 19.042  1.902   7.704   1.00 15.77 ? 186 GLN A NE2   1 
ATOM   1422 N N     . ILE A 1 187 ? 12.273  3.696   7.610   1.00 12.14 ? 187 ILE A N     1 
ATOM   1423 C CA    . ILE A 1 187 ? 11.078  4.291   7.004   1.00 11.77 ? 187 ILE A CA    1 
ATOM   1424 C C     . ILE A 1 187 ? 10.449  5.317   7.949   1.00 11.89 ? 187 ILE A C     1 
ATOM   1425 O O     . ILE A 1 187 ? 10.178  6.451   7.547   1.00 11.70 ? 187 ILE A O     1 
ATOM   1426 C CB    . ILE A 1 187 ? 10.033  3.220   6.609   1.00 11.55 ? 187 ILE A CB    1 
ATOM   1427 C CG1   . ILE A 1 187 ? 10.545  2.412   5.411   1.00 11.45 ? 187 ILE A CG1   1 
ATOM   1428 C CG2   . ILE A 1 187 ? 8.690   3.868   6.279   1.00 11.45 ? 187 ILE A CG2   1 
ATOM   1429 C CD1   . ILE A 1 187 ? 9.733   1.175   5.090   1.00 11.37 ? 187 ILE A CD1   1 
ATOM   1430 N N     . ASN A 1 188 ? 10.226  4.922   9.201   1.00 11.93 ? 188 ASN A N     1 
ATOM   1431 C CA    . ASN A 1 188 ? 9.559   5.790   10.178  1.00 12.11 ? 188 ASN A CA    1 
ATOM   1432 C C     . ASN A 1 188 ? 10.347  7.060   10.502  1.00 12.27 ? 188 ASN A C     1 
ATOM   1433 O O     . ASN A 1 188 ? 9.763   8.068   10.899  1.00 12.62 ? 188 ASN A O     1 
ATOM   1434 C CB    . ASN A 1 188 ? 9.261   5.028   11.474  1.00 12.21 ? 188 ASN A CB    1 
ATOM   1435 C CG    . ASN A 1 188 ? 8.250   3.911   11.280  1.00 12.29 ? 188 ASN A CG    1 
ATOM   1436 O OD1   . ASN A 1 188 ? 7.949   3.520   10.156  1.00 12.34 ? 188 ASN A OD1   1 
ATOM   1437 N ND2   . ASN A 1 188 ? 7.734   3.383   12.386  1.00 12.45 ? 188 ASN A ND2   1 
ATOM   1438 N N     . ALA A 1 189 ? 11.665  7.009   10.323  1.00 12.27 ? 189 ALA A N     1 
ATOM   1439 C CA    . ALA A 1 189 ? 12.528  8.162   10.582  1.00 12.41 ? 189 ALA A CA    1 
ATOM   1440 C C     . ALA A 1 189 ? 12.442  9.245   9.504   1.00 12.45 ? 189 ALA A C     1 
ATOM   1441 O O     . ALA A 1 189 ? 12.981  10.337  9.689   1.00 12.59 ? 189 ALA A O     1 
ATOM   1442 C CB    . ALA A 1 189 ? 13.972  7.705   10.742  1.00 12.46 ? 189 ALA A CB    1 
ATOM   1443 N N     . TYR A 1 190 ? 11.770  8.957   8.389   1.00 12.44 ? 190 TYR A N     1 
ATOM   1444 C CA    . TYR A 1 190 ? 11.711  9.894   7.267   1.00 12.40 ? 190 TYR A CA    1 
ATOM   1445 C C     . TYR A 1 190 ? 11.165  11.263  7.652   1.00 12.81 ? 190 TYR A C     1 
ATOM   1446 O O     . TYR A 1 190 ? 10.139  11.362  8.324   1.00 12.80 ? 190 TYR A O     1 
ATOM   1447 C CB    . TYR A 1 190 ? 10.851  9.346   6.123   1.00 12.13 ? 190 TYR A CB    1 
ATOM   1448 C CG    . TYR A 1 190 ? 10.751  10.318  4.965   1.00 11.80 ? 190 TYR A CG    1 
ATOM   1449 C CD1   . TYR A 1 190 ? 11.819  10.492  4.093   1.00 11.69 ? 190 TYR A CD1   1 
ATOM   1450 C CD2   . TYR A 1 190 ? 9.606   11.086  4.765   1.00 11.62 ? 190 TYR A CD2   1 
ATOM   1451 C CE1   . TYR A 1 190 ? 11.746  11.387  3.040   1.00 11.60 ? 190 TYR A CE1   1 
ATOM   1452 C CE2   . TYR A 1 190 ? 9.526   11.990  3.716   1.00 11.55 ? 190 TYR A CE2   1 
ATOM   1453 C CZ    . TYR A 1 190 ? 10.601  12.131  2.856   1.00 11.54 ? 190 TYR A CZ    1 
ATOM   1454 O OH    . TYR A 1 190 ? 10.548  13.018  1.806   1.00 11.58 ? 190 TYR A OH    1 
ATOM   1455 N N     . LYS A 1 191 ? 11.864  12.301  7.196   1.00 13.48 ? 191 LYS A N     1 
ATOM   1456 C CA    . LYS A 1 191 ? 11.406  13.684  7.280   1.00 14.15 ? 191 LYS A CA    1 
ATOM   1457 C C     . LYS A 1 191 ? 11.457  14.297  5.884   1.00 14.17 ? 191 LYS A C     1 
ATOM   1458 O O     . LYS A 1 191 ? 12.407  14.045  5.139   1.00 14.09 ? 191 LYS A O     1 
ATOM   1459 C CB    . LYS A 1 191 ? 12.305  14.485  8.217   1.00 14.75 ? 191 LYS A CB    1 
ATOM   1460 C CG    . LYS A 1 191 ? 12.447  13.859  9.587   1.00 15.39 ? 191 LYS A CG    1 
ATOM   1461 C CD    . LYS A 1 191 ? 13.220  14.744  10.548  1.00 16.01 ? 191 LYS A CD    1 
ATOM   1462 C CE    . LYS A 1 191 ? 12.977  14.328  11.989  1.00 16.42 ? 191 LYS A CE    1 
ATOM   1463 N NZ    . LYS A 1 191 ? 11.525  14.250  12.321  1.00 16.68 ? 191 LYS A NZ    1 
ATOM   1464 N N     . PRO A 1 192 ? 10.451  15.116  5.524   1.00 14.40 ? 192 PRO A N     1 
ATOM   1465 C CA    . PRO A 1 192 ? 10.437  15.731  4.193   1.00 14.78 ? 192 PRO A CA    1 
ATOM   1466 C C     . PRO A 1 192 ? 11.493  16.823  4.010   1.00 15.26 ? 192 PRO A C     1 
ATOM   1467 O O     . PRO A 1 192 ? 11.976  17.022  2.895   1.00 15.49 ? 192 PRO A O     1 
ATOM   1468 C CB    . PRO A 1 192 ? 9.028   16.329  4.097   1.00 14.76 ? 192 PRO A CB    1 
ATOM   1469 C CG    . PRO A 1 192 ? 8.620   16.571  5.505   1.00 14.58 ? 192 PRO A CG    1 
ATOM   1470 C CD    . PRO A 1 192 ? 9.256   15.476  6.310   1.00 14.48 ? 192 PRO A CD    1 
ATOM   1471 N N     . ALA A 1 193 ? 11.846  17.509  5.095   1.00 15.89 ? 193 ALA A N     1 
ATOM   1472 C CA    . ALA A 1 193 ? 12.750  18.655  5.033   1.00 16.53 ? 193 ALA A CA    1 
ATOM   1473 C C     . ALA A 1 193 ? 13.698  18.683  6.226   1.00 17.16 ? 193 ALA A C     1 
ATOM   1474 O O     . ALA A 1 193 ? 14.736  19.349  6.188   1.00 17.97 ? 193 ALA A O     1 
ATOM   1475 C CB    . ALA A 1 193 ? 11.943  19.942  4.977   1.00 16.54 ? 193 ALA A CB    1 
ATOM   1476 O OXT   . ALA A 1 193 ? 13.457  18.051  7.253   1.00 17.82 ? 193 ALA A OXT   1 
HETATM 1477 N N1    . URI B 2 .   ? -16.625 4.132   -3.981  1.00 37.22 ? 201 URI A N1    1 
HETATM 1478 C C2    . URI B 2 .   ? -17.334 3.382   -4.915  1.00 38.26 ? 201 URI A C2    1 
HETATM 1479 N N3    . URI B 2 .   ? -17.713 3.886   -6.058  1.00 38.92 ? 201 URI A N3    1 
HETATM 1480 C C4    . URI B 2 .   ? -17.372 5.138   -6.396  1.00 38.90 ? 201 URI A C4    1 
HETATM 1481 C C5    . URI B 2 .   ? -16.662 5.921   -5.495  1.00 38.25 ? 201 URI A C5    1 
HETATM 1482 C C6    . URI B 2 .   ? -16.247 5.353   -4.289  1.00 37.65 ? 201 URI A C6    1 
HETATM 1483 O O2    . URI B 2 .   ? -17.659 2.198   -4.621  1.00 38.73 ? 201 URI A O2    1 
HETATM 1484 O O4    . URI B 2 .   ? -17.723 5.675   -7.503  1.00 39.59 ? 201 URI A O4    1 
HETATM 1485 C "C1'" . URI B 2 .   ? -16.273 3.480   -2.692  1.00 34.87 ? 201 URI A "C1'" 1 
HETATM 1486 C "C2'" . URI B 2 .   ? -14.881 3.089   -2.807  1.00 32.87 ? 201 URI A "C2'" 1 
HETATM 1487 C "C3'" . URI B 2 .   ? -14.431 4.190   -2.061  1.00 31.73 ? 201 URI A "C3'" 1 
HETATM 1488 C "C4'" . URI B 2 .   ? -15.095 4.015   -0.768  1.00 33.24 ? 201 URI A "C4'" 1 
HETATM 1489 O "O2'" . URI B 2 .   ? -14.943 1.788   -2.263  1.00 31.01 ? 201 URI A "O2'" 1 
HETATM 1490 O "O3'" . URI B 2 .   ? -13.210 4.543   -2.110  1.00 31.14 ? 201 URI A "O3'" 1 
HETATM 1491 O "O4'" . URI B 2 .   ? -16.310 4.209   -1.437  1.00 34.78 ? 201 URI A "O4'" 1 
HETATM 1492 C "C5'" . URI B 2 .   ? -14.405 4.896   0.289   1.00 33.50 ? 201 URI A "C5'" 1 
HETATM 1493 O "O5'" . URI B 2 .   ? -13.327 4.031   0.692   1.00 32.61 ? 201 URI A "O5'" 1 
HETATM 1494 O O     . HOH C 3 .   ? -7.703  -1.569  -3.517  1.00 7.41  ? 301 HOH A O     1 
HETATM 1495 O O     . HOH C 3 .   ? 2.922   10.899  3.204   1.00 7.86  ? 302 HOH A O     1 
HETATM 1496 O O     . HOH C 3 .   ? -2.231  0.107   8.897   1.00 8.67  ? 303 HOH A O     1 
HETATM 1497 O O     . HOH C 3 .   ? -3.054  -12.347 10.551  1.00 10.16 ? 304 HOH A O     1 
HETATM 1498 O O     . HOH C 3 .   ? -3.623  5.599   -8.824  1.00 10.39 ? 305 HOH A O     1 
HETATM 1499 O O     . HOH C 3 .   ? -4.206  3.596   -0.779  1.00 7.27  ? 306 HOH A O     1 
HETATM 1500 O O     . HOH C 3 .   ? -3.759  13.427  -4.301  1.00 7.98  ? 307 HOH A O     1 
HETATM 1501 O O     . HOH C 3 .   ? -2.093  16.186  -6.523  1.00 10.45 ? 308 HOH A O     1 
HETATM 1502 O O     . HOH C 3 .   ? -15.271 -12.147 -2.407  1.00 12.81 ? 309 HOH A O     1 
HETATM 1503 O O     . HOH C 3 .   ? -2.614  -10.553 -18.177 1.00 11.84 ? 310 HOH A O     1 
HETATM 1504 O O     . HOH C 3 .   ? -9.599  6.611   -4.861  1.00 10.29 ? 311 HOH A O     1 
HETATM 1505 O O     . HOH C 3 .   ? 12.259  -15.588 -3.490  1.00 10.54 ? 312 HOH A O     1 
HETATM 1506 O O     . HOH C 3 .   ? -9.966  -1.158  -6.403  1.00 10.00 ? 313 HOH A O     1 
HETATM 1507 O O     . HOH C 3 .   ? 16.194  -5.788  10.499  1.00 9.30  ? 314 HOH A O     1 
HETATM 1508 O O     . HOH C 3 .   ? 11.029  -11.750 -0.452  1.00 11.11 ? 315 HOH A O     1 
HETATM 1509 O O     . HOH C 3 .   ? -7.191  4.691   -10.609 1.00 14.59 ? 316 HOH A O     1 
HETATM 1510 O O     . HOH C 3 .   ? 7.088   9.548   -5.614  1.00 15.78 ? 317 HOH A O     1 
HETATM 1511 O O     . HOH C 3 .   ? -6.830  6.076   7.068   1.00 14.50 ? 318 HOH A O     1 
HETATM 1512 O O     . HOH C 3 .   ? 4.579   -9.567  -14.021 1.00 12.55 ? 319 HOH A O     1 
HETATM 1513 O O     . HOH C 3 .   ? 8.428   14.436  1.538   1.00 10.97 ? 320 HOH A O     1 
HETATM 1514 O O     . HOH C 3 .   ? -3.728  19.722  -6.906  1.00 11.68 ? 321 HOH A O     1 
HETATM 1515 O O     . HOH C 3 .   ? 14.559  -0.925  -2.392  1.00 11.86 ? 322 HOH A O     1 
HETATM 1516 O O     . HOH C 3 .   ? 4.346   -2.069  14.158  1.00 16.52 ? 323 HOH A O     1 
HETATM 1517 O O     . HOH C 3 .   ? 5.496   -16.587 5.293   1.00 14.82 ? 324 HOH A O     1 
HETATM 1518 O O     . HOH C 3 .   ? -2.934  14.994  1.220   1.00 13.46 ? 325 HOH A O     1 
HETATM 1519 O O     . HOH C 3 .   ? -1.416  -14.486 11.501  1.00 16.69 ? 326 HOH A O     1 
HETATM 1520 O O     . HOH C 3 .   ? 1.659   -12.335 -9.366  1.00 16.47 ? 327 HOH A O     1 
HETATM 1521 O O     . HOH C 3 .   ? -10.080 17.292  -0.724  1.00 13.58 ? 328 HOH A O     1 
HETATM 1522 O O     . HOH C 3 .   ? -12.514 -15.493 5.483   1.00 13.72 ? 329 HOH A O     1 
HETATM 1523 O O     . HOH C 3 .   ? 4.754   15.949  10.716  1.00 14.84 ? 330 HOH A O     1 
HETATM 1524 O O     . HOH C 3 .   ? 7.004   9.133   11.409  1.00 23.88 ? 331 HOH A O     1 
HETATM 1525 O O     . HOH C 3 .   ? 16.809  -6.003  -8.109  1.00 19.20 ? 332 HOH A O     1 
HETATM 1526 O O     . HOH C 3 .   ? 7.656   -9.446  -17.349 1.00 16.46 ? 333 HOH A O     1 
HETATM 1527 O O     . HOH C 3 .   ? 8.621   -21.731 4.218   1.00 20.22 ? 334 HOH A O     1 
HETATM 1528 O O     . HOH C 3 .   ? -5.829  3.756   8.252   1.00 15.90 ? 335 HOH A O     1 
HETATM 1529 O O     . HOH C 3 .   ? -4.435  13.481  10.651  1.00 19.21 ? 336 HOH A O     1 
HETATM 1530 O O     . HOH C 3 .   ? -2.083  -14.033 -10.926 1.00 17.70 ? 337 HOH A O     1 
HETATM 1531 O O     . HOH C 3 .   ? -8.064  6.700   4.505   1.00 18.74 ? 338 HOH A O     1 
HETATM 1532 O O     . HOH C 3 .   ? -6.067  -13.764 -14.204 1.00 16.15 ? 339 HOH A O     1 
HETATM 1533 O O     . HOH C 3 .   ? -15.161 -1.802  3.818   1.00 16.89 ? 340 HOH A O     1 
HETATM 1534 O O     . HOH C 3 .   ? -4.604  -15.769 7.909   1.00 23.66 ? 341 HOH A O     1 
HETATM 1535 O O     . HOH C 3 .   ? -6.415  5.897   11.137  1.00 20.34 ? 342 HOH A O     1 
HETATM 1536 O O     . HOH C 3 .   ? 10.612  18.086  8.125   1.00 17.53 ? 343 HOH A O     1 
HETATM 1537 O O     . HOH C 3 .   ? -7.696  19.152  1.108   1.00 18.11 ? 344 HOH A O     1 
HETATM 1538 O O     . HOH C 3 .   ? -0.168  18.090  -7.418  1.00 18.15 ? 345 HOH A O     1 
HETATM 1539 O O     . HOH C 3 .   ? -10.186 -15.012 -7.207  1.00 17.91 ? 346 HOH A O     1 
HETATM 1540 O O     . HOH C 3 .   ? 7.332   -8.731  -14.509 1.00 14.44 ? 347 HOH A O     1 
HETATM 1541 O O     . HOH C 3 .   ? 10.044  4.320   -9.611  1.00 18.24 ? 348 HOH A O     1 
HETATM 1542 O O     . HOH C 3 .   ? 4.310   0.712   -13.068 1.00 18.41 ? 349 HOH A O     1 
HETATM 1543 O O     . HOH C 3 .   ? -13.493 -12.693 -4.465  1.00 16.71 ? 350 HOH A O     1 
HETATM 1544 O O     . HOH C 3 .   ? -11.072 -16.090 7.892   1.00 17.64 ? 351 HOH A O     1 
HETATM 1545 O O     . HOH C 3 .   ? -2.487  -11.912 -14.526 1.00 16.23 ? 352 HOH A O     1 
HETATM 1546 O O     . HOH C 3 .   ? 10.920  -13.247 -10.022 1.00 18.60 ? 353 HOH A O     1 
HETATM 1547 O O     . HOH C 3 .   ? 10.029  -8.440  -13.736 1.00 18.15 ? 354 HOH A O     1 
HETATM 1548 O O     . HOH C 3 .   ? -2.191  -18.226 2.426   1.00 19.50 ? 355 HOH A O     1 
HETATM 1549 O O     . HOH C 3 .   ? 14.440  11.808  6.106   1.00 25.85 ? 356 HOH A O     1 
HETATM 1550 O O     . HOH C 3 .   ? 7.712   13.016  8.177   1.00 16.18 ? 357 HOH A O     1 
HETATM 1551 O O     . HOH C 3 .   ? 5.463   23.181  -2.629  1.00 23.16 ? 358 HOH A O     1 
HETATM 1552 O O     . HOH C 3 .   ? 2.633   6.911   -9.490  1.00 28.06 ? 359 HOH A O     1 
HETATM 1553 O O     . HOH C 3 .   ? -7.915  11.373  -10.265 1.00 18.17 ? 360 HOH A O     1 
HETATM 1554 O O     . HOH C 3 .   ? 0.109   23.408  -2.320  1.00 18.28 ? 361 HOH A O     1 
HETATM 1555 O O     . HOH C 3 .   ? -12.615 -15.072 -10.574 1.00 26.58 ? 362 HOH A O     1 
HETATM 1556 O O     . HOH C 3 .   ? 5.665   16.096  -6.727  1.00 24.50 ? 363 HOH A O     1 
HETATM 1557 O O     . HOH C 3 .   ? -2.815  4.941   -11.548 1.00 22.83 ? 364 HOH A O     1 
HETATM 1558 O O     . HOH C 3 .   ? -13.070 -5.061  9.381   1.00 21.28 ? 365 HOH A O     1 
HETATM 1559 O O     . HOH C 3 .   ? -2.971  -14.550 -13.522 1.00 18.98 ? 366 HOH A O     1 
HETATM 1560 O O     . HOH C 3 .   ? -3.004  -14.748 3.368   1.00 19.63 ? 367 HOH A O     1 
HETATM 1561 O O     . HOH C 3 .   ? 14.171  1.291   -12.998 1.00 22.16 ? 368 HOH A O     1 
HETATM 1562 O O     . HOH C 3 .   ? 5.580   -1.545  -14.239 1.00 21.70 ? 369 HOH A O     1 
HETATM 1563 O O     . HOH C 3 .   ? 13.046  5.532   13.593  1.00 28.10 ? 370 HOH A O     1 
HETATM 1564 O O     . HOH C 3 .   ? 4.705   -16.163 -13.220 1.00 24.78 ? 371 HOH A O     1 
HETATM 1565 O O     . HOH C 3 .   ? -2.437  -6.812  15.648  1.00 20.25 ? 372 HOH A O     1 
HETATM 1566 O O     . HOH C 3 .   ? -14.015 3.842   -11.665 1.00 21.43 ? 373 HOH A O     1 
HETATM 1567 O O     . HOH C 3 .   ? -1.717  22.238  2.349   1.00 23.89 ? 374 HOH A O     1 
HETATM 1568 O O     . HOH C 3 .   ? 6.030   -15.926 -2.216  1.00 22.41 ? 375 HOH A O     1 
HETATM 1569 O O     . HOH C 3 .   ? -8.811  -7.498  -13.823 1.00 26.85 ? 376 HOH A O     1 
HETATM 1570 O O     . HOH C 3 .   ? 7.930   -2.739  -15.781 1.00 27.24 ? 377 HOH A O     1 
HETATM 1571 O O     . HOH C 3 .   ? -2.350  -12.058 16.127  1.00 26.58 ? 378 HOH A O     1 
HETATM 1572 O O     . HOH C 3 .   ? 10.629  16.869  10.648  1.00 13.59 ? 379 HOH A O     1 
HETATM 1573 O O     . HOH C 3 .   ? 13.802  5.010   -4.817  1.00 36.20 ? 380 HOH A O     1 
HETATM 1574 O O     . HOH C 3 .   ? 2.672   3.200   12.639  1.00 24.35 ? 381 HOH A O     1 
HETATM 1575 O O     . HOH C 3 .   ? 17.205  2.348   -4.105  1.00 34.64 ? 382 HOH A O     1 
HETATM 1576 O O     . HOH C 3 .   ? 10.455  -14.481 0.020   1.00 22.49 ? 383 HOH A O     1 
HETATM 1577 O O     . HOH C 3 .   ? -10.596 5.303   -16.580 1.00 24.66 ? 384 HOH A O     1 
HETATM 1578 O O     . HOH C 3 .   ? -0.174  -17.809 -11.769 1.00 22.01 ? 385 HOH A O     1 
HETATM 1579 O O     . HOH C 3 .   ? 2.568   -16.862 -11.213 1.00 27.32 ? 386 HOH A O     1 
HETATM 1580 O O     . HOH C 3 .   ? 2.615   13.599  -8.386  1.00 20.61 ? 387 HOH A O     1 
HETATM 1581 O O     . HOH C 3 .   ? -1.833  13.911  11.037  1.00 18.20 ? 388 HOH A O     1 
HETATM 1582 O O     . HOH C 3 .   ? 7.349   -5.745  12.993  1.00 24.67 ? 389 HOH A O     1 
HETATM 1583 O O     . HOH C 3 .   ? 3.517   -10.085 11.179  1.00 24.60 ? 390 HOH A O     1 
HETATM 1584 O O     . HOH C 3 .   ? -16.624 -7.076  0.343   1.00 23.40 ? 391 HOH A O     1 
HETATM 1585 O O     . HOH C 3 .   ? 5.020   -14.204 -4.236  1.00 19.89 ? 392 HOH A O     1 
HETATM 1586 O O     . HOH C 3 .   ? 13.604  -9.947  11.022  1.00 20.87 ? 393 HOH A O     1 
HETATM 1587 O O     . HOH C 3 .   ? -9.706  18.048  2.949   1.00 24.81 ? 394 HOH A O     1 
HETATM 1588 O O     . HOH C 3 .   ? -3.077  -0.097  11.828  1.00 22.16 ? 395 HOH A O     1 
HETATM 1589 O O     . HOH C 3 .   ? 18.195  -11.954 1.339   1.00 22.05 ? 396 HOH A O     1 
HETATM 1590 O O     . HOH C 3 .   ? 4.401   -18.212 -3.323  1.00 29.34 ? 397 HOH A O     1 
HETATM 1591 O O     . HOH C 3 .   ? 3.494   18.374  -6.620  1.00 23.06 ? 398 HOH A O     1 
HETATM 1592 O O     . HOH C 3 .   ? -7.558  1.812   -13.272 1.00 29.12 ? 399 HOH A O     1 
HETATM 1593 O O     . HOH C 3 .   ? 0.872   -13.453 -11.945 1.00 33.24 ? 400 HOH A O     1 
HETATM 1594 O O     . HOH C 3 .   ? 2.374   -13.009 13.344  1.00 21.24 ? 401 HOH A O     1 
HETATM 1595 O O     . HOH C 3 .   ? 16.786  -0.906  1.510   1.00 20.59 ? 402 HOH A O     1 
HETATM 1596 O O     . HOH C 3 .   ? -10.891 -17.668 -6.427  1.00 29.71 ? 403 HOH A O     1 
HETATM 1597 O O     . HOH C 3 .   ? 18.840  -9.805  -1.196  1.00 24.21 ? 404 HOH A O     1 
HETATM 1598 O O     . HOH C 3 .   ? 1.386   -8.456  14.177  1.00 26.09 ? 405 HOH A O     1 
HETATM 1599 O O     . HOH C 3 .   ? 15.987  7.156   7.333   1.00 30.34 ? 406 HOH A O     1 
HETATM 1600 O O     . HOH C 3 .   ? 16.067  20.519  3.867   1.00 24.76 ? 407 HOH A O     1 
HETATM 1601 O O     . HOH C 3 .   ? -13.150 17.440  2.693   1.00 35.35 ? 408 HOH A O     1 
HETATM 1602 O O     . HOH C 3 .   ? 20.430  -4.728  2.808   1.00 22.95 ? 409 HOH A O     1 
HETATM 1603 O O     . HOH C 3 .   ? -8.926  -16.087 -15.976 1.00 30.03 ? 410 HOH A O     1 
HETATM 1604 O O     . HOH C 3 .   ? -9.417  6.103   8.479   1.00 23.31 ? 411 HOH A O     1 
HETATM 1605 O O     . HOH C 3 .   ? 11.793  -13.205 7.609   1.00 26.42 ? 412 HOH A O     1 
HETATM 1606 O O     . HOH C 3 .   ? 0.308   -2.877  15.675  1.00 23.59 ? 413 HOH A O     1 
HETATM 1607 O O     . HOH C 3 .   ? 9.291   6.805   -8.253  1.00 24.37 ? 414 HOH A O     1 
HETATM 1608 O O     . HOH C 3 .   ? 4.839   -10.099 -16.837 1.00 18.27 ? 415 HOH A O     1 
HETATM 1609 O O     . HOH C 3 .   ? 17.909  6.851   3.934   1.00 35.26 ? 416 HOH A O     1 
HETATM 1610 O O     . HOH C 3 .   ? 3.953   9.263   -5.519  1.00 23.55 ? 417 HOH A O     1 
HETATM 1611 O O     . HOH C 3 .   ? 14.221  21.957  6.936   1.00 32.09 ? 418 HOH A O     1 
HETATM 1612 O O     . HOH C 3 .   ? 18.305  3.303   0.922   1.00 35.37 ? 419 HOH A O     1 
HETATM 1613 O O     . HOH C 3 .   ? 0.076   5.674   -9.753  1.00 34.56 ? 420 HOH A O     1 
HETATM 1614 O O     . HOH C 3 .   ? -5.968  10.779  -13.938 1.00 33.08 ? 421 HOH A O     1 
HETATM 1615 O O     . HOH C 3 .   ? 15.867  -2.479  -11.634 1.00 28.09 ? 422 HOH A O     1 
HETATM 1616 O O     . HOH C 3 .   ? -1.370  3.070   15.157  1.00 28.83 ? 423 HOH A O     1 
HETATM 1617 O O     . HOH C 3 .   ? -17.460 10.435  4.668   1.00 38.34 ? 424 HOH A O     1 
HETATM 1618 O O     . HOH C 3 .   ? -0.973  17.271  -10.878 1.00 33.94 ? 425 HOH A O     1 
HETATM 1619 O O     . HOH C 3 .   ? 0.244   -20.670 -10.893 1.00 34.69 ? 426 HOH A O     1 
HETATM 1620 O O     . HOH C 3 .   ? 6.304   -10.624 10.742  1.00 25.49 ? 427 HOH A O     1 
HETATM 1621 O O     . HOH C 3 .   ? 15.248  -13.844 5.892   1.00 26.77 ? 428 HOH A O     1 
HETATM 1622 O O     . HOH C 3 .   ? -17.014 2.084   2.222   1.00 30.28 ? 429 HOH A O     1 
HETATM 1623 O O     . HOH C 3 .   ? -3.059  -20.756 1.181   1.00 21.29 ? 430 HOH A O     1 
HETATM 1624 O O     . HOH C 3 .   ? -5.189  3.638   -12.144 1.00 30.74 ? 431 HOH A O     1 
HETATM 1625 O O     . HOH C 3 .   ? 11.778  4.130   -11.939 1.00 29.72 ? 432 HOH A O     1 
HETATM 1626 O O     . HOH C 3 .   ? 10.234  10.210  12.905  1.00 25.36 ? 433 HOH A O     1 
HETATM 1627 O O     . HOH C 3 .   ? -4.048  17.026  4.247   1.00 26.23 ? 434 HOH A O     1 
HETATM 1628 O O     . HOH C 3 .   ? 6.382   -3.939  15.204  1.00 29.67 ? 435 HOH A O     1 
HETATM 1629 O O     . HOH C 3 .   ? -5.971  5.477   -14.259 1.00 29.64 ? 436 HOH A O     1 
HETATM 1630 O O     . HOH C 3 .   ? 15.436  8.658   0.836   1.00 29.07 ? 437 HOH A O     1 
HETATM 1631 O O     . HOH C 3 .   ? -16.854 7.388   -10.165 1.00 33.80 ? 438 HOH A O     1 
HETATM 1632 O O     . HOH C 3 .   ? 20.546  -1.727  2.931   1.00 35.49 ? 439 HOH A O     1 
HETATM 1633 O O     . HOH C 3 .   ? 8.045   5.062   14.800  1.00 33.71 ? 440 HOH A O     1 
HETATM 1634 O O     . HOH C 3 .   ? -5.698  20.373  2.726   1.00 25.62 ? 441 HOH A O     1 
HETATM 1635 O O     . HOH C 3 .   ? -14.380 13.871  15.600  1.00 46.40 ? 442 HOH A O     1 
HETATM 1636 O O     . HOH C 3 .   ? 2.534   -22.657 -3.447  1.00 42.80 ? 443 HOH A O     1 
HETATM 1637 O O     . HOH C 3 .   ? -10.772 11.148  -15.556 1.00 37.14 ? 444 HOH A O     1 
HETATM 1638 O O     . HOH C 3 .   ? -11.420 9.566   11.164  1.00 36.62 ? 445 HOH A O     1 
HETATM 1639 O O     . HOH C 3 .   ? -12.636 -9.850  -12.649 1.00 32.64 ? 446 HOH A O     1 
HETATM 1640 O O     . HOH C 3 .   ? 17.544  6.174   9.679   1.00 39.26 ? 447 HOH A O     1 
HETATM 1641 O O     . HOH C 3 .   ? 15.041  9.402   -5.798  1.00 34.37 ? 448 HOH A O     1 
HETATM 1642 O O     . HOH C 3 .   ? 1.756   1.756   -13.981 1.00 33.92 ? 449 HOH A O     1 
HETATM 1643 O O     . HOH C 3 .   ? -18.947 -5.605  0.785   1.00 32.47 ? 450 HOH A O     1 
HETATM 1644 O O     . HOH C 3 .   ? 15.013  15.781  5.630   1.00 36.17 ? 451 HOH A O     1 
HETATM 1645 O O     . HOH C 3 .   ? 1.511   -15.724 -13.761 1.00 34.15 ? 452 HOH A O     1 
HETATM 1646 O O     . HOH C 3 .   ? 5.436   -20.233 -12.197 1.00 33.73 ? 453 HOH A O     1 
HETATM 1647 O O     . HOH C 3 .   ? 12.815  -1.110  14.715  1.00 30.64 ? 454 HOH A O     1 
HETATM 1648 O O     . HOH C 3 .   ? 2.868   -20.147 -5.092  1.00 37.84 ? 455 HOH A O     1 
HETATM 1649 O O     . HOH C 3 .   ? 10.575  -3.469  15.049  1.00 41.00 ? 456 HOH A O     1 
HETATM 1650 O O     . HOH C 3 .   ? -15.979 -9.514  -7.792  1.00 36.52 ? 457 HOH A O     1 
HETATM 1651 O O     . HOH C 3 .   ? -12.257 13.544  13.481  1.00 44.27 ? 458 HOH A O     1 
HETATM 1652 O O     . HOH C 3 .   ? 12.448  -7.671  -11.835 1.00 24.57 ? 459 HOH A O     1 
HETATM 1653 O O     . HOH C 3 .   ? -4.335  2.242   13.040  1.00 32.47 ? 460 HOH A O     1 
HETATM 1654 O O     . HOH C 3 .   ? -3.666  1.117   -12.608 1.00 35.75 ? 461 HOH A O     1 
HETATM 1655 O O     . HOH C 3 .   ? 6.808   15.837  8.670   1.00 22.72 ? 462 HOH A O     1 
HETATM 1656 O O     . HOH C 3 .   ? 10.866  7.420   13.678  1.00 34.85 ? 463 HOH A O     1 
HETATM 1657 O O     . HOH C 3 .   ? 17.485  -0.182  -2.434  1.00 31.37 ? 464 HOH A O     1 
HETATM 1658 O O     . HOH C 3 .   ? 0.759   24.939  1.513   1.00 27.75 ? 465 HOH A O     1 
HETATM 1659 O O     . HOH C 3 .   ? -7.099  17.185  11.378  1.00 22.61 ? 466 HOH A O     1 
HETATM 1660 O O     . HOH C 3 .   ? -15.807 -12.087 -6.278  1.00 27.08 ? 467 HOH A O     1 
HETATM 1661 O O     . HOH C 3 .   ? 19.711  5.472   7.683   1.00 44.16 ? 468 HOH A O     1 
HETATM 1662 O O     . HOH C 3 .   ? 10.849  3.945   14.900  1.00 34.94 ? 469 HOH A O     1 
HETATM 1663 O O     . HOH C 3 .   ? 15.734  16.636  2.872   1.00 39.57 ? 470 HOH A O     1 
HETATM 1664 O O     . HOH C 3 .   ? -5.128  5.030   13.596  1.00 35.28 ? 471 HOH A O     1 
HETATM 1665 O O     . HOH C 3 .   ? -2.542  16.796  8.302   1.00 20.38 ? 472 HOH A O     1 
HETATM 1666 O O     . HOH C 3 .   ? -9.104  -13.867 10.388  1.00 26.84 ? 473 HOH A O     1 
HETATM 1667 O O     . HOH C 3 .   ? -5.050  16.062  9.557   1.00 18.12 ? 474 HOH A O     1 
HETATM 1668 O O     . HOH C 3 .   ? -2.908  -23.023 -3.085  1.00 29.36 ? 475 HOH A O     1 
HETATM 1669 O O     . HOH C 3 .   ? -16.753 -3.619  -10.100 1.00 36.47 ? 476 HOH A O     1 
HETATM 1670 O O     . HOH C 3 .   ? 3.047   -19.631 -10.376 1.00 35.59 ? 477 HOH A O     1 
HETATM 1671 O O     . HOH C 3 .   ? 3.651   -4.732  16.094  1.00 33.52 ? 478 HOH A O     1 
HETATM 1672 O O     . HOH C 3 .   ? 6.527   -17.964 -5.777  1.00 32.54 ? 479 HOH A O     1 
HETATM 1673 O O     . HOH C 3 .   ? 0.897   5.571   14.736  1.00 39.56 ? 480 HOH A O     1 
HETATM 1674 O O     . HOH C 3 .   ? 8.035   -14.722 1.417   1.00 13.06 ? 481 HOH A O     1 
HETATM 1675 O O     . HOH C 3 .   ? -8.570  15.082  12.809  1.00 26.33 ? 482 HOH A O     1 
HETATM 1676 O O     . HOH C 3 .   ? -15.296 -1.777  -12.474 1.00 38.36 ? 483 HOH A O     1 
HETATM 1677 O O     . HOH C 3 .   ? -17.059 9.568   -5.872  1.00 42.67 ? 484 HOH A O     1 
HETATM 1678 O O     . HOH C 3 .   ? -2.646  -22.900 -6.251  1.00 36.24 ? 485 HOH A O     1 
HETATM 1679 O O     . HOH C 3 .   ? -11.471 -7.069  -12.434 1.00 31.69 ? 486 HOH A O     1 
HETATM 1680 O O     . HOH C 3 .   ? 2.529   -1.039  16.241  1.00 32.45 ? 487 HOH A O     1 
HETATM 1681 O O     . HOH C 3 .   ? 1.400   2.020   15.533  1.00 37.43 ? 488 HOH A O     1 
HETATM 1682 O O     . HOH C 3 .   ? 2.122   16.658  -8.671  1.00 34.89 ? 489 HOH A O     1 
HETATM 1683 O O     . HOH C 3 .   ? 18.933  1.016   3.544   1.00 42.64 ? 490 HOH A O     1 
HETATM 1684 O O     . HOH C 3 .   ? 15.481  11.801  8.931   1.00 35.77 ? 491 HOH A O     1 
HETATM 1685 O O     . HOH C 3 .   ? 14.782  11.268  11.868  1.00 33.50 ? 492 HOH A O     1 
HETATM 1686 O O     . HOH C 3 .   ? 3.659   -1.899  18.906  1.00 34.71 ? 493 HOH A O     1 
HETATM 1687 O O     . HOH C 3 .   ? 5.324   0.389   15.603  1.00 33.75 ? 494 HOH A O     1 
HETATM 1688 O O     . HOH C 3 .   ? 15.375  12.104  3.265   1.00 34.71 ? 495 HOH A O     1 
HETATM 1689 O O     . HOH C 3 .   ? 9.383   -15.202 -2.446  1.00 21.77 ? 496 HOH A O     1 
HETATM 1690 O O     . HOH C 3 .   ? -11.390 -14.934 -14.829 1.00 29.46 ? 497 HOH A O     1 
HETATM 1691 O O     . HOH C 3 .   ? 7.285   0.072   -15.862 1.00 19.02 ? 498 HOH A O     1 
HETATM 1692 O O     . HOH C 3 .   ? -13.423 16.385  -2.853  1.00 29.72 ? 499 HOH A O     1 
HETATM 1693 O O     . HOH C 3 .   ? 5.310   1.988   13.101  1.00 24.70 ? 500 HOH A O     1 
HETATM 1694 O O     . HOH C 3 .   ? -3.140  12.646  13.329  1.00 27.27 ? 501 HOH A O     1 
HETATM 1695 O O     . HOH C 3 .   ? 13.763  -15.394 -1.149  1.00 21.59 ? 502 HOH A O     1 
HETATM 1696 O O     . HOH C 3 .   ? -1.570  18.532  6.148   1.00 26.55 ? 503 HOH A O     1 
HETATM 1697 O O     . HOH C 3 .   ? 13.938  -9.512  14.077  1.00 30.34 ? 504 HOH A O     1 
HETATM 1698 O O     . HOH C 3 .   ? -4.386  -16.485 5.141   1.00 25.12 ? 505 HOH A O     1 
HETATM 1699 O O     . HOH C 3 .   ? -3.338  -23.706 0.767   1.00 30.73 ? 506 HOH A O     1 
HETATM 1700 O O     . HOH C 3 .   ? 16.893  0.367   -8.316  1.00 36.69 ? 507 HOH A O     1 
HETATM 1701 O O     . HOH C 3 .   ? 15.824  2.552   -10.046 1.00 36.53 ? 508 HOH A O     1 
HETATM 1702 O O     . HOH C 3 .   ? 1.436   10.495  -8.096  1.00 38.53 ? 509 HOH A O     1 
HETATM 1703 O O     . HOH C 3 .   ? -1.024  13.484  -9.103  1.00 50.21 ? 510 HOH A O     1 
HETATM 1704 O O     . HOH C 3 .   ? -12.429 6.681   7.384   1.00 34.55 ? 511 HOH A O     1 
HETATM 1705 O O     . HOH C 3 .   ? 3.646   -2.614  -15.951 1.00 20.08 ? 512 HOH A O     1 
HETATM 1706 O O     . HOH C 3 .   ? 6.208   -3.892  -17.854 1.00 16.43 ? 513 HOH A O     1 
HETATM 1707 O O     . HOH C 3 .   ? 7.818   9.466   8.523   1.00 12.02 ? 514 HOH A O     1 
HETATM 1708 O O     . HOH C 3 .   ? -14.673 -7.267  -8.081  1.00 29.72 ? 515 HOH A O     1 
HETATM 1709 O O     . HOH C 3 .   ? -10.844 6.493   4.786   1.00 26.63 ? 516 HOH A O     1 
HETATM 1710 O O     . HOH C 3 .   ? -11.896 4.379   3.814   1.00 24.18 ? 517 HOH A O     1 
# 
loop_
_pdbx_poly_seq_scheme.asym_id 
_pdbx_poly_seq_scheme.entity_id 
_pdbx_poly_seq_scheme.seq_id 
_pdbx_poly_seq_scheme.mon_id 
_pdbx_poly_seq_scheme.ndb_seq_num 
_pdbx_poly_seq_scheme.pdb_seq_num 
_pdbx_poly_seq_scheme.auth_seq_num 
_pdbx_poly_seq_scheme.pdb_mon_id 
_pdbx_poly_seq_scheme.auth_mon_id 
_pdbx_poly_seq_scheme.pdb_strand_id 
_pdbx_poly_seq_scheme.pdb_ins_code 
_pdbx_poly_seq_scheme.hetero 
A 1 1   MET 1   1   1   MET MET A . n 
A 1 2   SER 2   2   2   SER SER A . n 
A 1 3   ASN 3   3   3   ASN ASN A . n 
A 1 4   ILE 4   4   4   ILE ILE A . n 
A 1 5   SER 5   5   5   SER SER A . n 
A 1 6   LEU 6   6   6   LEU LEU A . n 
A 1 7   ILE 7   7   7   ILE ILE A . n 
A 1 8   VAL 8   8   8   VAL VAL A . n 
A 1 9   GLY 9   9   9   GLY GLY A . n 
A 1 10  LEU 10  10  10  LEU LEU A . n 
A 1 11  GLY 11  11  11  GLY GLY A . n 
A 1 12  ASN 12  12  12  ASN ASN A . n 
A 1 13  PRO 13  13  13  PRO PRO A . n 
A 1 14  GLY 14  14  14  GLY GLY A . n 
A 1 15  SER 15  15  15  SER SER A . n 
A 1 16  GLU 16  16  16  GLU GLU A . n 
A 1 17  TYR 17  17  17  TYR TYR A . n 
A 1 18  ALA 18  18  18  ALA ALA A . n 
A 1 19  GLN 19  19  19  GLN GLN A . n 
A 1 20  THR 20  20  20  THR THR A . n 
A 1 21  ARG 21  21  21  ARG ARG A . n 
A 1 22  HIS 22  22  22  HIS HIS A . n 
A 1 23  ASN 23  23  23  ASN ASN A . n 
A 1 24  ALA 24  24  24  ALA ALA A . n 
A 1 25  GLY 25  25  25  GLY GLY A . n 
A 1 26  PHE 26  26  26  PHE PHE A . n 
A 1 27  TRP 27  27  27  TRP TRP A . n 
A 1 28  PHE 28  28  28  PHE PHE A . n 
A 1 29  VAL 29  29  29  VAL VAL A . n 
A 1 30  GLU 30  30  30  GLU GLU A . n 
A 1 31  GLN 31  31  31  GLN GLN A . n 
A 1 32  LEU 32  32  32  LEU LEU A . n 
A 1 33  ALA 33  33  33  ALA ALA A . n 
A 1 34  ASP 34  34  34  ASP ASP A . n 
A 1 35  LYS 35  35  35  LYS LYS A . n 
A 1 36  TYR 36  36  36  TYR TYR A . n 
A 1 37  GLY 37  37  37  GLY GLY A . n 
A 1 38  ILE 38  38  38  ILE ILE A . n 
A 1 39  THR 39  39  39  THR THR A . n 
A 1 40  LEU 40  40  40  LEU LEU A . n 
A 1 41  LYS 41  41  41  LYS LYS A . n 
A 1 42  ASN 42  42  42  ASN ASN A . n 
A 1 43  ASP 43  43  43  ASP ASP A . n 
A 1 44  PRO 44  44  44  PRO PRO A . n 
A 1 45  LYS 45  45  45  LYS LYS A . n 
A 1 46  PHE 46  46  46  PHE PHE A . n 
A 1 47  HIS 47  47  47  HIS HIS A . n 
A 1 48  GLY 48  48  48  GLY GLY A . n 
A 1 49  ILE 49  49  49  ILE ILE A . n 
A 1 50  SER 50  50  50  SER SER A . n 
A 1 51  GLY 51  51  51  GLY GLY A . n 
A 1 52  ARG 52  52  52  ARG ARG A . n 
A 1 53  GLY 53  53  53  GLY GLY A . n 
A 1 54  ASN 54  54  54  ASN ASN A . n 
A 1 55  ILE 55  55  55  ILE ILE A . n 
A 1 56  GLU 56  56  56  GLU GLU A . n 
A 1 57  GLY 57  57  57  GLY GLY A . n 
A 1 58  HIS 58  58  58  HIS HIS A . n 
A 1 59  ASP 59  59  59  ASP ASP A . n 
A 1 60  VAL 60  60  60  VAL VAL A . n 
A 1 61  ARG 61  61  61  ARG ARG A . n 
A 1 62  LEU 62  62  62  LEU LEU A . n 
A 1 63  LEU 63  63  63  LEU LEU A . n 
A 1 64  LEU 64  64  64  LEU LEU A . n 
A 1 65  PRO 65  65  65  PRO PRO A . n 
A 1 66  MET 66  66  66  MET MET A . n 
A 1 67  THR 67  67  67  THR THR A . n 
A 1 68  TYR 68  68  68  TYR TYR A . n 
A 1 69  MET 69  69  69  MET MET A . n 
A 1 70  ASN 70  70  70  ASN ASN A . n 
A 1 71  ARG 71  71  71  ARG ARG A . n 
A 1 72  SER 72  72  72  SER SER A . n 
A 1 73  GLY 73  73  73  GLY GLY A . n 
A 1 74  GLN 74  74  74  GLN GLN A . n 
A 1 75  SER 75  75  75  SER SER A . n 
A 1 76  VAL 76  76  76  VAL VAL A . n 
A 1 77  VAL 77  77  77  VAL VAL A . n 
A 1 78  PRO 78  78  78  PRO PRO A . n 
A 1 79  PHE 79  79  79  PHE PHE A . n 
A 1 80  SER 80  80  80  SER SER A . n 
A 1 81  LYS 81  81  81  LYS LYS A . n 
A 1 82  PHE 82  82  82  PHE PHE A . n 
A 1 83  TYR 83  83  83  TYR TYR A . n 
A 1 84  GLN 84  84  84  GLN GLN A . n 
A 1 85  ILE 85  85  85  ILE ILE A . n 
A 1 86  ALA 86  86  86  ALA ALA A . n 
A 1 87  PRO 87  87  87  PRO PRO A . n 
A 1 88  GLU 88  88  88  GLU GLU A . n 
A 1 89  ALA 89  89  89  ALA ALA A . n 
A 1 90  ILE 90  90  90  ILE ILE A . n 
A 1 91  LEU 91  91  91  LEU LEU A . n 
A 1 92  ILE 92  92  92  ILE ILE A . n 
A 1 93  ALA 93  93  93  ALA ALA A . n 
A 1 94  HIS 94  94  94  HIS HIS A . n 
A 1 95  ASP 95  95  95  ASP ASP A . n 
A 1 96  GLU 96  96  96  GLU GLU A . n 
A 1 97  LEU 97  97  97  LEU LEU A . n 
A 1 98  ASP 98  98  98  ASP ASP A . n 
A 1 99  MET 99  99  99  MET MET A . n 
A 1 100 ASN 100 100 100 ASN ASN A . n 
A 1 101 PRO 101 101 101 PRO PRO A . n 
A 1 102 GLY 102 102 102 GLY GLY A . n 
A 1 103 VAL 103 103 103 VAL VAL A . n 
A 1 104 ILE 104 104 104 ILE ILE A . n 
A 1 105 ARG 105 105 105 ARG ARG A . n 
A 1 106 LEU 106 106 106 LEU LEU A . n 
A 1 107 LYS 107 107 107 LYS LYS A . n 
A 1 108 THR 108 108 108 THR THR A . n 
A 1 109 GLY 109 109 109 GLY GLY A . n 
A 1 110 GLY 110 110 110 GLY GLY A . n 
A 1 111 GLY 111 111 111 GLY GLY A . n 
A 1 112 HIS 112 112 112 HIS HIS A . n 
A 1 113 GLY 113 113 113 GLY GLY A . n 
A 1 114 GLY 114 114 114 GLY GLY A . n 
A 1 115 HIS 115 115 115 HIS HIS A . n 
A 1 116 ASN 116 116 116 ASN ASN A . n 
A 1 117 GLY 117 117 117 GLY GLY A . n 
A 1 118 LEU 118 118 118 LEU LEU A . n 
A 1 119 ARG 119 119 119 ARG ARG A . n 
A 1 120 ASP 120 120 120 ASP ASP A . n 
A 1 121 ILE 121 121 121 ILE ILE A . n 
A 1 122 VAL 122 122 122 VAL VAL A . n 
A 1 123 PRO 123 123 123 PRO PRO A . n 
A 1 124 HIS 124 124 124 HIS HIS A . n 
A 1 125 ILE 125 125 125 ILE ILE A . n 
A 1 126 GLY 126 126 126 GLY GLY A . n 
A 1 127 PRO 127 127 127 PRO PRO A . n 
A 1 128 ASN 128 128 128 ASN ASN A . n 
A 1 129 PHE 129 129 129 PHE PHE A . n 
A 1 130 HIS 130 130 130 HIS HIS A . n 
A 1 131 ARG 131 131 131 ARG ARG A . n 
A 1 132 LEU 132 132 132 LEU LEU A . n 
A 1 133 ARG 133 133 133 ARG ARG A . n 
A 1 134 ILE 134 134 134 ILE ILE A . n 
A 1 135 GLY 135 135 135 GLY GLY A . n 
A 1 136 ILE 136 136 136 ILE ILE A . n 
A 1 137 GLY 137 137 137 GLY GLY A . n 
A 1 138 HIS 138 138 138 HIS HIS A . n 
A 1 139 PRO 139 139 139 PRO PRO A . n 
A 1 140 GLY 140 140 140 GLY GLY A . n 
A 1 141 SER 141 141 141 SER SER A . n 
A 1 142 LYS 142 142 142 LYS LYS A . n 
A 1 143 GLU 143 143 143 GLU GLU A . n 
A 1 144 ARG 144 144 144 ARG ARG A . n 
A 1 145 VAL 145 145 145 VAL VAL A . n 
A 1 146 SER 146 146 146 SER SER A . n 
A 1 147 GLY 147 147 147 GLY GLY A . n 
A 1 148 HIS 148 148 148 HIS HIS A . n 
A 1 149 VAL 149 149 149 VAL VAL A . n 
A 1 150 LEU 150 150 150 LEU LEU A . n 
A 1 151 GLY 151 151 151 GLY GLY A . n 
A 1 152 LYS 152 152 152 LYS LYS A . n 
A 1 153 ALA 153 153 153 ALA ALA A . n 
A 1 154 PRO 154 154 154 PRO PRO A . n 
A 1 155 SER 155 155 155 SER SER A . n 
A 1 156 ASN 156 156 156 ASN ASN A . n 
A 1 157 GLU 157 157 157 GLU GLU A . n 
A 1 158 GLN 158 158 158 GLN GLN A . n 
A 1 159 SER 159 159 159 SER SER A . n 
A 1 160 LEU 160 160 160 LEU LEU A . n 
A 1 161 MET 161 161 161 MET MET A . n 
A 1 162 ASP 162 162 162 ASP ASP A . n 
A 1 163 GLY 163 163 163 GLY GLY A . n 
A 1 164 ALA 164 164 164 ALA ALA A . n 
A 1 165 ILE 165 165 165 ILE ILE A . n 
A 1 166 ASP 166 166 166 ASP ASP A . n 
A 1 167 HIS 167 167 167 HIS HIS A . n 
A 1 168 ALA 168 168 168 ALA ALA A . n 
A 1 169 LEU 169 169 169 LEU LEU A . n 
A 1 170 SER 170 170 170 SER SER A . n 
A 1 171 LYS 171 171 171 LYS LYS A . n 
A 1 172 VAL 172 172 172 VAL VAL A . n 
A 1 173 LYS 173 173 173 LYS LYS A . n 
A 1 174 LEU 174 174 174 LEU LEU A . n 
A 1 175 LEU 175 175 175 LEU LEU A . n 
A 1 176 VAL 176 176 176 VAL VAL A . n 
A 1 177 GLN 177 177 177 GLN GLN A . n 
A 1 178 GLY 178 178 178 GLY GLY A . n 
A 1 179 GLN 179 179 179 GLN GLN A . n 
A 1 180 VAL 180 180 180 VAL VAL A . n 
A 1 181 PRO 181 181 181 PRO PRO A . n 
A 1 182 GLN 182 182 182 GLN GLN A . n 
A 1 183 ALA 183 183 183 ALA ALA A . n 
A 1 184 MET 184 184 184 MET MET A . n 
A 1 185 ASN 185 185 185 ASN ASN A . n 
A 1 186 GLN 186 186 186 GLN GLN A . n 
A 1 187 ILE 187 187 187 ILE ILE A . n 
A 1 188 ASN 188 188 188 ASN ASN A . n 
A 1 189 ALA 189 189 189 ALA ALA A . n 
A 1 190 TYR 190 190 190 TYR TYR A . n 
A 1 191 LYS 191 191 191 LYS LYS A . n 
A 1 192 PRO 192 192 192 PRO PRO A . n 
A 1 193 ALA 193 193 193 ALA ALA A . n 
# 
loop_
_pdbx_nonpoly_scheme.asym_id 
_pdbx_nonpoly_scheme.entity_id 
_pdbx_nonpoly_scheme.mon_id 
_pdbx_nonpoly_scheme.ndb_seq_num 
_pdbx_nonpoly_scheme.pdb_seq_num 
_pdbx_nonpoly_scheme.auth_seq_num 
_pdbx_nonpoly_scheme.pdb_mon_id 
_pdbx_nonpoly_scheme.auth_mon_id 
_pdbx_nonpoly_scheme.pdb_strand_id 
_pdbx_nonpoly_scheme.pdb_ins_code 
B 2 URI 1   201 1   URI URI A . 
C 3 HOH 1   301 1   HOH HOH A . 
C 3 HOH 2   302 2   HOH HOH A . 
C 3 HOH 3   303 3   HOH HOH A . 
C 3 HOH 4   304 278 HOH HOH A . 
C 3 HOH 5   305 279 HOH HOH A . 
C 3 HOH 6   306 38  HOH HOH A . 
C 3 HOH 7   307 7   HOH HOH A . 
C 3 HOH 8   308 8   HOH HOH A . 
C 3 HOH 9   309 9   HOH HOH A . 
C 3 HOH 10  310 10  HOH HOH A . 
C 3 HOH 11  311 11  HOH HOH A . 
C 3 HOH 12  312 12  HOH HOH A . 
C 3 HOH 13  313 13  HOH HOH A . 
C 3 HOH 14  314 14  HOH HOH A . 
C 3 HOH 15  315 15  HOH HOH A . 
C 3 HOH 16  316 16  HOH HOH A . 
C 3 HOH 17  317 17  HOH HOH A . 
C 3 HOH 18  318 18  HOH HOH A . 
C 3 HOH 19  319 19  HOH HOH A . 
C 3 HOH 20  320 20  HOH HOH A . 
C 3 HOH 21  321 21  HOH HOH A . 
C 3 HOH 22  322 22  HOH HOH A . 
C 3 HOH 23  323 23  HOH HOH A . 
C 3 HOH 24  324 24  HOH HOH A . 
C 3 HOH 25  325 25  HOH HOH A . 
C 3 HOH 26  326 26  HOH HOH A . 
C 3 HOH 27  327 27  HOH HOH A . 
C 3 HOH 28  328 28  HOH HOH A . 
C 3 HOH 29  329 29  HOH HOH A . 
C 3 HOH 30  330 30  HOH HOH A . 
C 3 HOH 31  331 31  HOH HOH A . 
C 3 HOH 32  332 32  HOH HOH A . 
C 3 HOH 33  333 33  HOH HOH A . 
C 3 HOH 34  334 34  HOH HOH A . 
C 3 HOH 35  335 35  HOH HOH A . 
C 3 HOH 36  336 36  HOH HOH A . 
C 3 HOH 37  337 37  HOH HOH A . 
C 3 HOH 38  338 6   HOH HOH A . 
C 3 HOH 39  339 39  HOH HOH A . 
C 3 HOH 40  340 40  HOH HOH A . 
C 3 HOH 41  341 41  HOH HOH A . 
C 3 HOH 42  342 43  HOH HOH A . 
C 3 HOH 43  343 44  HOH HOH A . 
C 3 HOH 44  344 45  HOH HOH A . 
C 3 HOH 45  345 46  HOH HOH A . 
C 3 HOH 46  346 47  HOH HOH A . 
C 3 HOH 47  347 48  HOH HOH A . 
C 3 HOH 48  348 49  HOH HOH A . 
C 3 HOH 49  349 50  HOH HOH A . 
C 3 HOH 50  350 51  HOH HOH A . 
C 3 HOH 51  351 52  HOH HOH A . 
C 3 HOH 52  352 53  HOH HOH A . 
C 3 HOH 53  353 54  HOH HOH A . 
C 3 HOH 54  354 56  HOH HOH A . 
C 3 HOH 55  355 57  HOH HOH A . 
C 3 HOH 56  356 58  HOH HOH A . 
C 3 HOH 57  357 59  HOH HOH A . 
C 3 HOH 58  358 60  HOH HOH A . 
C 3 HOH 59  359 61  HOH HOH A . 
C 3 HOH 60  360 62  HOH HOH A . 
C 3 HOH 61  361 63  HOH HOH A . 
C 3 HOH 62  362 64  HOH HOH A . 
C 3 HOH 63  363 65  HOH HOH A . 
C 3 HOH 64  364 66  HOH HOH A . 
C 3 HOH 65  365 67  HOH HOH A . 
C 3 HOH 66  366 68  HOH HOH A . 
C 3 HOH 67  367 69  HOH HOH A . 
C 3 HOH 68  368 70  HOH HOH A . 
C 3 HOH 69  369 71  HOH HOH A . 
C 3 HOH 70  370 72  HOH HOH A . 
C 3 HOH 71  371 75  HOH HOH A . 
C 3 HOH 72  372 76  HOH HOH A . 
C 3 HOH 73  373 77  HOH HOH A . 
C 3 HOH 74  374 78  HOH HOH A . 
C 3 HOH 75  375 79  HOH HOH A . 
C 3 HOH 76  376 80  HOH HOH A . 
C 3 HOH 77  377 81  HOH HOH A . 
C 3 HOH 78  378 82  HOH HOH A . 
C 3 HOH 79  379 83  HOH HOH A . 
C 3 HOH 80  380 87  HOH HOH A . 
C 3 HOH 81  381 88  HOH HOH A . 
C 3 HOH 82  382 89  HOH HOH A . 
C 3 HOH 83  383 90  HOH HOH A . 
C 3 HOH 84  384 91  HOH HOH A . 
C 3 HOH 85  385 92  HOH HOH A . 
C 3 HOH 86  386 93  HOH HOH A . 
C 3 HOH 87  387 94  HOH HOH A . 
C 3 HOH 88  388 95  HOH HOH A . 
C 3 HOH 89  389 96  HOH HOH A . 
C 3 HOH 90  390 97  HOH HOH A . 
C 3 HOH 91  391 98  HOH HOH A . 
C 3 HOH 92  392 100 HOH HOH A . 
C 3 HOH 93  393 101 HOH HOH A . 
C 3 HOH 94  394 102 HOH HOH A . 
C 3 HOH 95  395 103 HOH HOH A . 
C 3 HOH 96  396 104 HOH HOH A . 
C 3 HOH 97  397 105 HOH HOH A . 
C 3 HOH 98  398 107 HOH HOH A . 
C 3 HOH 99  399 108 HOH HOH A . 
C 3 HOH 100 400 109 HOH HOH A . 
C 3 HOH 101 401 110 HOH HOH A . 
C 3 HOH 102 402 111 HOH HOH A . 
C 3 HOH 103 403 114 HOH HOH A . 
C 3 HOH 104 404 115 HOH HOH A . 
C 3 HOH 105 405 116 HOH HOH A . 
C 3 HOH 106 406 117 HOH HOH A . 
C 3 HOH 107 407 119 HOH HOH A . 
C 3 HOH 108 408 120 HOH HOH A . 
C 3 HOH 109 409 121 HOH HOH A . 
C 3 HOH 110 410 122 HOH HOH A . 
C 3 HOH 111 411 123 HOH HOH A . 
C 3 HOH 112 412 125 HOH HOH A . 
C 3 HOH 113 413 126 HOH HOH A . 
C 3 HOH 114 414 128 HOH HOH A . 
C 3 HOH 115 415 129 HOH HOH A . 
C 3 HOH 116 416 130 HOH HOH A . 
C 3 HOH 117 417 131 HOH HOH A . 
C 3 HOH 118 418 132 HOH HOH A . 
C 3 HOH 119 419 133 HOH HOH A . 
C 3 HOH 120 420 134 HOH HOH A . 
C 3 HOH 121 421 135 HOH HOH A . 
C 3 HOH 122 422 136 HOH HOH A . 
C 3 HOH 123 423 137 HOH HOH A . 
C 3 HOH 124 424 138 HOH HOH A . 
C 3 HOH 125 425 139 HOH HOH A . 
C 3 HOH 126 426 140 HOH HOH A . 
C 3 HOH 127 427 142 HOH HOH A . 
C 3 HOH 128 428 143 HOH HOH A . 
C 3 HOH 129 429 144 HOH HOH A . 
C 3 HOH 130 430 145 HOH HOH A . 
C 3 HOH 131 431 146 HOH HOH A . 
C 3 HOH 132 432 147 HOH HOH A . 
C 3 HOH 133 433 148 HOH HOH A . 
C 3 HOH 134 434 150 HOH HOH A . 
C 3 HOH 135 435 152 HOH HOH A . 
C 3 HOH 136 436 153 HOH HOH A . 
C 3 HOH 137 437 154 HOH HOH A . 
C 3 HOH 138 438 155 HOH HOH A . 
C 3 HOH 139 439 156 HOH HOH A . 
C 3 HOH 140 440 158 HOH HOH A . 
C 3 HOH 141 441 160 HOH HOH A . 
C 3 HOH 142 442 161 HOH HOH A . 
C 3 HOH 143 443 162 HOH HOH A . 
C 3 HOH 144 444 163 HOH HOH A . 
C 3 HOH 145 445 164 HOH HOH A . 
C 3 HOH 146 446 165 HOH HOH A . 
C 3 HOH 147 447 168 HOH HOH A . 
C 3 HOH 148 448 169 HOH HOH A . 
C 3 HOH 149 449 170 HOH HOH A . 
C 3 HOH 150 450 171 HOH HOH A . 
C 3 HOH 151 451 173 HOH HOH A . 
C 3 HOH 152 452 176 HOH HOH A . 
C 3 HOH 153 453 178 HOH HOH A . 
C 3 HOH 154 454 179 HOH HOH A . 
C 3 HOH 155 455 180 HOH HOH A . 
C 3 HOH 156 456 181 HOH HOH A . 
C 3 HOH 157 457 182 HOH HOH A . 
C 3 HOH 158 458 185 HOH HOH A . 
C 3 HOH 159 459 187 HOH HOH A . 
C 3 HOH 160 460 189 HOH HOH A . 
C 3 HOH 161 461 193 HOH HOH A . 
C 3 HOH 162 462 194 HOH HOH A . 
C 3 HOH 163 463 195 HOH HOH A . 
C 3 HOH 164 464 198 HOH HOH A . 
C 3 HOH 165 465 199 HOH HOH A . 
C 3 HOH 166 466 201 HOH HOH A . 
C 3 HOH 167 467 202 HOH HOH A . 
C 3 HOH 168 468 203 HOH HOH A . 
C 3 HOH 169 469 204 HOH HOH A . 
C 3 HOH 170 470 205 HOH HOH A . 
C 3 HOH 171 471 206 HOH HOH A . 
C 3 HOH 172 472 211 HOH HOH A . 
C 3 HOH 173 473 214 HOH HOH A . 
C 3 HOH 174 474 215 HOH HOH A . 
C 3 HOH 175 475 217 HOH HOH A . 
C 3 HOH 176 476 220 HOH HOH A . 
C 3 HOH 177 477 221 HOH HOH A . 
C 3 HOH 178 478 222 HOH HOH A . 
C 3 HOH 179 479 225 HOH HOH A . 
C 3 HOH 180 480 226 HOH HOH A . 
C 3 HOH 181 481 227 HOH HOH A . 
C 3 HOH 182 482 228 HOH HOH A . 
C 3 HOH 183 483 229 HOH HOH A . 
C 3 HOH 184 484 232 HOH HOH A . 
C 3 HOH 185 485 234 HOH HOH A . 
C 3 HOH 186 486 239 HOH HOH A . 
C 3 HOH 187 487 240 HOH HOH A . 
C 3 HOH 188 488 241 HOH HOH A . 
C 3 HOH 189 489 242 HOH HOH A . 
C 3 HOH 190 490 247 HOH HOH A . 
C 3 HOH 191 491 249 HOH HOH A . 
C 3 HOH 192 492 250 HOH HOH A . 
C 3 HOH 193 493 252 HOH HOH A . 
C 3 HOH 194 494 253 HOH HOH A . 
C 3 HOH 195 495 254 HOH HOH A . 
C 3 HOH 196 496 257 HOH HOH A . 
C 3 HOH 197 497 258 HOH HOH A . 
C 3 HOH 198 498 259 HOH HOH A . 
C 3 HOH 199 499 260 HOH HOH A . 
C 3 HOH 200 500 261 HOH HOH A . 
C 3 HOH 201 501 262 HOH HOH A . 
C 3 HOH 202 502 263 HOH HOH A . 
C 3 HOH 203 503 264 HOH HOH A . 
C 3 HOH 204 504 265 HOH HOH A . 
C 3 HOH 205 505 266 HOH HOH A . 
C 3 HOH 206 506 267 HOH HOH A . 
C 3 HOH 207 507 268 HOH HOH A . 
C 3 HOH 208 508 270 HOH HOH A . 
C 3 HOH 209 509 271 HOH HOH A . 
C 3 HOH 210 510 272 HOH HOH A . 
C 3 HOH 211 511 273 HOH HOH A . 
C 3 HOH 212 512 274 HOH HOH A . 
C 3 HOH 213 513 275 HOH HOH A . 
C 3 HOH 214 514 276 HOH HOH A . 
C 3 HOH 215 515 277 HOH HOH A . 
C 3 HOH 216 516 5   HOH HOH A . 
C 3 HOH 217 517 4   HOH HOH A . 
# 
_pdbx_struct_assembly.id                   1 
_pdbx_struct_assembly.details              author_and_software_defined_assembly 
_pdbx_struct_assembly.method_details       PISA 
_pdbx_struct_assembly.oligomeric_details   monomeric 
_pdbx_struct_assembly.oligomeric_count     1 
# 
_pdbx_struct_assembly_gen.assembly_id       1 
_pdbx_struct_assembly_gen.oper_expression   1 
_pdbx_struct_assembly_gen.asym_id_list      A,B,C 
# 
_pdbx_struct_oper_list.id                   1 
_pdbx_struct_oper_list.type                 'identity operation' 
_pdbx_struct_oper_list.name                 1_555 
_pdbx_struct_oper_list.symmetry_operation   x,y,z 
_pdbx_struct_oper_list.matrix[1][1]         1.0000000000 
_pdbx_struct_oper_list.matrix[1][2]         0.0000000000 
_pdbx_struct_oper_list.matrix[1][3]         0.0000000000 
_pdbx_struct_oper_list.vector[1]            0.0000000000 
_pdbx_struct_oper_list.matrix[2][1]         0.0000000000 
_pdbx_struct_oper_list.matrix[2][2]         1.0000000000 
_pdbx_struct_oper_list.matrix[2][3]         0.0000000000 
_pdbx_struct_oper_list.vector[2]            0.0000000000 
_pdbx_struct_oper_list.matrix[3][1]         0.0000000000 
_pdbx_struct_oper_list.matrix[3][2]         0.0000000000 
_pdbx_struct_oper_list.matrix[3][3]         1.0000000000 
_pdbx_struct_oper_list.vector[3]            0.0000000000 
# 
loop_
_pdbx_audit_revision_history.ordinal 
_pdbx_audit_revision_history.data_content_type 
_pdbx_audit_revision_history.major_revision 
_pdbx_audit_revision_history.minor_revision 
_pdbx_audit_revision_history.revision_date 
1 'Structure model' 1 0 2013-06-05 
2 'Structure model' 1 1 2013-07-17 
3 'Structure model' 1 2 2013-08-14 
4 'Structure model' 1 3 2023-11-08 
# 
_pdbx_audit_revision_details.ordinal             1 
_pdbx_audit_revision_details.revision_ordinal    1 
_pdbx_audit_revision_details.data_content_type   'Structure model' 
_pdbx_audit_revision_details.provider            repository 
_pdbx_audit_revision_details.type                'Initial release' 
_pdbx_audit_revision_details.description         ? 
_pdbx_audit_revision_details.details             ? 
# 
loop_
_pdbx_audit_revision_group.ordinal 
_pdbx_audit_revision_group.revision_ordinal 
_pdbx_audit_revision_group.data_content_type 
_pdbx_audit_revision_group.group 
1 2 'Structure model' 'Database references'    
2 3 'Structure model' 'Database references'    
3 4 'Structure model' 'Data collection'        
4 4 'Structure model' 'Database references'    
5 4 'Structure model' 'Derived calculations'   
6 4 'Structure model' 'Refinement description' 
# 
loop_
_pdbx_audit_revision_category.ordinal 
_pdbx_audit_revision_category.revision_ordinal 
_pdbx_audit_revision_category.data_content_type 
_pdbx_audit_revision_category.category 
1 4 'Structure model' chem_comp_atom                
2 4 'Structure model' chem_comp_bond                
3 4 'Structure model' database_2                    
4 4 'Structure model' pdbx_initial_refinement_model 
5 4 'Structure model' struct_site                   
# 
loop_
_pdbx_audit_revision_item.ordinal 
_pdbx_audit_revision_item.revision_ordinal 
_pdbx_audit_revision_item.data_content_type 
_pdbx_audit_revision_item.item 
1 4 'Structure model' '_database_2.pdbx_DOI'                
2 4 'Structure model' '_database_2.pdbx_database_accession' 
3 4 'Structure model' '_struct_site.pdbx_auth_asym_id'      
4 4 'Structure model' '_struct_site.pdbx_auth_comp_id'      
5 4 'Structure model' '_struct_site.pdbx_auth_seq_id'       
# 
loop_
_software.name 
_software.classification 
_software.version 
_software.citation_id 
_software.pdbx_ordinal 
HKL-2000 'data collection' .        ? 1 
AMoRE    phasing           .        ? 2 
REFMAC   refinement        5.7.0032 ? 3 
HKL-2000 'data reduction'  .        ? 4 
HKL-2000 'data scaling'    .        ? 5 
# 
_pdbx_validate_rmsd_bond.id                        1 
_pdbx_validate_rmsd_bond.PDB_model_num             1 
_pdbx_validate_rmsd_bond.auth_atom_id_1            CD 
_pdbx_validate_rmsd_bond.auth_asym_id_1            A 
_pdbx_validate_rmsd_bond.auth_comp_id_1            GLU 
_pdbx_validate_rmsd_bond.auth_seq_id_1             30 
_pdbx_validate_rmsd_bond.PDB_ins_code_1            ? 
_pdbx_validate_rmsd_bond.label_alt_id_1            ? 
_pdbx_validate_rmsd_bond.auth_atom_id_2            OE1 
_pdbx_validate_rmsd_bond.auth_asym_id_2            A 
_pdbx_validate_rmsd_bond.auth_comp_id_2            GLU 
_pdbx_validate_rmsd_bond.auth_seq_id_2             30 
_pdbx_validate_rmsd_bond.PDB_ins_code_2            ? 
_pdbx_validate_rmsd_bond.label_alt_id_2            ? 
_pdbx_validate_rmsd_bond.bond_value                1.159 
_pdbx_validate_rmsd_bond.bond_target_value         1.252 
_pdbx_validate_rmsd_bond.bond_deviation            -0.093 
_pdbx_validate_rmsd_bond.bond_standard_deviation   0.011 
_pdbx_validate_rmsd_bond.linker_flag               N 
# 
loop_
_pdbx_validate_torsion.id 
_pdbx_validate_torsion.PDB_model_num 
_pdbx_validate_torsion.auth_comp_id 
_pdbx_validate_torsion.auth_asym_id 
_pdbx_validate_torsion.auth_seq_id 
_pdbx_validate_torsion.PDB_ins_code 
_pdbx_validate_torsion.label_alt_id 
_pdbx_validate_torsion.phi 
_pdbx_validate_torsion.psi 
1 1 TYR A 68  ? ? 73.62  148.82 
2 1 ASN A 128 ? ? -84.82 34.28  
3 1 PRO A 139 ? ? -78.89 27.04  
# 
loop_
_chem_comp_atom.comp_id 
_chem_comp_atom.atom_id 
_chem_comp_atom.type_symbol 
_chem_comp_atom.pdbx_aromatic_flag 
_chem_comp_atom.pdbx_stereo_config 
_chem_comp_atom.pdbx_ordinal 
ALA N      N N N 1   
ALA CA     C N S 2   
ALA C      C N N 3   
ALA O      O N N 4   
ALA CB     C N N 5   
ALA OXT    O N N 6   
ALA H      H N N 7   
ALA H2     H N N 8   
ALA HA     H N N 9   
ALA HB1    H N N 10  
ALA HB2    H N N 11  
ALA HB3    H N N 12  
ALA HXT    H N N 13  
ARG N      N N N 14  
ARG CA     C N S 15  
ARG C      C N N 16  
ARG O      O N N 17  
ARG CB     C N N 18  
ARG CG     C N N 19  
ARG CD     C N N 20  
ARG NE     N N N 21  
ARG CZ     C N N 22  
ARG NH1    N N N 23  
ARG NH2    N N N 24  
ARG OXT    O N N 25  
ARG H      H N N 26  
ARG H2     H N N 27  
ARG HA     H N N 28  
ARG HB2    H N N 29  
ARG HB3    H N N 30  
ARG HG2    H N N 31  
ARG HG3    H N N 32  
ARG HD2    H N N 33  
ARG HD3    H N N 34  
ARG HE     H N N 35  
ARG HH11   H N N 36  
ARG HH12   H N N 37  
ARG HH21   H N N 38  
ARG HH22   H N N 39  
ARG HXT    H N N 40  
ASN N      N N N 41  
ASN CA     C N S 42  
ASN C      C N N 43  
ASN O      O N N 44  
ASN CB     C N N 45  
ASN CG     C N N 46  
ASN OD1    O N N 47  
ASN ND2    N N N 48  
ASN OXT    O N N 49  
ASN H      H N N 50  
ASN H2     H N N 51  
ASN HA     H N N 52  
ASN HB2    H N N 53  
ASN HB3    H N N 54  
ASN HD21   H N N 55  
ASN HD22   H N N 56  
ASN HXT    H N N 57  
ASP N      N N N 58  
ASP CA     C N S 59  
ASP C      C N N 60  
ASP O      O N N 61  
ASP CB     C N N 62  
ASP CG     C N N 63  
ASP OD1    O N N 64  
ASP OD2    O N N 65  
ASP OXT    O N N 66  
ASP H      H N N 67  
ASP H2     H N N 68  
ASP HA     H N N 69  
ASP HB2    H N N 70  
ASP HB3    H N N 71  
ASP HD2    H N N 72  
ASP HXT    H N N 73  
GLN N      N N N 74  
GLN CA     C N S 75  
GLN C      C N N 76  
GLN O      O N N 77  
GLN CB     C N N 78  
GLN CG     C N N 79  
GLN CD     C N N 80  
GLN OE1    O N N 81  
GLN NE2    N N N 82  
GLN OXT    O N N 83  
GLN H      H N N 84  
GLN H2     H N N 85  
GLN HA     H N N 86  
GLN HB2    H N N 87  
GLN HB3    H N N 88  
GLN HG2    H N N 89  
GLN HG3    H N N 90  
GLN HE21   H N N 91  
GLN HE22   H N N 92  
GLN HXT    H N N 93  
GLU N      N N N 94  
GLU CA     C N S 95  
GLU C      C N N 96  
GLU O      O N N 97  
GLU CB     C N N 98  
GLU CG     C N N 99  
GLU CD     C N N 100 
GLU OE1    O N N 101 
GLU OE2    O N N 102 
GLU OXT    O N N 103 
GLU H      H N N 104 
GLU H2     H N N 105 
GLU HA     H N N 106 
GLU HB2    H N N 107 
GLU HB3    H N N 108 
GLU HG2    H N N 109 
GLU HG3    H N N 110 
GLU HE2    H N N 111 
GLU HXT    H N N 112 
GLY N      N N N 113 
GLY CA     C N N 114 
GLY C      C N N 115 
GLY O      O N N 116 
GLY OXT    O N N 117 
GLY H      H N N 118 
GLY H2     H N N 119 
GLY HA2    H N N 120 
GLY HA3    H N N 121 
GLY HXT    H N N 122 
HIS N      N N N 123 
HIS CA     C N S 124 
HIS C      C N N 125 
HIS O      O N N 126 
HIS CB     C N N 127 
HIS CG     C Y N 128 
HIS ND1    N Y N 129 
HIS CD2    C Y N 130 
HIS CE1    C Y N 131 
HIS NE2    N Y N 132 
HIS OXT    O N N 133 
HIS H      H N N 134 
HIS H2     H N N 135 
HIS HA     H N N 136 
HIS HB2    H N N 137 
HIS HB3    H N N 138 
HIS HD1    H N N 139 
HIS HD2    H N N 140 
HIS HE1    H N N 141 
HIS HE2    H N N 142 
HIS HXT    H N N 143 
HOH O      O N N 144 
HOH H1     H N N 145 
HOH H2     H N N 146 
ILE N      N N N 147 
ILE CA     C N S 148 
ILE C      C N N 149 
ILE O      O N N 150 
ILE CB     C N S 151 
ILE CG1    C N N 152 
ILE CG2    C N N 153 
ILE CD1    C N N 154 
ILE OXT    O N N 155 
ILE H      H N N 156 
ILE H2     H N N 157 
ILE HA     H N N 158 
ILE HB     H N N 159 
ILE HG12   H N N 160 
ILE HG13   H N N 161 
ILE HG21   H N N 162 
ILE HG22   H N N 163 
ILE HG23   H N N 164 
ILE HD11   H N N 165 
ILE HD12   H N N 166 
ILE HD13   H N N 167 
ILE HXT    H N N 168 
LEU N      N N N 169 
LEU CA     C N S 170 
LEU C      C N N 171 
LEU O      O N N 172 
LEU CB     C N N 173 
LEU CG     C N N 174 
LEU CD1    C N N 175 
LEU CD2    C N N 176 
LEU OXT    O N N 177 
LEU H      H N N 178 
LEU H2     H N N 179 
LEU HA     H N N 180 
LEU HB2    H N N 181 
LEU HB3    H N N 182 
LEU HG     H N N 183 
LEU HD11   H N N 184 
LEU HD12   H N N 185 
LEU HD13   H N N 186 
LEU HD21   H N N 187 
LEU HD22   H N N 188 
LEU HD23   H N N 189 
LEU HXT    H N N 190 
LYS N      N N N 191 
LYS CA     C N S 192 
LYS C      C N N 193 
LYS O      O N N 194 
LYS CB     C N N 195 
LYS CG     C N N 196 
LYS CD     C N N 197 
LYS CE     C N N 198 
LYS NZ     N N N 199 
LYS OXT    O N N 200 
LYS H      H N N 201 
LYS H2     H N N 202 
LYS HA     H N N 203 
LYS HB2    H N N 204 
LYS HB3    H N N 205 
LYS HG2    H N N 206 
LYS HG3    H N N 207 
LYS HD2    H N N 208 
LYS HD3    H N N 209 
LYS HE2    H N N 210 
LYS HE3    H N N 211 
LYS HZ1    H N N 212 
LYS HZ2    H N N 213 
LYS HZ3    H N N 214 
LYS HXT    H N N 215 
MET N      N N N 216 
MET CA     C N S 217 
MET C      C N N 218 
MET O      O N N 219 
MET CB     C N N 220 
MET CG     C N N 221 
MET SD     S N N 222 
MET CE     C N N 223 
MET OXT    O N N 224 
MET H      H N N 225 
MET H2     H N N 226 
MET HA     H N N 227 
MET HB2    H N N 228 
MET HB3    H N N 229 
MET HG2    H N N 230 
MET HG3    H N N 231 
MET HE1    H N N 232 
MET HE2    H N N 233 
MET HE3    H N N 234 
MET HXT    H N N 235 
PHE N      N N N 236 
PHE CA     C N S 237 
PHE C      C N N 238 
PHE O      O N N 239 
PHE CB     C N N 240 
PHE CG     C Y N 241 
PHE CD1    C Y N 242 
PHE CD2    C Y N 243 
PHE CE1    C Y N 244 
PHE CE2    C Y N 245 
PHE CZ     C Y N 246 
PHE OXT    O N N 247 
PHE H      H N N 248 
PHE H2     H N N 249 
PHE HA     H N N 250 
PHE HB2    H N N 251 
PHE HB3    H N N 252 
PHE HD1    H N N 253 
PHE HD2    H N N 254 
PHE HE1    H N N 255 
PHE HE2    H N N 256 
PHE HZ     H N N 257 
PHE HXT    H N N 258 
PRO N      N N N 259 
PRO CA     C N S 260 
PRO C      C N N 261 
PRO O      O N N 262 
PRO CB     C N N 263 
PRO CG     C N N 264 
PRO CD     C N N 265 
PRO OXT    O N N 266 
PRO H      H N N 267 
PRO HA     H N N 268 
PRO HB2    H N N 269 
PRO HB3    H N N 270 
PRO HG2    H N N 271 
PRO HG3    H N N 272 
PRO HD2    H N N 273 
PRO HD3    H N N 274 
PRO HXT    H N N 275 
SER N      N N N 276 
SER CA     C N S 277 
SER C      C N N 278 
SER O      O N N 279 
SER CB     C N N 280 
SER OG     O N N 281 
SER OXT    O N N 282 
SER H      H N N 283 
SER H2     H N N 284 
SER HA     H N N 285 
SER HB2    H N N 286 
SER HB3    H N N 287 
SER HG     H N N 288 
SER HXT    H N N 289 
THR N      N N N 290 
THR CA     C N S 291 
THR C      C N N 292 
THR O      O N N 293 
THR CB     C N R 294 
THR OG1    O N N 295 
THR CG2    C N N 296 
THR OXT    O N N 297 
THR H      H N N 298 
THR H2     H N N 299 
THR HA     H N N 300 
THR HB     H N N 301 
THR HG1    H N N 302 
THR HG21   H N N 303 
THR HG22   H N N 304 
THR HG23   H N N 305 
THR HXT    H N N 306 
TRP N      N N N 307 
TRP CA     C N S 308 
TRP C      C N N 309 
TRP O      O N N 310 
TRP CB     C N N 311 
TRP CG     C Y N 312 
TRP CD1    C Y N 313 
TRP CD2    C Y N 314 
TRP NE1    N Y N 315 
TRP CE2    C Y N 316 
TRP CE3    C Y N 317 
TRP CZ2    C Y N 318 
TRP CZ3    C Y N 319 
TRP CH2    C Y N 320 
TRP OXT    O N N 321 
TRP H      H N N 322 
TRP H2     H N N 323 
TRP HA     H N N 324 
TRP HB2    H N N 325 
TRP HB3    H N N 326 
TRP HD1    H N N 327 
TRP HE1    H N N 328 
TRP HE3    H N N 329 
TRP HZ2    H N N 330 
TRP HZ3    H N N 331 
TRP HH2    H N N 332 
TRP HXT    H N N 333 
TYR N      N N N 334 
TYR CA     C N S 335 
TYR C      C N N 336 
TYR O      O N N 337 
TYR CB     C N N 338 
TYR CG     C Y N 339 
TYR CD1    C Y N 340 
TYR CD2    C Y N 341 
TYR CE1    C Y N 342 
TYR CE2    C Y N 343 
TYR CZ     C Y N 344 
TYR OH     O N N 345 
TYR OXT    O N N 346 
TYR H      H N N 347 
TYR H2     H N N 348 
TYR HA     H N N 349 
TYR HB2    H N N 350 
TYR HB3    H N N 351 
TYR HD1    H N N 352 
TYR HD2    H N N 353 
TYR HE1    H N N 354 
TYR HE2    H N N 355 
TYR HH     H N N 356 
TYR HXT    H N N 357 
URI N1     N N N 358 
URI C2     C N N 359 
URI N3     N N N 360 
URI C4     C N N 361 
URI C5     C N N 362 
URI C6     C N N 363 
URI O2     O N N 364 
URI O4     O N N 365 
URI "C1'"  C N R 366 
URI "C2'"  C N R 367 
URI "C3'"  C N S 368 
URI "C4'"  C N R 369 
URI "O2'"  O N N 370 
URI "O3'"  O N N 371 
URI "O4'"  O N N 372 
URI "C5'"  C N N 373 
URI "O5'"  O N N 374 
URI H3     H N N 375 
URI H5     H N N 376 
URI H6     H N N 377 
URI "H1'"  H N N 378 
URI "H2'"  H N N 379 
URI "H3'"  H N N 380 
URI "H4'"  H N N 381 
URI "HO2'" H N N 382 
URI "HO3'" H N N 383 
URI "H5'1" H N N 384 
URI "H5'2" H N N 385 
URI "HO5'" H N N 386 
VAL N      N N N 387 
VAL CA     C N S 388 
VAL C      C N N 389 
VAL O      O N N 390 
VAL CB     C N N 391 
VAL CG1    C N N 392 
VAL CG2    C N N 393 
VAL OXT    O N N 394 
VAL H      H N N 395 
VAL H2     H N N 396 
VAL HA     H N N 397 
VAL HB     H N N 398 
VAL HG11   H N N 399 
VAL HG12   H N N 400 
VAL HG13   H N N 401 
VAL HG21   H N N 402 
VAL HG22   H N N 403 
VAL HG23   H N N 404 
VAL HXT    H N N 405 
# 
loop_
_chem_comp_bond.comp_id 
_chem_comp_bond.atom_id_1 
_chem_comp_bond.atom_id_2 
_chem_comp_bond.value_order 
_chem_comp_bond.pdbx_aromatic_flag 
_chem_comp_bond.pdbx_stereo_config 
_chem_comp_bond.pdbx_ordinal 
ALA N     CA     sing N N 1   
ALA N     H      sing N N 2   
ALA N     H2     sing N N 3   
ALA CA    C      sing N N 4   
ALA CA    CB     sing N N 5   
ALA CA    HA     sing N N 6   
ALA C     O      doub N N 7   
ALA C     OXT    sing N N 8   
ALA CB    HB1    sing N N 9   
ALA CB    HB2    sing N N 10  
ALA CB    HB3    sing N N 11  
ALA OXT   HXT    sing N N 12  
ARG N     CA     sing N N 13  
ARG N     H      sing N N 14  
ARG N     H2     sing N N 15  
ARG CA    C      sing N N 16  
ARG CA    CB     sing N N 17  
ARG CA    HA     sing N N 18  
ARG C     O      doub N N 19  
ARG C     OXT    sing N N 20  
ARG CB    CG     sing N N 21  
ARG CB    HB2    sing N N 22  
ARG CB    HB3    sing N N 23  
ARG CG    CD     sing N N 24  
ARG CG    HG2    sing N N 25  
ARG CG    HG3    sing N N 26  
ARG CD    NE     sing N N 27  
ARG CD    HD2    sing N N 28  
ARG CD    HD3    sing N N 29  
ARG NE    CZ     sing N N 30  
ARG NE    HE     sing N N 31  
ARG CZ    NH1    sing N N 32  
ARG CZ    NH2    doub N N 33  
ARG NH1   HH11   sing N N 34  
ARG NH1   HH12   sing N N 35  
ARG NH2   HH21   sing N N 36  
ARG NH2   HH22   sing N N 37  
ARG OXT   HXT    sing N N 38  
ASN N     CA     sing N N 39  
ASN N     H      sing N N 40  
ASN N     H2     sing N N 41  
ASN CA    C      sing N N 42  
ASN CA    CB     sing N N 43  
ASN CA    HA     sing N N 44  
ASN C     O      doub N N 45  
ASN C     OXT    sing N N 46  
ASN CB    CG     sing N N 47  
ASN CB    HB2    sing N N 48  
ASN CB    HB3    sing N N 49  
ASN CG    OD1    doub N N 50  
ASN CG    ND2    sing N N 51  
ASN ND2   HD21   sing N N 52  
ASN ND2   HD22   sing N N 53  
ASN OXT   HXT    sing N N 54  
ASP N     CA     sing N N 55  
ASP N     H      sing N N 56  
ASP N     H2     sing N N 57  
ASP CA    C      sing N N 58  
ASP CA    CB     sing N N 59  
ASP CA    HA     sing N N 60  
ASP C     O      doub N N 61  
ASP C     OXT    sing N N 62  
ASP CB    CG     sing N N 63  
ASP CB    HB2    sing N N 64  
ASP CB    HB3    sing N N 65  
ASP CG    OD1    doub N N 66  
ASP CG    OD2    sing N N 67  
ASP OD2   HD2    sing N N 68  
ASP OXT   HXT    sing N N 69  
GLN N     CA     sing N N 70  
GLN N     H      sing N N 71  
GLN N     H2     sing N N 72  
GLN CA    C      sing N N 73  
GLN CA    CB     sing N N 74  
GLN CA    HA     sing N N 75  
GLN C     O      doub N N 76  
GLN C     OXT    sing N N 77  
GLN CB    CG     sing N N 78  
GLN CB    HB2    sing N N 79  
GLN CB    HB3    sing N N 80  
GLN CG    CD     sing N N 81  
GLN CG    HG2    sing N N 82  
GLN CG    HG3    sing N N 83  
GLN CD    OE1    doub N N 84  
GLN CD    NE2    sing N N 85  
GLN NE2   HE21   sing N N 86  
GLN NE2   HE22   sing N N 87  
GLN OXT   HXT    sing N N 88  
GLU N     CA     sing N N 89  
GLU N     H      sing N N 90  
GLU N     H2     sing N N 91  
GLU CA    C      sing N N 92  
GLU CA    CB     sing N N 93  
GLU CA    HA     sing N N 94  
GLU C     O      doub N N 95  
GLU C     OXT    sing N N 96  
GLU CB    CG     sing N N 97  
GLU CB    HB2    sing N N 98  
GLU CB    HB3    sing N N 99  
GLU CG    CD     sing N N 100 
GLU CG    HG2    sing N N 101 
GLU CG    HG3    sing N N 102 
GLU CD    OE1    doub N N 103 
GLU CD    OE2    sing N N 104 
GLU OE2   HE2    sing N N 105 
GLU OXT   HXT    sing N N 106 
GLY N     CA     sing N N 107 
GLY N     H      sing N N 108 
GLY N     H2     sing N N 109 
GLY CA    C      sing N N 110 
GLY CA    HA2    sing N N 111 
GLY CA    HA3    sing N N 112 
GLY C     O      doub N N 113 
GLY C     OXT    sing N N 114 
GLY OXT   HXT    sing N N 115 
HIS N     CA     sing N N 116 
HIS N     H      sing N N 117 
HIS N     H2     sing N N 118 
HIS CA    C      sing N N 119 
HIS CA    CB     sing N N 120 
HIS CA    HA     sing N N 121 
HIS C     O      doub N N 122 
HIS C     OXT    sing N N 123 
HIS CB    CG     sing N N 124 
HIS CB    HB2    sing N N 125 
HIS CB    HB3    sing N N 126 
HIS CG    ND1    sing Y N 127 
HIS CG    CD2    doub Y N 128 
HIS ND1   CE1    doub Y N 129 
HIS ND1   HD1    sing N N 130 
HIS CD2   NE2    sing Y N 131 
HIS CD2   HD2    sing N N 132 
HIS CE1   NE2    sing Y N 133 
HIS CE1   HE1    sing N N 134 
HIS NE2   HE2    sing N N 135 
HIS OXT   HXT    sing N N 136 
HOH O     H1     sing N N 137 
HOH O     H2     sing N N 138 
ILE N     CA     sing N N 139 
ILE N     H      sing N N 140 
ILE N     H2     sing N N 141 
ILE CA    C      sing N N 142 
ILE CA    CB     sing N N 143 
ILE CA    HA     sing N N 144 
ILE C     O      doub N N 145 
ILE C     OXT    sing N N 146 
ILE CB    CG1    sing N N 147 
ILE CB    CG2    sing N N 148 
ILE CB    HB     sing N N 149 
ILE CG1   CD1    sing N N 150 
ILE CG1   HG12   sing N N 151 
ILE CG1   HG13   sing N N 152 
ILE CG2   HG21   sing N N 153 
ILE CG2   HG22   sing N N 154 
ILE CG2   HG23   sing N N 155 
ILE CD1   HD11   sing N N 156 
ILE CD1   HD12   sing N N 157 
ILE CD1   HD13   sing N N 158 
ILE OXT   HXT    sing N N 159 
LEU N     CA     sing N N 160 
LEU N     H      sing N N 161 
LEU N     H2     sing N N 162 
LEU CA    C      sing N N 163 
LEU CA    CB     sing N N 164 
LEU CA    HA     sing N N 165 
LEU C     O      doub N N 166 
LEU C     OXT    sing N N 167 
LEU CB    CG     sing N N 168 
LEU CB    HB2    sing N N 169 
LEU CB    HB3    sing N N 170 
LEU CG    CD1    sing N N 171 
LEU CG    CD2    sing N N 172 
LEU CG    HG     sing N N 173 
LEU CD1   HD11   sing N N 174 
LEU CD1   HD12   sing N N 175 
LEU CD1   HD13   sing N N 176 
LEU CD2   HD21   sing N N 177 
LEU CD2   HD22   sing N N 178 
LEU CD2   HD23   sing N N 179 
LEU OXT   HXT    sing N N 180 
LYS N     CA     sing N N 181 
LYS N     H      sing N N 182 
LYS N     H2     sing N N 183 
LYS CA    C      sing N N 184 
LYS CA    CB     sing N N 185 
LYS CA    HA     sing N N 186 
LYS C     O      doub N N 187 
LYS C     OXT    sing N N 188 
LYS CB    CG     sing N N 189 
LYS CB    HB2    sing N N 190 
LYS CB    HB3    sing N N 191 
LYS CG    CD     sing N N 192 
LYS CG    HG2    sing N N 193 
LYS CG    HG3    sing N N 194 
LYS CD    CE     sing N N 195 
LYS CD    HD2    sing N N 196 
LYS CD    HD3    sing N N 197 
LYS CE    NZ     sing N N 198 
LYS CE    HE2    sing N N 199 
LYS CE    HE3    sing N N 200 
LYS NZ    HZ1    sing N N 201 
LYS NZ    HZ2    sing N N 202 
LYS NZ    HZ3    sing N N 203 
LYS OXT   HXT    sing N N 204 
MET N     CA     sing N N 205 
MET N     H      sing N N 206 
MET N     H2     sing N N 207 
MET CA    C      sing N N 208 
MET CA    CB     sing N N 209 
MET CA    HA     sing N N 210 
MET C     O      doub N N 211 
MET C     OXT    sing N N 212 
MET CB    CG     sing N N 213 
MET CB    HB2    sing N N 214 
MET CB    HB3    sing N N 215 
MET CG    SD     sing N N 216 
MET CG    HG2    sing N N 217 
MET CG    HG3    sing N N 218 
MET SD    CE     sing N N 219 
MET CE    HE1    sing N N 220 
MET CE    HE2    sing N N 221 
MET CE    HE3    sing N N 222 
MET OXT   HXT    sing N N 223 
PHE N     CA     sing N N 224 
PHE N     H      sing N N 225 
PHE N     H2     sing N N 226 
PHE CA    C      sing N N 227 
PHE CA    CB     sing N N 228 
PHE CA    HA     sing N N 229 
PHE C     O      doub N N 230 
PHE C     OXT    sing N N 231 
PHE CB    CG     sing N N 232 
PHE CB    HB2    sing N N 233 
PHE CB    HB3    sing N N 234 
PHE CG    CD1    doub Y N 235 
PHE CG    CD2    sing Y N 236 
PHE CD1   CE1    sing Y N 237 
PHE CD1   HD1    sing N N 238 
PHE CD2   CE2    doub Y N 239 
PHE CD2   HD2    sing N N 240 
PHE CE1   CZ     doub Y N 241 
PHE CE1   HE1    sing N N 242 
PHE CE2   CZ     sing Y N 243 
PHE CE2   HE2    sing N N 244 
PHE CZ    HZ     sing N N 245 
PHE OXT   HXT    sing N N 246 
PRO N     CA     sing N N 247 
PRO N     CD     sing N N 248 
PRO N     H      sing N N 249 
PRO CA    C      sing N N 250 
PRO CA    CB     sing N N 251 
PRO CA    HA     sing N N 252 
PRO C     O      doub N N 253 
PRO C     OXT    sing N N 254 
PRO CB    CG     sing N N 255 
PRO CB    HB2    sing N N 256 
PRO CB    HB3    sing N N 257 
PRO CG    CD     sing N N 258 
PRO CG    HG2    sing N N 259 
PRO CG    HG3    sing N N 260 
PRO CD    HD2    sing N N 261 
PRO CD    HD3    sing N N 262 
PRO OXT   HXT    sing N N 263 
SER N     CA     sing N N 264 
SER N     H      sing N N 265 
SER N     H2     sing N N 266 
SER CA    C      sing N N 267 
SER CA    CB     sing N N 268 
SER CA    HA     sing N N 269 
SER C     O      doub N N 270 
SER C     OXT    sing N N 271 
SER CB    OG     sing N N 272 
SER CB    HB2    sing N N 273 
SER CB    HB3    sing N N 274 
SER OG    HG     sing N N 275 
SER OXT   HXT    sing N N 276 
THR N     CA     sing N N 277 
THR N     H      sing N N 278 
THR N     H2     sing N N 279 
THR CA    C      sing N N 280 
THR CA    CB     sing N N 281 
THR CA    HA     sing N N 282 
THR C     O      doub N N 283 
THR C     OXT    sing N N 284 
THR CB    OG1    sing N N 285 
THR CB    CG2    sing N N 286 
THR CB    HB     sing N N 287 
THR OG1   HG1    sing N N 288 
THR CG2   HG21   sing N N 289 
THR CG2   HG22   sing N N 290 
THR CG2   HG23   sing N N 291 
THR OXT   HXT    sing N N 292 
TRP N     CA     sing N N 293 
TRP N     H      sing N N 294 
TRP N     H2     sing N N 295 
TRP CA    C      sing N N 296 
TRP CA    CB     sing N N 297 
TRP CA    HA     sing N N 298 
TRP C     O      doub N N 299 
TRP C     OXT    sing N N 300 
TRP CB    CG     sing N N 301 
TRP CB    HB2    sing N N 302 
TRP CB    HB3    sing N N 303 
TRP CG    CD1    doub Y N 304 
TRP CG    CD2    sing Y N 305 
TRP CD1   NE1    sing Y N 306 
TRP CD1   HD1    sing N N 307 
TRP CD2   CE2    doub Y N 308 
TRP CD2   CE3    sing Y N 309 
TRP NE1   CE2    sing Y N 310 
TRP NE1   HE1    sing N N 311 
TRP CE2   CZ2    sing Y N 312 
TRP CE3   CZ3    doub Y N 313 
TRP CE3   HE3    sing N N 314 
TRP CZ2   CH2    doub Y N 315 
TRP CZ2   HZ2    sing N N 316 
TRP CZ3   CH2    sing Y N 317 
TRP CZ3   HZ3    sing N N 318 
TRP CH2   HH2    sing N N 319 
TRP OXT   HXT    sing N N 320 
TYR N     CA     sing N N 321 
TYR N     H      sing N N 322 
TYR N     H2     sing N N 323 
TYR CA    C      sing N N 324 
TYR CA    CB     sing N N 325 
TYR CA    HA     sing N N 326 
TYR C     O      doub N N 327 
TYR C     OXT    sing N N 328 
TYR CB    CG     sing N N 329 
TYR CB    HB2    sing N N 330 
TYR CB    HB3    sing N N 331 
TYR CG    CD1    doub Y N 332 
TYR CG    CD2    sing Y N 333 
TYR CD1   CE1    sing Y N 334 
TYR CD1   HD1    sing N N 335 
TYR CD2   CE2    doub Y N 336 
TYR CD2   HD2    sing N N 337 
TYR CE1   CZ     doub Y N 338 
TYR CE1   HE1    sing N N 339 
TYR CE2   CZ     sing Y N 340 
TYR CE2   HE2    sing N N 341 
TYR CZ    OH     sing N N 342 
TYR OH    HH     sing N N 343 
TYR OXT   HXT    sing N N 344 
URI N1    C2     sing N N 345 
URI N1    C6     sing N N 346 
URI N1    "C1'"  sing N N 347 
URI C2    N3     sing N N 348 
URI C2    O2     doub N N 349 
URI N3    C4     sing N N 350 
URI N3    H3     sing N N 351 
URI C4    C5     sing N N 352 
URI C4    O4     doub N N 353 
URI C5    C6     doub N N 354 
URI C5    H5     sing N N 355 
URI C6    H6     sing N N 356 
URI "C1'" "C2'"  sing N N 357 
URI "C1'" "O4'"  sing N N 358 
URI "C1'" "H1'"  sing N N 359 
URI "C2'" "C3'"  sing N N 360 
URI "C2'" "O2'"  sing N N 361 
URI "C2'" "H2'"  sing N N 362 
URI "C3'" "C4'"  sing N N 363 
URI "C3'" "O3'"  sing N N 364 
URI "C3'" "H3'"  sing N N 365 
URI "C4'" "O4'"  sing N N 366 
URI "C4'" "C5'"  sing N N 367 
URI "C4'" "H4'"  sing N N 368 
URI "O2'" "HO2'" sing N N 369 
URI "O3'" "HO3'" sing N N 370 
URI "C5'" "O5'"  sing N N 371 
URI "C5'" "H5'1" sing N N 372 
URI "C5'" "H5'2" sing N N 373 
URI "O5'" "HO5'" sing N N 374 
VAL N     CA     sing N N 375 
VAL N     H      sing N N 376 
VAL N     H2     sing N N 377 
VAL CA    C      sing N N 378 
VAL CA    CB     sing N N 379 
VAL CA    HA     sing N N 380 
VAL C     O      doub N N 381 
VAL C     OXT    sing N N 382 
VAL CB    CG1    sing N N 383 
VAL CB    CG2    sing N N 384 
VAL CB    HB     sing N N 385 
VAL CG1   HG11   sing N N 386 
VAL CG1   HG12   sing N N 387 
VAL CG1   HG13   sing N N 388 
VAL CG2   HG21   sing N N 389 
VAL CG2   HG22   sing N N 390 
VAL CG2   HG23   sing N N 391 
VAL OXT   HXT    sing N N 392 
# 
loop_
_pdbx_entity_nonpoly.entity_id 
_pdbx_entity_nonpoly.name 
_pdbx_entity_nonpoly.comp_id 
2 URIDINE URI 
3 water   HOH 
# 
_pdbx_initial_refinement_model.id               1 
_pdbx_initial_refinement_model.entity_id_list   ? 
_pdbx_initial_refinement_model.type             'experimental model' 
_pdbx_initial_refinement_model.source_name      PDB 
_pdbx_initial_refinement_model.accession_code   4IKO 
_pdbx_initial_refinement_model.details          ? 
# 
